data_2E5G
#
_entry.id   2E5G
#
_entity_poly.entity_id   1
_entity_poly.type   'polypeptide(L)'
_entity_poly.pdbx_seq_one_letter_code
;GSSGSSGLRSVFVSGFPRGVDSAQLSEYFLAFGPVASVVMDKDKGVFAIVEMGDVGAREAVLSQSQHSLGGHRLRVRPRE
QKEFQSPASKSPKG
;
_entity_poly.pdbx_strand_id   A
#
# COMPACT_ATOMS: atom_id res chain seq x y z
N GLY A 1 -15.90 -3.79 -2.42
CA GLY A 1 -16.68 -2.57 -2.32
C GLY A 1 -16.54 -1.92 -0.96
N SER A 2 -17.48 -2.22 -0.07
CA SER A 2 -17.46 -1.65 1.28
C SER A 2 -16.24 -2.12 2.05
N SER A 3 -16.06 -1.58 3.25
CA SER A 3 -14.93 -1.94 4.10
C SER A 3 -14.77 -3.46 4.18
N GLY A 4 -13.57 -3.93 3.88
CA GLY A 4 -13.32 -5.36 3.94
C GLY A 4 -13.52 -6.04 2.58
N SER A 5 -12.45 -6.17 1.82
CA SER A 5 -12.51 -6.79 0.51
C SER A 5 -11.15 -7.35 0.10
N SER A 6 -11.07 -8.67 -0.03
CA SER A 6 -9.83 -9.33 -0.40
C SER A 6 -9.60 -9.24 -1.91
N GLY A 7 -8.37 -8.95 -2.30
CA GLY A 7 -8.05 -8.84 -3.71
C GLY A 7 -6.74 -8.11 -3.96
N LEU A 8 -6.55 -6.99 -3.27
CA LEU A 8 -5.34 -6.20 -3.42
C LEU A 8 -4.56 -6.14 -2.10
N ARG A 9 -3.47 -6.88 -2.03
CA ARG A 9 -2.64 -6.92 -0.83
C ARG A 9 -1.50 -5.91 -0.94
N SER A 10 -1.80 -4.73 -1.46
CA SER A 10 -0.80 -3.67 -1.61
C SER A 10 -1.40 -2.31 -1.31
N VAL A 11 -0.54 -1.31 -1.15
CA VAL A 11 -0.98 0.04 -0.87
C VAL A 11 -0.07 1.07 -1.54
N PHE A 12 -0.64 2.22 -1.90
CA PHE A 12 0.12 3.28 -2.55
C PHE A 12 0.52 4.36 -1.54
N VAL A 13 1.83 4.50 -1.33
CA VAL A 13 2.35 5.49 -0.39
C VAL A 13 3.12 6.58 -1.13
N SER A 14 2.81 7.83 -0.82
CA SER A 14 3.47 8.97 -1.45
C SER A 14 3.36 10.21 -0.58
N GLY A 15 4.05 11.27 -0.98
CA GLY A 15 4.01 12.51 -0.23
C GLY A 15 5.10 12.58 0.82
N PHE A 16 6.08 11.69 0.72
CA PHE A 16 7.18 11.65 1.67
C PHE A 16 8.22 12.73 1.35
N PRO A 17 9.00 13.13 2.37
CA PRO A 17 10.04 14.15 2.22
C PRO A 17 11.29 13.61 1.53
N ARG A 18 12.29 14.47 1.39
CA ARG A 18 13.54 14.07 0.74
C ARG A 18 14.45 13.34 1.72
N GLY A 19 14.96 12.18 1.30
CA GLY A 19 15.83 11.40 2.15
C GLY A 19 15.27 10.01 2.44
N VAL A 20 13.94 9.91 2.48
CA VAL A 20 13.29 8.64 2.74
C VAL A 20 13.72 7.58 1.74
N ASP A 21 13.99 6.37 2.25
CA ASP A 21 14.42 5.27 1.40
C ASP A 21 13.43 4.11 1.48
N SER A 22 13.63 3.11 0.64
CA SER A 22 12.76 1.94 0.61
C SER A 22 12.89 1.14 1.91
N ALA A 23 14.12 0.87 2.31
CA ALA A 23 14.38 0.12 3.53
C ALA A 23 13.68 0.75 4.73
N GLN A 24 13.89 2.06 4.91
CA GLN A 24 13.29 2.78 6.02
C GLN A 24 11.77 2.63 6.00
N LEU A 25 11.14 3.10 4.93
CA LEU A 25 9.69 3.02 4.79
C LEU A 25 9.18 1.66 5.26
N SER A 26 9.71 0.60 4.66
CA SER A 26 9.31 -0.76 5.01
C SER A 26 9.32 -0.97 6.52
N GLU A 27 10.44 -0.64 7.14
CA GLU A 27 10.60 -0.78 8.59
C GLU A 27 9.45 -0.07 9.32
N TYR A 28 9.11 1.11 8.85
CA TYR A 28 8.04 1.89 9.46
C TYR A 28 6.69 1.23 9.24
N PHE A 29 6.59 0.42 8.19
CA PHE A 29 5.35 -0.28 7.88
C PHE A 29 5.35 -1.68 8.48
N LEU A 30 6.36 -1.97 9.28
CA LEU A 30 6.48 -3.28 9.91
C LEU A 30 5.78 -3.31 11.27
N ALA A 31 5.35 -2.14 11.72
CA ALA A 31 4.65 -2.01 12.99
C ALA A 31 3.22 -2.54 12.89
N PHE A 32 2.80 -2.85 11.67
CA PHE A 32 1.45 -3.36 11.43
C PHE A 32 1.48 -4.77 10.87
N GLY A 33 2.49 -5.05 10.04
CA GLY A 33 2.62 -6.36 9.45
C GLY A 33 3.89 -6.50 8.62
N PRO A 34 4.09 -7.70 8.03
CA PRO A 34 5.26 -7.98 7.21
C PRO A 34 5.15 -7.36 5.82
N VAL A 35 6.08 -6.47 5.49
CA VAL A 35 6.09 -5.82 4.19
C VAL A 35 6.96 -6.56 3.20
N ALA A 36 6.43 -6.83 2.02
CA ALA A 36 7.16 -7.53 0.98
C ALA A 36 8.33 -6.69 0.45
N SER A 37 8.02 -5.47 0.02
CA SER A 37 9.02 -4.57 -0.51
C SER A 37 8.43 -3.19 -0.82
N VAL A 38 9.29 -2.23 -1.10
CA VAL A 38 8.85 -0.88 -1.42
C VAL A 38 9.40 -0.42 -2.77
N VAL A 39 8.56 -0.51 -3.80
CA VAL A 39 8.95 -0.10 -5.15
C VAL A 39 8.79 1.40 -5.33
N MET A 40 9.86 2.14 -5.04
CA MET A 40 9.84 3.59 -5.17
C MET A 40 10.52 4.02 -6.48
N ASP A 41 9.90 4.95 -7.19
CA ASP A 41 10.43 5.45 -8.44
C ASP A 41 11.87 5.94 -8.25
N LYS A 42 12.75 5.54 -9.17
CA LYS A 42 14.15 5.94 -9.11
C LYS A 42 14.42 7.12 -10.04
N ASP A 43 13.79 7.11 -11.21
CA ASP A 43 13.96 8.18 -12.18
C ASP A 43 13.72 9.54 -11.54
N LYS A 44 12.62 9.66 -10.80
CA LYS A 44 12.29 10.91 -10.13
C LYS A 44 12.20 10.71 -8.62
N GLY A 45 11.37 9.77 -8.20
CA GLY A 45 11.21 9.49 -6.78
C GLY A 45 10.10 10.31 -6.15
N VAL A 46 8.86 9.95 -6.46
CA VAL A 46 7.70 10.66 -5.92
C VAL A 46 6.74 9.69 -5.24
N PHE A 47 6.44 8.59 -5.93
CA PHE A 47 5.53 7.58 -5.41
C PHE A 47 6.25 6.27 -5.13
N ALA A 48 5.68 5.46 -4.26
CA ALA A 48 6.27 4.17 -3.91
C ALA A 48 5.20 3.13 -3.60
N ILE A 49 5.22 2.03 -4.34
CA ILE A 49 4.24 0.96 -4.16
C ILE A 49 4.63 0.06 -2.98
N VAL A 50 3.95 0.26 -1.85
CA VAL A 50 4.23 -0.54 -0.65
C VAL A 50 3.47 -1.86 -0.69
N GLU A 51 4.21 -2.95 -0.80
CA GLU A 51 3.62 -4.28 -0.84
C GLU A 51 3.54 -4.90 0.56
N MET A 52 2.61 -5.82 0.75
CA MET A 52 2.43 -6.48 2.03
C MET A 52 2.41 -8.00 1.86
N GLY A 53 2.79 -8.72 2.92
CA GLY A 53 2.81 -10.16 2.86
C GLY A 53 1.43 -10.75 2.64
N ASP A 54 0.60 -10.71 3.68
CA ASP A 54 -0.75 -11.25 3.61
C ASP A 54 -1.77 -10.12 3.52
N VAL A 55 -2.97 -10.45 3.03
CA VAL A 55 -4.03 -9.46 2.90
C VAL A 55 -4.29 -8.75 4.23
N GLY A 56 -4.33 -9.53 5.31
CA GLY A 56 -4.57 -8.96 6.62
C GLY A 56 -3.65 -7.79 6.93
N ALA A 57 -2.36 -7.97 6.66
CA ALA A 57 -1.37 -6.92 6.91
C ALA A 57 -1.81 -5.61 6.28
N ARG A 58 -2.08 -5.64 4.98
CA ARG A 58 -2.50 -4.44 4.26
C ARG A 58 -3.77 -3.86 4.88
N GLU A 59 -4.61 -4.73 5.44
CA GLU A 59 -5.86 -4.29 6.05
C GLU A 59 -5.59 -3.60 7.39
N ALA A 60 -4.57 -4.07 8.09
CA ALA A 60 -4.21 -3.49 9.38
C ALA A 60 -3.82 -2.03 9.24
N VAL A 61 -3.34 -1.66 8.07
CA VAL A 61 -2.93 -0.28 7.80
C VAL A 61 -4.15 0.60 7.53
N LEU A 62 -5.09 0.09 6.75
CA LEU A 62 -6.30 0.82 6.41
C LEU A 62 -7.10 1.15 7.67
N SER A 63 -7.06 0.26 8.66
CA SER A 63 -7.78 0.46 9.91
C SER A 63 -6.92 1.23 10.91
N GLN A 64 -6.19 2.22 10.42
CA GLN A 64 -5.33 3.03 11.27
C GLN A 64 -5.86 4.45 11.40
N SER A 65 -5.70 5.03 12.58
CA SER A 65 -6.18 6.39 12.83
C SER A 65 -5.43 7.40 11.95
N GLN A 66 -4.17 7.65 12.29
CA GLN A 66 -3.34 8.59 11.54
C GLN A 66 -1.96 8.01 11.28
N HIS A 67 -1.41 8.32 10.11
CA HIS A 67 -0.08 7.83 9.73
C HIS A 67 0.92 8.97 9.70
N SER A 68 2.18 8.65 9.99
CA SER A 68 3.25 9.65 10.00
C SER A 68 4.61 8.98 9.97
N LEU A 69 5.56 9.64 9.31
CA LEU A 69 6.92 9.11 9.21
C LEU A 69 7.93 10.06 9.87
N GLY A 70 7.93 10.09 11.20
CA GLY A 70 8.84 10.95 11.92
C GLY A 70 8.40 12.39 11.91
N GLY A 71 7.11 12.62 12.13
CA GLY A 71 6.58 13.97 12.14
C GLY A 71 5.84 14.32 10.85
N HIS A 72 6.51 14.11 9.73
CA HIS A 72 5.91 14.40 8.43
C HIS A 72 4.64 13.57 8.20
N ARG A 73 3.78 14.04 7.32
CA ARG A 73 2.54 13.33 7.01
C ARG A 73 2.66 12.54 5.73
N LEU A 74 2.06 11.35 5.71
CA LEU A 74 2.11 10.49 4.53
C LEU A 74 0.71 10.23 4.00
N ARG A 75 0.54 10.33 2.69
CA ARG A 75 -0.75 10.11 2.05
C ARG A 75 -0.96 8.63 1.77
N VAL A 76 -0.98 7.82 2.83
CA VAL A 76 -1.18 6.39 2.69
C VAL A 76 -2.57 6.07 2.16
N ARG A 77 -2.63 5.31 1.07
CA ARG A 77 -3.89 4.93 0.47
C ARG A 77 -3.87 3.47 0.03
N PRO A 78 -5.07 2.85 -0.03
CA PRO A 78 -5.21 1.45 -0.44
C PRO A 78 -5.08 1.26 -1.95
N ARG A 79 -4.04 1.86 -2.52
CA ARG A 79 -3.80 1.76 -3.96
C ARG A 79 -5.12 1.78 -4.73
N GLU A 80 -5.97 2.76 -4.43
CA GLU A 80 -7.26 2.88 -5.11
C GLU A 80 -7.23 3.99 -6.15
N GLN A 81 -6.77 3.65 -7.35
CA GLN A 81 -6.70 4.62 -8.44
C GLN A 81 -7.49 4.14 -9.65
N LYS A 82 -7.63 5.02 -10.64
CA LYS A 82 -8.36 4.69 -11.85
C LYS A 82 -9.59 3.83 -11.54
N GLU A 83 -10.38 4.29 -10.57
CA GLU A 83 -11.58 3.56 -10.17
C GLU A 83 -12.74 3.85 -11.13
N PHE A 84 -13.22 2.81 -11.80
CA PHE A 84 -14.32 2.95 -12.74
C PHE A 84 -15.65 3.07 -12.02
N GLN A 85 -16.40 4.12 -12.33
CA GLN A 85 -17.69 4.36 -11.71
C GLN A 85 -18.82 4.20 -12.72
N SER A 86 -19.95 3.65 -12.27
CA SER A 86 -21.10 3.44 -13.13
C SER A 86 -22.32 3.02 -12.32
N PRO A 87 -23.52 3.33 -12.85
CA PRO A 87 -24.78 2.99 -12.19
C PRO A 87 -25.15 1.52 -12.35
N ALA A 88 -24.65 0.70 -11.42
CA ALA A 88 -24.92 -0.74 -11.46
C ALA A 88 -26.27 -1.05 -10.81
N SER A 89 -27.31 -1.10 -11.63
CA SER A 89 -28.66 -1.38 -11.14
C SER A 89 -29.17 -2.72 -11.68
N LYS A 90 -29.72 -3.54 -10.80
CA LYS A 90 -30.24 -4.84 -11.19
C LYS A 90 -30.92 -5.53 -10.01
N SER A 91 -31.99 -6.28 -10.31
CA SER A 91 -32.73 -6.99 -9.27
C SER A 91 -33.05 -8.40 -9.71
N PRO A 92 -33.03 -9.34 -8.75
CA PRO A 92 -33.31 -10.76 -9.01
C PRO A 92 -34.80 -11.03 -9.16
N LYS A 93 -35.14 -12.07 -9.93
CA LYS A 93 -36.54 -12.43 -10.16
C LYS A 93 -36.94 -13.60 -9.27
N GLY A 94 -38.16 -13.54 -8.73
CA GLY A 94 -38.64 -14.60 -7.87
C GLY A 94 -38.33 -15.98 -8.42
N GLY A 1 -19.98 -9.62 -6.14
CA GLY A 1 -18.71 -8.93 -6.01
C GLY A 1 -17.79 -9.61 -5.03
N SER A 2 -16.49 -9.54 -5.29
CA SER A 2 -15.49 -10.15 -4.41
C SER A 2 -14.15 -9.43 -4.53
N SER A 3 -13.19 -9.86 -3.72
CA SER A 3 -11.86 -9.26 -3.72
C SER A 3 -10.90 -10.08 -4.57
N GLY A 4 -10.44 -9.48 -5.67
CA GLY A 4 -9.51 -10.17 -6.55
C GLY A 4 -8.99 -9.27 -7.66
N SER A 5 -9.91 -8.58 -8.33
CA SER A 5 -9.53 -7.69 -9.42
C SER A 5 -8.31 -6.86 -9.05
N SER A 6 -8.46 -6.00 -8.05
CA SER A 6 -7.38 -5.14 -7.60
C SER A 6 -6.46 -5.89 -6.64
N GLY A 7 -5.16 -5.60 -6.73
CA GLY A 7 -4.19 -6.25 -5.88
C GLY A 7 -4.69 -6.43 -4.45
N LEU A 8 -4.75 -7.68 -4.00
CA LEU A 8 -5.22 -7.98 -2.66
C LEU A 8 -4.22 -7.50 -1.61
N ARG A 9 -2.96 -7.42 -2.00
CA ARG A 9 -1.90 -6.98 -1.09
C ARG A 9 -1.05 -5.88 -1.74
N SER A 10 -1.48 -4.64 -1.61
CA SER A 10 -0.76 -3.51 -2.19
C SER A 10 -1.36 -2.19 -1.72
N VAL A 11 -0.50 -1.18 -1.56
CA VAL A 11 -0.94 0.13 -1.11
C VAL A 11 -0.07 1.24 -1.72
N PHE A 12 -0.72 2.29 -2.21
CA PHE A 12 -0.01 3.40 -2.82
C PHE A 12 0.48 4.38 -1.75
N VAL A 13 1.77 4.28 -1.41
CA VAL A 13 2.35 5.15 -0.39
C VAL A 13 3.10 6.32 -1.04
N SER A 14 2.62 7.53 -0.78
CA SER A 14 3.23 8.73 -1.34
C SER A 14 3.19 9.88 -0.34
N GLY A 15 3.89 10.95 -0.66
CA GLY A 15 3.92 12.12 0.22
C GLY A 15 4.91 11.95 1.35
N PHE A 16 6.03 11.29 1.07
CA PHE A 16 7.06 11.06 2.08
C PHE A 16 8.18 12.08 1.94
N PRO A 17 8.79 12.44 3.09
CA PRO A 17 9.89 13.41 3.13
C PRO A 17 10.93 13.16 2.04
N ARG A 18 11.92 14.04 1.96
CA ARG A 18 12.97 13.91 0.96
C ARG A 18 14.15 13.11 1.52
N GLY A 19 14.42 11.96 0.92
CA GLY A 19 15.52 11.12 1.37
C GLY A 19 15.06 9.75 1.83
N VAL A 20 13.86 9.70 2.39
CA VAL A 20 13.30 8.43 2.87
C VAL A 20 13.53 7.31 1.87
N ASP A 21 14.24 6.27 2.32
CA ASP A 21 14.53 5.13 1.46
C ASP A 21 13.62 3.95 1.80
N SER A 22 13.40 3.09 0.82
CA SER A 22 12.55 1.92 1.00
C SER A 22 12.83 1.25 2.35
N ALA A 23 14.11 1.18 2.71
CA ALA A 23 14.52 0.57 3.97
C ALA A 23 13.72 1.15 5.14
N GLN A 24 13.86 2.44 5.37
CA GLN A 24 13.15 3.11 6.45
C GLN A 24 11.66 2.76 6.43
N LEU A 25 10.98 3.16 5.36
CA LEU A 25 9.56 2.90 5.22
C LEU A 25 9.22 1.49 5.71
N SER A 26 9.98 0.51 5.22
CA SER A 26 9.75 -0.89 5.60
C SER A 26 9.69 -1.03 7.13
N GLU A 27 10.77 -0.63 7.79
CA GLU A 27 10.84 -0.73 9.25
C GLU A 27 9.67 0.00 9.90
N TYR A 28 9.16 1.03 9.21
CA TYR A 28 8.04 1.81 9.72
C TYR A 28 6.72 1.08 9.46
N PHE A 29 6.70 0.23 8.44
CA PHE A 29 5.50 -0.51 8.09
C PHE A 29 5.50 -1.89 8.77
N LEU A 30 6.64 -2.27 9.33
CA LEU A 30 6.77 -3.55 10.01
C LEU A 30 5.99 -3.55 11.33
N ALA A 31 5.69 -2.35 11.83
CA ALA A 31 4.95 -2.21 13.08
C ALA A 31 3.50 -2.62 12.91
N PHE A 32 3.09 -2.83 11.65
CA PHE A 32 1.72 -3.23 11.35
C PHE A 32 1.69 -4.51 10.53
N GLY A 33 2.76 -4.73 9.76
CA GLY A 33 2.84 -5.92 8.93
C GLY A 33 4.11 -5.98 8.13
N PRO A 34 4.45 -7.19 7.63
CA PRO A 34 5.66 -7.40 6.84
C PRO A 34 5.52 -6.89 5.41
N VAL A 35 6.47 -6.06 4.98
CA VAL A 35 6.45 -5.49 3.64
C VAL A 35 7.20 -6.40 2.66
N ALA A 36 6.45 -7.05 1.79
CA ALA A 36 7.03 -7.94 0.79
C ALA A 36 8.09 -7.22 -0.03
N SER A 37 7.71 -6.07 -0.59
CA SER A 37 8.64 -5.28 -1.41
C SER A 37 8.14 -3.85 -1.53
N VAL A 38 9.05 -2.96 -1.95
CA VAL A 38 8.70 -1.55 -2.12
C VAL A 38 9.28 -1.00 -3.41
N VAL A 39 8.42 -0.38 -4.22
CA VAL A 39 8.84 0.19 -5.49
C VAL A 39 8.60 1.70 -5.51
N MET A 40 9.65 2.46 -5.22
CA MET A 40 9.56 3.92 -5.22
C MET A 40 10.12 4.50 -6.51
N ASP A 41 9.45 5.53 -7.03
CA ASP A 41 9.88 6.18 -8.26
C ASP A 41 11.37 6.53 -8.20
N LYS A 42 11.98 6.65 -9.36
CA LYS A 42 13.40 6.99 -9.44
C LYS A 42 13.62 8.25 -10.27
N ASP A 43 12.53 8.77 -10.84
CA ASP A 43 12.61 9.98 -11.65
C ASP A 43 12.31 11.21 -10.81
N LYS A 44 11.13 11.24 -10.19
CA LYS A 44 10.72 12.36 -9.35
C LYS A 44 10.79 11.99 -7.87
N GLY A 45 10.37 10.77 -7.56
CA GLY A 45 10.40 10.31 -6.18
C GLY A 45 9.32 10.96 -5.34
N VAL A 46 8.07 10.85 -5.79
CA VAL A 46 6.94 11.43 -5.06
C VAL A 46 5.88 10.38 -4.78
N PHE A 47 6.23 9.11 -4.97
CA PHE A 47 5.30 8.01 -4.73
C PHE A 47 6.04 6.68 -4.69
N ALA A 48 5.43 5.69 -4.04
CA ALA A 48 6.03 4.36 -3.92
C ALA A 48 4.98 3.30 -3.66
N ILE A 49 5.12 2.15 -4.29
CA ILE A 49 4.18 1.05 -4.12
C ILE A 49 4.66 0.07 -3.07
N VAL A 50 4.03 0.12 -1.90
CA VAL A 50 4.39 -0.77 -0.79
C VAL A 50 3.51 -2.01 -0.79
N GLU A 51 4.13 -3.16 -0.57
CA GLU A 51 3.40 -4.43 -0.54
C GLU A 51 3.33 -4.97 0.89
N MET A 52 2.36 -5.85 1.12
CA MET A 52 2.17 -6.44 2.45
C MET A 52 2.17 -7.97 2.36
N GLY A 53 2.73 -8.62 3.38
CA GLY A 53 2.77 -10.07 3.39
C GLY A 53 1.41 -10.69 3.18
N ASP A 54 0.58 -10.65 4.21
CA ASP A 54 -0.77 -11.22 4.15
C ASP A 54 -1.80 -10.13 3.90
N VAL A 55 -2.98 -10.54 3.44
CA VAL A 55 -4.06 -9.59 3.16
C VAL A 55 -4.38 -8.75 4.39
N GLY A 56 -4.46 -9.42 5.54
CA GLY A 56 -4.76 -8.71 6.77
C GLY A 56 -3.82 -7.57 7.04
N ALA A 57 -2.52 -7.84 6.96
CA ALA A 57 -1.51 -6.81 7.19
C ALA A 57 -1.90 -5.50 6.51
N ARG A 58 -2.34 -5.59 5.27
CA ARG A 58 -2.73 -4.40 4.51
C ARG A 58 -3.92 -3.71 5.17
N GLU A 59 -4.82 -4.50 5.72
CA GLU A 59 -6.01 -3.97 6.38
C GLU A 59 -5.62 -3.07 7.55
N ALA A 60 -4.75 -3.58 8.42
CA ALA A 60 -4.29 -2.82 9.58
C ALA A 60 -3.85 -1.42 9.18
N VAL A 61 -2.87 -1.35 8.27
CA VAL A 61 -2.35 -0.07 7.81
C VAL A 61 -3.49 0.87 7.38
N LEU A 62 -4.43 0.33 6.61
CA LEU A 62 -5.57 1.11 6.14
C LEU A 62 -6.46 1.54 7.31
N SER A 63 -6.53 0.70 8.33
CA SER A 63 -7.34 0.99 9.51
C SER A 63 -6.47 1.54 10.63
N GLN A 64 -5.56 2.44 10.29
CA GLN A 64 -4.68 3.04 11.29
C GLN A 64 -5.15 4.43 11.67
N SER A 65 -4.97 4.78 12.95
CA SER A 65 -5.39 6.08 13.45
C SER A 65 -4.86 7.21 12.56
N GLN A 66 -3.57 7.49 12.68
CA GLN A 66 -2.93 8.54 11.89
C GLN A 66 -1.56 8.11 11.41
N HIS A 67 -1.36 8.10 10.09
CA HIS A 67 -0.09 7.71 9.52
C HIS A 67 0.91 8.87 9.56
N SER A 68 2.03 8.64 10.26
CA SER A 68 3.07 9.66 10.38
C SER A 68 4.45 9.03 10.47
N LEU A 69 5.39 9.61 9.75
CA LEU A 69 6.76 9.10 9.75
C LEU A 69 7.65 9.90 10.70
N GLY A 70 7.17 10.06 11.93
CA GLY A 70 7.93 10.80 12.93
C GLY A 70 8.29 12.20 12.47
N GLY A 71 7.36 13.12 12.62
CA GLY A 71 7.60 14.49 12.20
C GLY A 71 6.72 14.91 11.03
N HIS A 72 6.88 14.22 9.90
CA HIS A 72 6.10 14.53 8.71
C HIS A 72 4.90 13.58 8.58
N ARG A 73 4.08 13.81 7.56
CA ARG A 73 2.91 12.98 7.33
C ARG A 73 3.09 12.12 6.08
N LEU A 74 2.20 11.16 5.90
CA LEU A 74 2.25 10.27 4.74
C LEU A 74 0.86 10.05 4.15
N ARG A 75 0.77 10.11 2.83
CA ARG A 75 -0.50 9.91 2.14
C ARG A 75 -0.61 8.49 1.59
N VAL A 76 -1.27 7.62 2.34
CA VAL A 76 -1.44 6.24 1.93
C VAL A 76 -2.88 5.97 1.49
N ARG A 77 -3.04 5.59 0.22
CA ARG A 77 -4.36 5.32 -0.33
C ARG A 77 -4.36 3.99 -1.09
N PRO A 78 -5.48 3.26 -1.01
CA PRO A 78 -5.63 1.97 -1.68
C PRO A 78 -5.15 2.00 -3.13
N ARG A 79 -4.42 0.98 -3.53
CA ARG A 79 -3.88 0.90 -4.89
C ARG A 79 -4.91 0.28 -5.83
N GLU A 80 -5.61 1.13 -6.57
CA GLU A 80 -6.63 0.67 -7.51
C GLU A 80 -6.09 0.65 -8.94
N GLN A 81 -4.79 0.34 -9.06
CA GLN A 81 -4.14 0.29 -10.36
C GLN A 81 -4.12 -1.14 -10.90
N LYS A 82 -4.69 -1.33 -12.09
CA LYS A 82 -4.73 -2.65 -12.71
C LYS A 82 -4.82 -2.53 -14.23
N GLU A 83 -4.03 -3.35 -14.93
CA GLU A 83 -4.03 -3.33 -16.38
C GLU A 83 -4.22 -4.74 -16.94
N PHE A 84 -5.44 -5.00 -17.42
CA PHE A 84 -5.76 -6.31 -17.99
C PHE A 84 -4.79 -6.68 -19.11
N GLN A 85 -3.88 -7.60 -18.80
CA GLN A 85 -2.89 -8.05 -19.78
C GLN A 85 -3.17 -9.48 -20.24
N SER A 86 -2.95 -9.74 -21.52
CA SER A 86 -3.18 -11.07 -22.08
C SER A 86 -1.87 -11.67 -22.59
N PRO A 87 -1.20 -12.45 -21.73
CA PRO A 87 0.06 -13.10 -22.08
C PRO A 87 -0.15 -14.34 -22.95
N ALA A 88 0.40 -14.30 -24.16
CA ALA A 88 0.29 -15.41 -25.09
C ALA A 88 1.33 -16.49 -24.80
N SER A 89 0.93 -17.48 -24.03
CA SER A 89 1.84 -18.57 -23.66
C SER A 89 1.08 -19.90 -23.59
N LYS A 90 1.77 -20.98 -23.93
CA LYS A 90 1.17 -22.32 -23.90
C LYS A 90 1.84 -23.19 -22.84
N SER A 91 1.18 -23.33 -21.69
CA SER A 91 1.73 -24.15 -20.61
C SER A 91 1.46 -25.62 -20.85
N PRO A 92 2.41 -26.47 -20.45
CA PRO A 92 2.31 -27.93 -20.61
C PRO A 92 1.38 -28.56 -19.58
N LYS A 93 0.46 -29.38 -20.06
CA LYS A 93 -0.50 -30.06 -19.18
C LYS A 93 -0.28 -31.56 -19.20
N GLY A 94 -0.02 -32.13 -18.02
CA GLY A 94 0.21 -33.56 -17.92
C GLY A 94 1.66 -33.91 -17.68
N GLY A 1 -4.16 3.74 -17.68
CA GLY A 1 -3.84 2.35 -17.43
C GLY A 1 -5.06 1.52 -17.08
N SER A 2 -5.37 0.54 -17.93
CA SER A 2 -6.53 -0.32 -17.71
C SER A 2 -6.09 -1.69 -17.19
N SER A 3 -5.89 -1.77 -15.88
CA SER A 3 -5.47 -3.03 -15.25
C SER A 3 -6.66 -3.73 -14.59
N GLY A 4 -6.61 -5.06 -14.58
CA GLY A 4 -7.69 -5.83 -13.98
C GLY A 4 -7.61 -5.85 -12.47
N SER A 5 -7.55 -4.67 -11.88
CA SER A 5 -7.47 -4.56 -10.42
C SER A 5 -6.60 -5.66 -9.83
N SER A 6 -5.50 -5.96 -10.52
CA SER A 6 -4.58 -7.01 -10.07
C SER A 6 -3.69 -6.49 -8.94
N GLY A 7 -3.72 -7.17 -7.81
CA GLY A 7 -2.92 -6.77 -6.67
C GLY A 7 -3.66 -5.87 -5.70
N LEU A 8 -4.25 -6.48 -4.67
CA LEU A 8 -5.00 -5.73 -3.68
C LEU A 8 -4.20 -5.57 -2.40
N ARG A 9 -3.40 -6.58 -2.07
CA ARG A 9 -2.58 -6.56 -0.87
C ARG A 9 -1.63 -5.36 -0.90
N SER A 10 -1.36 -4.84 -2.09
CA SER A 10 -0.46 -3.71 -2.25
C SER A 10 -1.19 -2.40 -1.95
N VAL A 11 -0.42 -1.38 -1.56
CA VAL A 11 -0.99 -0.08 -1.24
C VAL A 11 -0.16 1.04 -1.87
N PHE A 12 -0.80 2.19 -2.07
CA PHE A 12 -0.13 3.35 -2.68
C PHE A 12 0.32 4.32 -1.59
N VAL A 13 1.64 4.51 -1.49
CA VAL A 13 2.20 5.42 -0.49
C VAL A 13 2.92 6.59 -1.16
N SER A 14 2.70 7.79 -0.64
CA SER A 14 3.33 8.98 -1.19
C SER A 14 3.32 10.12 -0.16
N GLY A 15 4.18 11.11 -0.37
CA GLY A 15 4.26 12.23 0.54
C GLY A 15 5.28 12.03 1.64
N PHE A 16 6.35 11.29 1.32
CA PHE A 16 7.40 11.01 2.29
C PHE A 16 8.54 12.01 2.15
N PRO A 17 9.18 12.35 3.28
CA PRO A 17 10.30 13.30 3.31
C PRO A 17 11.32 13.02 2.21
N ARG A 18 11.89 14.08 1.65
CA ARG A 18 12.87 13.94 0.59
C ARG A 18 14.12 13.22 1.09
N GLY A 19 14.48 12.14 0.40
CA GLY A 19 15.63 11.36 0.79
C GLY A 19 15.27 9.99 1.34
N VAL A 20 14.19 9.93 2.10
CA VAL A 20 13.73 8.67 2.68
C VAL A 20 13.96 7.51 1.72
N ASP A 21 14.44 6.40 2.27
CA ASP A 21 14.71 5.21 1.47
C ASP A 21 13.70 4.10 1.79
N SER A 22 13.74 3.03 1.00
CA SER A 22 12.83 1.91 1.18
C SER A 22 13.02 1.27 2.56
N ALA A 23 14.28 1.03 2.91
CA ALA A 23 14.61 0.43 4.20
C ALA A 23 13.85 1.11 5.34
N GLN A 24 13.79 2.44 5.28
CA GLN A 24 13.11 3.22 6.31
C GLN A 24 11.61 2.93 6.30
N LEU A 25 10.97 3.24 5.18
CA LEU A 25 9.54 3.02 5.04
C LEU A 25 9.15 1.63 5.52
N SER A 26 9.79 0.61 4.96
CA SER A 26 9.51 -0.77 5.33
C SER A 26 9.45 -0.92 6.85
N GLU A 27 10.55 -0.58 7.52
CA GLU A 27 10.62 -0.67 8.97
C GLU A 27 9.37 -0.08 9.62
N TYR A 28 9.13 1.20 9.35
CA TYR A 28 7.97 1.89 9.91
C TYR A 28 6.67 1.18 9.53
N PHE A 29 6.73 0.38 8.47
CA PHE A 29 5.56 -0.36 8.00
C PHE A 29 5.51 -1.74 8.64
N LEU A 30 6.60 -2.14 9.28
CA LEU A 30 6.68 -3.44 9.94
C LEU A 30 5.94 -3.43 11.27
N ALA A 31 5.47 -2.25 11.66
CA ALA A 31 4.74 -2.11 12.91
C ALA A 31 3.31 -2.62 12.78
N PHE A 32 2.90 -2.91 11.55
CA PHE A 32 1.55 -3.40 11.28
C PHE A 32 1.60 -4.75 10.58
N GLY A 33 2.65 -4.95 9.78
CA GLY A 33 2.79 -6.20 9.05
C GLY A 33 4.07 -6.26 8.24
N PRO A 34 4.40 -7.46 7.74
CA PRO A 34 5.61 -7.67 6.94
C PRO A 34 5.46 -7.17 5.51
N VAL A 35 6.38 -6.30 5.09
CA VAL A 35 6.34 -5.75 3.74
C VAL A 35 7.10 -6.63 2.76
N ALA A 36 6.39 -7.12 1.75
CA ALA A 36 7.01 -7.97 0.74
C ALA A 36 8.13 -7.25 0.00
N SER A 37 7.84 -6.01 -0.42
CA SER A 37 8.83 -5.21 -1.14
C SER A 37 8.38 -3.76 -1.22
N VAL A 38 9.28 -2.89 -1.67
CA VAL A 38 8.98 -1.47 -1.80
C VAL A 38 9.47 -0.92 -3.13
N VAL A 39 8.54 -0.49 -3.96
CA VAL A 39 8.88 0.07 -5.27
C VAL A 39 8.82 1.58 -5.26
N MET A 40 9.95 2.21 -5.58
CA MET A 40 10.03 3.67 -5.62
C MET A 40 10.29 4.17 -7.04
N ASP A 41 9.52 5.17 -7.45
CA ASP A 41 9.67 5.74 -8.78
C ASP A 41 11.10 6.20 -9.02
N LYS A 42 11.70 5.71 -10.10
CA LYS A 42 13.07 6.06 -10.45
C LYS A 42 13.10 7.30 -11.35
N ASP A 43 12.10 7.42 -12.21
CA ASP A 43 12.01 8.56 -13.12
C ASP A 43 12.00 9.87 -12.35
N LYS A 44 11.06 10.00 -11.42
CA LYS A 44 10.95 11.20 -10.61
C LYS A 44 11.30 10.92 -9.15
N GLY A 45 10.58 9.97 -8.54
CA GLY A 45 10.83 9.62 -7.15
C GLY A 45 9.90 10.36 -6.20
N VAL A 46 8.62 10.41 -6.54
CA VAL A 46 7.63 11.08 -5.70
C VAL A 46 6.67 10.08 -5.08
N PHE A 47 6.34 9.03 -5.82
CA PHE A 47 5.43 8.00 -5.34
C PHE A 47 6.16 6.68 -5.14
N ALA A 48 5.54 5.79 -4.37
CA ALA A 48 6.13 4.48 -4.10
C ALA A 48 5.07 3.46 -3.74
N ILE A 49 5.17 2.27 -4.33
CA ILE A 49 4.20 1.20 -4.07
C ILE A 49 4.68 0.30 -2.94
N VAL A 50 3.96 0.32 -1.83
CA VAL A 50 4.30 -0.51 -0.68
C VAL A 50 3.46 -1.78 -0.64
N GLU A 51 4.14 -2.92 -0.70
CA GLU A 51 3.45 -4.21 -0.67
C GLU A 51 3.57 -4.87 0.70
N MET A 52 2.53 -5.60 1.09
CA MET A 52 2.51 -6.28 2.38
C MET A 52 2.57 -7.79 2.20
N GLY A 53 2.71 -8.51 3.31
CA GLY A 53 2.79 -9.96 3.26
C GLY A 53 1.43 -10.59 3.00
N ASP A 54 0.58 -10.61 4.03
CA ASP A 54 -0.75 -11.20 3.91
C ASP A 54 -1.81 -10.11 3.83
N VAL A 55 -3.04 -10.51 3.50
CA VAL A 55 -4.14 -9.56 3.40
C VAL A 55 -4.40 -8.88 4.73
N GLY A 56 -4.03 -9.55 5.82
CA GLY A 56 -4.23 -8.98 7.14
C GLY A 56 -3.36 -7.78 7.40
N ALA A 57 -2.15 -7.80 6.85
CA ALA A 57 -1.20 -6.70 7.02
C ALA A 57 -1.74 -5.41 6.42
N ARG A 58 -2.27 -5.52 5.19
CA ARG A 58 -2.83 -4.35 4.51
C ARG A 58 -4.00 -3.77 5.28
N GLU A 59 -4.95 -4.62 5.64
CA GLU A 59 -6.13 -4.19 6.39
C GLU A 59 -5.73 -3.32 7.57
N ALA A 60 -4.81 -3.83 8.39
CA ALA A 60 -4.34 -3.10 9.56
C ALA A 60 -4.07 -1.64 9.23
N VAL A 61 -3.17 -1.41 8.28
CA VAL A 61 -2.82 -0.04 7.88
C VAL A 61 -4.06 0.74 7.49
N LEU A 62 -4.91 0.15 6.65
CA LEU A 62 -6.13 0.80 6.20
C LEU A 62 -7.06 1.06 7.38
N SER A 63 -6.89 0.30 8.44
CA SER A 63 -7.72 0.45 9.64
C SER A 63 -7.01 1.30 10.69
N GLN A 64 -6.28 2.30 10.22
CA GLN A 64 -5.54 3.19 11.12
C GLN A 64 -6.17 4.58 11.14
N SER A 65 -6.07 5.25 12.29
CA SER A 65 -6.64 6.58 12.45
C SER A 65 -5.86 7.60 11.62
N GLN A 66 -4.67 7.94 12.07
CA GLN A 66 -3.83 8.91 11.37
C GLN A 66 -2.39 8.41 11.26
N HIS A 67 -1.84 8.46 10.05
CA HIS A 67 -0.47 8.01 9.82
C HIS A 67 0.51 9.18 9.89
N SER A 68 1.74 8.89 10.31
CA SER A 68 2.76 9.92 10.42
C SER A 68 4.14 9.30 10.64
N LEU A 69 5.17 9.97 10.15
CA LEU A 69 6.54 9.49 10.29
C LEU A 69 7.39 10.48 11.08
N GLY A 70 6.98 10.76 12.31
CA GLY A 70 7.71 11.69 13.15
C GLY A 70 7.76 13.08 12.56
N GLY A 71 6.80 13.92 12.95
CA GLY A 71 6.76 15.28 12.45
C GLY A 71 6.10 15.37 11.09
N HIS A 72 6.57 14.58 10.14
CA HIS A 72 6.02 14.58 8.79
C HIS A 72 4.80 13.68 8.71
N ARG A 73 3.97 13.90 7.69
CA ARG A 73 2.77 13.10 7.50
C ARG A 73 2.83 12.33 6.18
N LEU A 74 2.22 11.15 6.17
CA LEU A 74 2.21 10.31 4.98
C LEU A 74 0.80 10.17 4.42
N ARG A 75 0.68 10.11 3.10
CA ARG A 75 -0.61 9.97 2.45
C ARG A 75 -0.77 8.59 1.83
N VAL A 76 -1.23 7.63 2.63
CA VAL A 76 -1.42 6.27 2.16
C VAL A 76 -2.86 6.04 1.72
N ARG A 77 -3.03 5.38 0.57
CA ARG A 77 -4.35 5.10 0.04
C ARG A 77 -4.35 3.80 -0.75
N PRO A 78 -5.52 3.13 -0.81
CA PRO A 78 -5.68 1.87 -1.53
C PRO A 78 -5.04 1.91 -2.91
N ARG A 79 -4.18 0.95 -3.20
CA ARG A 79 -3.51 0.88 -4.49
C ARG A 79 -4.51 0.96 -5.63
N GLU A 80 -5.61 0.22 -5.50
CA GLU A 80 -6.65 0.20 -6.52
C GLU A 80 -7.92 -0.46 -5.99
N GLN A 81 -8.98 0.33 -5.84
CA GLN A 81 -10.25 -0.19 -5.36
C GLN A 81 -11.41 0.70 -5.79
N LYS A 82 -12.33 0.15 -6.56
CA LYS A 82 -13.48 0.90 -7.03
C LYS A 82 -14.77 0.38 -6.40
N GLU A 83 -15.28 1.12 -5.41
CA GLU A 83 -16.50 0.73 -4.71
C GLU A 83 -16.60 -0.79 -4.61
N PHE A 84 -15.48 -1.44 -4.34
CA PHE A 84 -15.45 -2.89 -4.20
C PHE A 84 -14.97 -3.30 -2.82
N GLN A 85 -15.77 -4.11 -2.14
CA GLN A 85 -15.42 -4.58 -0.79
C GLN A 85 -15.73 -6.06 -0.65
N SER A 86 -14.71 -6.84 -0.29
CA SER A 86 -14.87 -8.27 -0.11
C SER A 86 -14.74 -8.66 1.36
N PRO A 87 -15.89 -8.72 2.06
CA PRO A 87 -15.94 -9.07 3.48
C PRO A 87 -15.08 -10.28 3.80
N ALA A 88 -14.31 -10.18 4.88
CA ALA A 88 -13.44 -11.28 5.31
C ALA A 88 -14.19 -12.28 6.16
N SER A 89 -13.73 -13.52 6.16
CA SER A 89 -14.37 -14.59 6.94
C SER A 89 -13.40 -15.74 7.17
N LYS A 90 -13.76 -16.62 8.10
CA LYS A 90 -12.93 -17.77 8.42
C LYS A 90 -13.45 -19.03 7.73
N SER A 91 -12.57 -20.01 7.54
CA SER A 91 -12.94 -21.26 6.90
C SER A 91 -11.96 -22.37 7.26
N PRO A 92 -12.49 -23.60 7.39
CA PRO A 92 -11.67 -24.77 7.74
C PRO A 92 -10.89 -25.30 6.55
N LYS A 93 -11.58 -25.53 5.43
CA LYS A 93 -10.93 -26.03 4.23
C LYS A 93 -11.91 -26.03 3.06
N GLY A 94 -11.37 -26.05 1.84
CA GLY A 94 -12.21 -26.06 0.66
C GLY A 94 -11.42 -25.76 -0.61
N GLY A 1 3.44 -9.14 -14.02
CA GLY A 1 3.18 -9.19 -15.44
C GLY A 1 2.06 -8.26 -15.87
N SER A 2 0.91 -8.84 -16.22
CA SER A 2 -0.23 -8.06 -16.66
C SER A 2 -0.79 -7.24 -15.50
N SER A 3 -1.64 -6.27 -15.83
CA SER A 3 -2.25 -5.40 -14.82
C SER A 3 -3.46 -6.07 -14.19
N GLY A 4 -3.35 -6.44 -12.91
CA GLY A 4 -4.44 -7.09 -12.22
C GLY A 4 -5.61 -6.14 -11.97
N SER A 5 -6.80 -6.71 -11.83
CA SER A 5 -8.00 -5.92 -11.59
C SER A 5 -7.81 -4.99 -10.39
N SER A 6 -7.56 -5.60 -9.23
CA SER A 6 -7.36 -4.84 -7.99
C SER A 6 -6.06 -5.24 -7.32
N GLY A 7 -5.33 -4.25 -6.82
CA GLY A 7 -4.07 -4.52 -6.15
C GLY A 7 -4.17 -5.68 -5.18
N LEU A 8 -3.12 -6.50 -5.15
CA LEU A 8 -3.09 -7.66 -4.26
C LEU A 8 -2.36 -7.33 -2.96
N ARG A 9 -3.14 -7.16 -1.88
CA ARG A 9 -2.58 -6.85 -0.58
C ARG A 9 -1.49 -5.79 -0.70
N SER A 10 -1.79 -4.71 -1.41
CA SER A 10 -0.84 -3.63 -1.60
C SER A 10 -1.46 -2.28 -1.21
N VAL A 11 -0.62 -1.26 -1.14
CA VAL A 11 -1.07 0.08 -0.78
C VAL A 11 -0.21 1.16 -1.43
N PHE A 12 -0.86 2.20 -1.94
CA PHE A 12 -0.16 3.29 -2.59
C PHE A 12 0.31 4.33 -1.57
N VAL A 13 1.61 4.35 -1.31
CA VAL A 13 2.19 5.28 -0.36
C VAL A 13 2.81 6.48 -1.07
N SER A 14 2.37 7.68 -0.68
CA SER A 14 2.88 8.90 -1.28
C SER A 14 2.81 10.07 -0.30
N GLY A 15 3.66 11.06 -0.52
CA GLY A 15 3.68 12.23 0.37
C GLY A 15 4.74 12.12 1.44
N PHE A 16 5.85 11.47 1.11
CA PHE A 16 6.94 11.30 2.05
C PHE A 16 8.04 12.33 1.80
N PRO A 17 8.84 12.61 2.84
CA PRO A 17 9.94 13.59 2.77
C PRO A 17 11.16 13.02 2.05
N ARG A 18 12.05 13.91 1.62
CA ARG A 18 13.26 13.50 0.92
C ARG A 18 14.22 12.79 1.86
N GLY A 19 14.96 11.82 1.33
CA GLY A 19 15.91 11.07 2.15
C GLY A 19 15.42 9.68 2.47
N VAL A 20 14.11 9.54 2.67
CA VAL A 20 13.52 8.24 3.00
C VAL A 20 13.86 7.20 1.93
N ASP A 21 14.10 5.97 2.37
CA ASP A 21 14.43 4.88 1.45
C ASP A 21 13.50 3.69 1.67
N SER A 22 13.60 2.71 0.78
CA SER A 22 12.77 1.51 0.87
C SER A 22 12.95 0.83 2.23
N ALA A 23 14.19 0.81 2.71
CA ALA A 23 14.50 0.18 3.99
C ALA A 23 13.78 0.90 5.14
N GLN A 24 13.88 2.23 5.15
CA GLN A 24 13.24 3.03 6.20
C GLN A 24 11.74 2.78 6.23
N LEU A 25 11.09 2.99 5.09
CA LEU A 25 9.65 2.79 5.00
C LEU A 25 9.25 1.43 5.56
N SER A 26 9.93 0.39 5.12
CA SER A 26 9.64 -0.97 5.59
C SER A 26 9.61 -1.02 7.11
N GLU A 27 10.73 -0.70 7.74
CA GLU A 27 10.82 -0.72 9.19
C GLU A 27 9.70 0.11 9.82
N TYR A 28 9.20 1.09 9.07
CA TYR A 28 8.13 1.96 9.54
C TYR A 28 6.77 1.27 9.38
N PHE A 29 6.68 0.37 8.41
CA PHE A 29 5.44 -0.35 8.15
C PHE A 29 5.45 -1.71 8.83
N LEU A 30 6.61 -2.10 9.34
CA LEU A 30 6.75 -3.39 10.03
C LEU A 30 5.97 -3.39 11.34
N ALA A 31 5.66 -2.20 11.84
CA ALA A 31 4.91 -2.07 13.09
C ALA A 31 3.45 -2.45 12.89
N PHE A 32 3.00 -2.43 11.65
CA PHE A 32 1.62 -2.78 11.33
C PHE A 32 1.56 -4.07 10.52
N GLY A 33 2.67 -4.41 9.86
CA GLY A 33 2.71 -5.62 9.06
C GLY A 33 4.00 -5.74 8.27
N PRO A 34 4.32 -6.97 7.84
CA PRO A 34 5.52 -7.25 7.07
C PRO A 34 5.41 -6.80 5.61
N VAL A 35 6.38 -6.01 5.16
CA VAL A 35 6.39 -5.51 3.79
C VAL A 35 7.05 -6.51 2.86
N ALA A 36 6.31 -6.95 1.84
CA ALA A 36 6.83 -7.90 0.86
C ALA A 36 7.85 -7.23 -0.06
N SER A 37 7.48 -6.07 -0.59
CA SER A 37 8.37 -5.34 -1.49
C SER A 37 8.01 -3.85 -1.50
N VAL A 38 8.91 -3.05 -2.08
CA VAL A 38 8.69 -1.60 -2.16
C VAL A 38 9.23 -1.04 -3.46
N VAL A 39 8.35 -0.47 -4.27
CA VAL A 39 8.74 0.11 -5.56
C VAL A 39 8.52 1.61 -5.56
N MET A 40 9.58 2.37 -5.27
CA MET A 40 9.50 3.82 -5.24
C MET A 40 10.09 4.42 -6.52
N ASP A 41 9.57 5.58 -6.90
CA ASP A 41 10.04 6.27 -8.11
C ASP A 41 11.49 6.73 -7.95
N LYS A 42 12.27 6.59 -9.01
CA LYS A 42 13.67 6.99 -8.99
C LYS A 42 13.90 8.23 -9.86
N ASP A 43 12.91 8.53 -10.70
CA ASP A 43 13.01 9.69 -11.59
C ASP A 43 12.79 10.99 -10.80
N LYS A 44 11.76 11.00 -9.96
CA LYS A 44 11.44 12.16 -9.15
C LYS A 44 11.27 11.79 -7.69
N GLY A 45 10.47 10.75 -7.44
CA GLY A 45 10.23 10.31 -6.08
C GLY A 45 9.04 10.99 -5.44
N VAL A 46 7.87 10.81 -6.05
CA VAL A 46 6.64 11.41 -5.54
C VAL A 46 5.60 10.35 -5.22
N PHE A 47 6.01 9.08 -5.27
CA PHE A 47 5.11 7.97 -4.99
C PHE A 47 5.89 6.67 -4.86
N ALA A 48 5.29 5.70 -4.18
CA ALA A 48 5.93 4.40 -3.98
C ALA A 48 4.89 3.32 -3.68
N ILE A 49 5.05 2.16 -4.32
CA ILE A 49 4.13 1.05 -4.12
C ILE A 49 4.61 0.14 -3.00
N VAL A 50 3.89 0.15 -1.88
CA VAL A 50 4.24 -0.67 -0.73
C VAL A 50 3.34 -1.90 -0.65
N GLU A 51 3.95 -3.08 -0.61
CA GLU A 51 3.21 -4.33 -0.54
C GLU A 51 3.37 -4.98 0.84
N MET A 52 2.46 -5.88 1.18
CA MET A 52 2.50 -6.57 2.46
C MET A 52 2.69 -8.07 2.26
N GLY A 53 2.91 -8.79 3.37
CA GLY A 53 3.10 -10.22 3.29
C GLY A 53 1.79 -10.98 3.19
N ASP A 54 0.79 -10.53 3.93
CA ASP A 54 -0.52 -11.17 3.92
C ASP A 54 -1.64 -10.14 3.79
N VAL A 55 -2.85 -10.61 3.56
CA VAL A 55 -4.00 -9.73 3.42
C VAL A 55 -4.25 -8.93 4.69
N GLY A 56 -4.12 -9.60 5.83
CA GLY A 56 -4.33 -8.94 7.11
C GLY A 56 -3.51 -7.66 7.24
N ALA A 57 -2.24 -7.75 6.89
CA ALA A 57 -1.35 -6.59 6.97
C ALA A 57 -1.88 -5.43 6.14
N ARG A 58 -2.08 -5.67 4.85
CA ARG A 58 -2.58 -4.64 3.95
C ARG A 58 -3.82 -3.97 4.52
N GLU A 59 -4.55 -4.70 5.36
CA GLU A 59 -5.77 -4.18 5.98
C GLU A 59 -5.42 -3.29 7.17
N ALA A 60 -4.50 -3.74 8.00
CA ALA A 60 -4.09 -2.99 9.17
C ALA A 60 -3.67 -1.58 8.80
N VAL A 61 -2.65 -1.46 7.95
CA VAL A 61 -2.16 -0.17 7.51
C VAL A 61 -3.31 0.72 7.02
N LEU A 62 -4.18 0.15 6.19
CA LEU A 62 -5.32 0.88 5.65
C LEU A 62 -6.26 1.30 6.76
N SER A 63 -6.35 0.49 7.80
CA SER A 63 -7.22 0.79 8.93
C SER A 63 -6.44 1.41 10.08
N GLN A 64 -5.61 2.40 9.75
CA GLN A 64 -4.80 3.08 10.74
C GLN A 64 -5.36 4.49 11.03
N SER A 65 -5.46 4.82 12.31
CA SER A 65 -5.99 6.12 12.72
C SER A 65 -5.36 7.24 11.89
N GLN A 66 -4.09 7.54 12.19
CA GLN A 66 -3.37 8.58 11.48
C GLN A 66 -1.94 8.14 11.14
N HIS A 67 -1.59 8.21 9.87
CA HIS A 67 -0.25 7.81 9.42
C HIS A 67 0.72 8.97 9.55
N SER A 68 1.86 8.70 10.18
CA SER A 68 2.89 9.72 10.38
C SER A 68 4.27 9.08 10.52
N LEU A 69 5.27 9.73 9.93
CA LEU A 69 6.64 9.23 9.99
C LEU A 69 7.54 10.19 10.76
N GLY A 70 7.56 10.03 12.08
CA GLY A 70 8.39 10.90 12.90
C GLY A 70 7.95 12.34 12.86
N GLY A 71 6.65 12.58 13.06
CA GLY A 71 6.13 13.93 13.03
C GLY A 71 5.50 14.28 11.70
N HIS A 72 6.25 14.07 10.62
CA HIS A 72 5.75 14.36 9.27
C HIS A 72 4.57 13.47 8.92
N ARG A 73 3.57 14.06 8.26
CA ARG A 73 2.38 13.32 7.86
C ARG A 73 2.56 12.70 6.47
N LEU A 74 1.98 11.53 6.28
CA LEU A 74 2.08 10.82 5.01
C LEU A 74 0.70 10.67 4.37
N ARG A 75 0.68 10.46 3.06
CA ARG A 75 -0.57 10.30 2.33
C ARG A 75 -0.66 8.90 1.71
N VAL A 76 -1.34 7.99 2.42
CA VAL A 76 -1.50 6.63 1.94
C VAL A 76 -2.94 6.36 1.52
N ARG A 77 -3.10 5.54 0.48
CA ARG A 77 -4.42 5.20 -0.04
C ARG A 77 -4.41 3.86 -0.76
N PRO A 78 -5.54 3.16 -0.74
CA PRO A 78 -5.68 1.86 -1.40
C PRO A 78 -5.09 1.85 -2.79
N ARG A 79 -4.37 0.78 -3.12
CA ARG A 79 -3.75 0.64 -4.43
C ARG A 79 -4.75 0.94 -5.55
N GLU A 80 -5.95 0.40 -5.41
CA GLU A 80 -6.99 0.61 -6.40
C GLU A 80 -8.37 0.76 -5.73
N GLN A 81 -9.03 1.88 -6.00
CA GLN A 81 -10.33 2.14 -5.43
C GLN A 81 -11.40 1.24 -6.04
N LYS A 82 -11.55 0.04 -5.47
CA LYS A 82 -12.53 -0.92 -5.96
C LYS A 82 -13.79 -0.21 -6.43
N GLU A 83 -14.42 -0.77 -7.47
CA GLU A 83 -15.64 -0.19 -8.02
C GLU A 83 -16.82 -1.14 -7.84
N PHE A 84 -16.58 -2.42 -8.08
CA PHE A 84 -17.64 -3.43 -7.94
C PHE A 84 -17.64 -4.01 -6.54
N GLN A 85 -18.68 -3.71 -5.78
CA GLN A 85 -18.80 -4.20 -4.41
C GLN A 85 -20.27 -4.45 -4.05
N SER A 86 -20.50 -5.40 -3.15
CA SER A 86 -21.86 -5.74 -2.73
C SER A 86 -21.94 -5.83 -1.21
N PRO A 87 -23.08 -5.40 -0.65
CA PRO A 87 -23.32 -5.44 0.79
C PRO A 87 -23.66 -6.83 1.30
N ALA A 88 -22.97 -7.83 0.77
CA ALA A 88 -23.19 -9.21 1.18
C ALA A 88 -23.56 -9.31 2.65
N SER A 89 -22.77 -8.65 3.50
CA SER A 89 -23.02 -8.66 4.94
C SER A 89 -23.31 -7.25 5.44
N LYS A 90 -23.79 -7.16 6.68
CA LYS A 90 -24.11 -5.87 7.29
C LYS A 90 -23.31 -5.65 8.57
N SER A 91 -23.44 -6.58 9.51
CA SER A 91 -22.72 -6.48 10.77
C SER A 91 -21.93 -7.77 11.05
N PRO A 92 -20.75 -7.62 11.66
CA PRO A 92 -19.87 -8.74 11.99
C PRO A 92 -20.64 -9.89 12.62
N LYS A 93 -21.39 -9.60 13.67
CA LYS A 93 -22.18 -10.61 14.37
C LYS A 93 -23.62 -10.14 14.58
N GLY A 94 -24.47 -11.04 15.02
CA GLY A 94 -25.86 -10.71 15.26
C GLY A 94 -26.72 -10.84 14.01
N GLY A 1 -21.52 1.88 -4.10
CA GLY A 1 -20.97 2.53 -2.92
C GLY A 1 -19.61 1.99 -2.55
N SER A 2 -19.35 1.90 -1.24
CA SER A 2 -18.07 1.39 -0.76
C SER A 2 -18.12 -0.11 -0.54
N SER A 3 -17.64 -0.86 -1.52
CA SER A 3 -17.63 -2.32 -1.44
C SER A 3 -16.31 -2.89 -1.96
N GLY A 4 -16.19 -4.21 -1.89
CA GLY A 4 -14.97 -4.86 -2.35
C GLY A 4 -14.77 -6.23 -1.73
N SER A 5 -13.68 -6.89 -2.11
CA SER A 5 -13.38 -8.22 -1.60
C SER A 5 -11.88 -8.38 -1.34
N SER A 6 -11.53 -9.43 -0.59
CA SER A 6 -10.12 -9.68 -0.27
C SER A 6 -9.34 -10.10 -1.51
N GLY A 7 -8.37 -9.26 -1.89
CA GLY A 7 -7.57 -9.56 -3.07
C GLY A 7 -6.22 -8.85 -3.04
N LEU A 8 -6.04 -7.90 -3.95
CA LEU A 8 -4.79 -7.15 -4.03
C LEU A 8 -4.21 -6.91 -2.63
N ARG A 9 -2.89 -6.92 -2.55
CA ARG A 9 -2.21 -6.71 -1.27
C ARG A 9 -1.13 -5.63 -1.40
N SER A 10 -1.43 -4.60 -2.18
CA SER A 10 -0.49 -3.50 -2.39
C SER A 10 -1.17 -2.15 -2.17
N VAL A 11 -0.53 -1.31 -1.36
CA VAL A 11 -1.06 0.01 -1.07
C VAL A 11 -0.19 1.11 -1.66
N PHE A 12 -0.81 2.23 -2.02
CA PHE A 12 -0.09 3.35 -2.61
C PHE A 12 0.36 4.33 -1.53
N VAL A 13 1.67 4.50 -1.39
CA VAL A 13 2.23 5.41 -0.40
C VAL A 13 2.92 6.58 -1.06
N SER A 14 2.81 7.76 -0.45
CA SER A 14 3.42 8.97 -0.98
C SER A 14 3.36 10.10 0.04
N GLY A 15 4.26 11.06 -0.10
CA GLY A 15 4.30 12.20 0.80
C GLY A 15 5.46 12.13 1.77
N PHE A 16 6.47 11.33 1.42
CA PHE A 16 7.65 11.17 2.26
C PHE A 16 8.72 12.20 1.90
N PRO A 17 9.45 12.69 2.91
CA PRO A 17 10.51 13.67 2.72
C PRO A 17 11.43 13.33 1.56
N ARG A 18 12.33 14.25 1.22
CA ARG A 18 13.26 14.02 0.12
C ARG A 18 14.49 13.25 0.60
N GLY A 19 14.71 12.08 0.01
CA GLY A 19 15.85 11.26 0.38
C GLY A 19 15.43 9.95 1.02
N VAL A 20 14.35 9.99 1.79
CA VAL A 20 13.85 8.79 2.46
C VAL A 20 14.03 7.55 1.59
N ASP A 21 14.59 6.50 2.18
CA ASP A 21 14.82 5.26 1.46
C ASP A 21 13.85 4.17 1.93
N SER A 22 13.68 3.15 1.10
CA SER A 22 12.79 2.04 1.43
C SER A 22 13.09 1.49 2.81
N ALA A 23 14.35 1.13 3.04
CA ALA A 23 14.78 0.58 4.32
C ALA A 23 14.01 1.22 5.47
N GLN A 24 14.05 2.54 5.55
CA GLN A 24 13.34 3.27 6.60
C GLN A 24 11.85 3.01 6.54
N LEU A 25 11.28 3.09 5.34
CA LEU A 25 9.86 2.85 5.14
C LEU A 25 9.45 1.45 5.62
N SER A 26 10.04 0.44 5.00
CA SER A 26 9.75 -0.94 5.36
C SER A 26 9.67 -1.11 6.87
N GLU A 27 10.69 -0.64 7.56
CA GLU A 27 10.73 -0.74 9.02
C GLU A 27 9.49 -0.11 9.64
N TYR A 28 9.19 1.12 9.23
CA TYR A 28 8.03 1.84 9.74
C TYR A 28 6.74 1.07 9.45
N PHE A 29 6.69 0.44 8.28
CA PHE A 29 5.51 -0.32 7.89
C PHE A 29 5.43 -1.64 8.65
N LEU A 30 6.61 -2.20 8.98
CA LEU A 30 6.67 -3.46 9.71
C LEU A 30 5.88 -3.38 11.01
N ALA A 31 5.93 -2.22 11.65
CA ALA A 31 5.21 -2.01 12.91
C ALA A 31 3.76 -2.46 12.79
N PHE A 32 3.24 -2.46 11.56
CA PHE A 32 1.86 -2.88 11.33
C PHE A 32 1.81 -4.25 10.66
N GLY A 33 2.72 -4.48 9.73
CA GLY A 33 2.77 -5.75 9.04
C GLY A 33 3.93 -5.86 8.08
N PRO A 34 4.37 -7.09 7.80
CA PRO A 34 5.49 -7.35 6.90
C PRO A 34 5.41 -6.54 5.61
N VAL A 35 6.56 -6.30 4.99
CA VAL A 35 6.62 -5.53 3.76
C VAL A 35 7.25 -6.34 2.63
N ALA A 36 6.44 -7.09 1.91
CA ALA A 36 6.92 -7.91 0.81
C ALA A 36 8.02 -7.19 0.03
N SER A 37 7.76 -5.94 -0.33
CA SER A 37 8.72 -5.14 -1.08
C SER A 37 8.25 -3.69 -1.19
N VAL A 38 9.18 -2.81 -1.54
CA VAL A 38 8.87 -1.39 -1.69
C VAL A 38 9.37 -0.85 -3.02
N VAL A 39 8.45 -0.69 -3.97
CA VAL A 39 8.80 -0.18 -5.29
C VAL A 39 8.75 1.35 -5.32
N MET A 40 9.89 1.98 -5.09
CA MET A 40 9.97 3.44 -5.10
C MET A 40 10.11 3.97 -6.52
N ASP A 41 9.44 5.08 -6.80
CA ASP A 41 9.50 5.70 -8.13
C ASP A 41 10.92 6.15 -8.47
N LYS A 42 11.26 6.11 -9.75
CA LYS A 42 12.58 6.52 -10.20
C LYS A 42 12.50 7.77 -11.07
N ASP A 43 11.54 7.80 -11.98
CA ASP A 43 11.36 8.95 -12.86
C ASP A 43 11.14 10.22 -12.06
N LYS A 44 10.04 10.27 -11.31
CA LYS A 44 9.73 11.44 -10.50
C LYS A 44 10.30 11.29 -9.10
N GLY A 45 9.92 10.23 -8.41
CA GLY A 45 10.41 9.99 -7.07
C GLY A 45 9.57 10.69 -6.01
N VAL A 46 8.25 10.65 -6.19
CA VAL A 46 7.34 11.30 -5.24
C VAL A 46 6.40 10.27 -4.61
N PHE A 47 6.31 9.10 -5.23
CA PHE A 47 5.45 8.04 -4.72
C PHE A 47 6.20 6.71 -4.66
N ALA A 48 5.53 5.68 -4.14
CA ALA A 48 6.12 4.36 -4.03
C ALA A 48 5.08 3.31 -3.68
N ILE A 49 5.12 2.17 -4.36
CA ILE A 49 4.17 1.10 -4.12
C ILE A 49 4.66 0.17 -3.01
N VAL A 50 3.96 0.20 -1.88
CA VAL A 50 4.32 -0.64 -0.74
C VAL A 50 3.42 -1.86 -0.64
N GLU A 51 4.01 -3.04 -0.72
CA GLU A 51 3.26 -4.29 -0.65
C GLU A 51 3.31 -4.87 0.76
N MET A 52 2.26 -5.60 1.14
CA MET A 52 2.18 -6.21 2.46
C MET A 52 2.17 -7.74 2.35
N GLY A 53 2.71 -8.40 3.37
CA GLY A 53 2.75 -9.85 3.38
C GLY A 53 1.44 -10.47 2.92
N ASP A 54 0.46 -10.48 3.82
CA ASP A 54 -0.84 -11.05 3.51
C ASP A 54 -1.93 -9.98 3.56
N VAL A 55 -3.17 -10.37 3.29
CA VAL A 55 -4.29 -9.45 3.30
C VAL A 55 -4.49 -8.85 4.69
N GLY A 56 -4.32 -9.69 5.72
CA GLY A 56 -4.49 -9.22 7.08
C GLY A 56 -3.65 -8.00 7.39
N ALA A 57 -2.39 -8.03 6.97
CA ALA A 57 -1.49 -6.91 7.19
C ALA A 57 -2.02 -5.63 6.55
N ARG A 58 -2.25 -5.69 5.25
CA ARG A 58 -2.77 -4.54 4.51
C ARG A 58 -4.02 -3.97 5.17
N GLU A 59 -4.88 -4.87 5.67
CA GLU A 59 -6.11 -4.47 6.33
C GLU A 59 -5.83 -3.51 7.48
N ALA A 60 -4.90 -3.90 8.34
CA ALA A 60 -4.53 -3.08 9.49
C ALA A 60 -4.26 -1.64 9.07
N VAL A 61 -3.22 -1.45 8.25
CA VAL A 61 -2.86 -0.13 7.78
C VAL A 61 -4.09 0.66 7.33
N LEU A 62 -4.94 0.01 6.54
CA LEU A 62 -6.15 0.65 6.05
C LEU A 62 -7.08 1.01 7.20
N SER A 63 -7.15 0.15 8.20
CA SER A 63 -8.00 0.39 9.36
C SER A 63 -7.20 1.00 10.51
N GLN A 64 -6.35 1.96 10.17
CA GLN A 64 -5.53 2.64 11.17
C GLN A 64 -5.97 4.08 11.35
N SER A 65 -6.06 4.52 12.61
CA SER A 65 -6.48 5.88 12.92
C SER A 65 -5.76 6.88 12.02
N GLN A 66 -4.48 7.11 12.30
CA GLN A 66 -3.69 8.04 11.52
C GLN A 66 -2.30 7.47 11.22
N HIS A 67 -1.74 7.86 10.09
CA HIS A 67 -0.42 7.39 9.69
C HIS A 67 0.61 8.51 9.77
N SER A 68 1.69 8.26 10.50
CA SER A 68 2.75 9.25 10.67
C SER A 68 4.09 8.57 10.93
N LEU A 69 5.10 8.92 10.14
CA LEU A 69 6.43 8.34 10.29
C LEU A 69 7.25 9.15 11.28
N GLY A 70 7.09 8.84 12.57
CA GLY A 70 7.83 9.55 13.61
C GLY A 70 7.62 11.05 13.55
N GLY A 71 6.39 11.46 13.27
CA GLY A 71 6.09 12.89 13.18
C GLY A 71 5.59 13.29 11.80
N HIS A 72 6.35 12.95 10.77
CA HIS A 72 5.97 13.28 9.41
C HIS A 72 4.57 12.79 9.09
N ARG A 73 4.02 13.26 7.97
CA ARG A 73 2.68 12.86 7.56
C ARG A 73 2.71 12.09 6.25
N LEU A 74 2.11 10.91 6.25
CA LEU A 74 2.07 10.06 5.05
C LEU A 74 0.65 9.92 4.53
N ARG A 75 0.48 10.05 3.22
CA ARG A 75 -0.83 9.93 2.60
C ARG A 75 -1.01 8.54 1.98
N VAL A 76 -1.42 7.58 2.81
CA VAL A 76 -1.62 6.22 2.34
C VAL A 76 -3.04 6.03 1.81
N ARG A 77 -3.17 5.44 0.63
CA ARG A 77 -4.46 5.20 0.02
C ARG A 77 -4.45 3.91 -0.81
N PRO A 78 -5.58 3.19 -0.79
CA PRO A 78 -5.72 1.94 -1.53
C PRO A 78 -5.19 2.04 -2.96
N ARG A 79 -4.70 0.93 -3.48
CA ARG A 79 -4.16 0.89 -4.83
C ARG A 79 -5.24 0.49 -5.84
N GLU A 80 -5.72 1.48 -6.60
CA GLU A 80 -6.75 1.23 -7.60
C GLU A 80 -6.14 0.93 -8.96
N GLN A 81 -6.98 0.56 -9.91
CA GLN A 81 -6.51 0.25 -11.26
C GLN A 81 -7.37 0.95 -12.31
N LYS A 82 -7.06 0.72 -13.58
CA LYS A 82 -7.80 1.33 -14.67
C LYS A 82 -8.42 0.26 -15.58
N GLU A 83 -9.64 0.50 -16.02
CA GLU A 83 -10.34 -0.45 -16.88
C GLU A 83 -10.72 0.22 -18.20
N PHE A 84 -9.79 0.98 -18.77
CA PHE A 84 -10.03 1.67 -20.04
C PHE A 84 -10.87 0.81 -20.98
N GLN A 85 -10.44 -0.44 -21.15
CA GLN A 85 -11.15 -1.37 -22.02
C GLN A 85 -10.55 -2.77 -21.92
N SER A 86 -11.22 -3.74 -22.53
CA SER A 86 -10.75 -5.12 -22.51
C SER A 86 -11.55 -5.97 -23.51
N PRO A 87 -10.85 -6.94 -24.13
CA PRO A 87 -11.47 -7.84 -25.11
C PRO A 87 -12.81 -8.38 -24.64
N ALA A 88 -13.77 -8.48 -25.56
CA ALA A 88 -15.08 -9.00 -25.23
C ALA A 88 -15.08 -10.51 -25.13
N SER A 89 -16.16 -11.07 -24.62
CA SER A 89 -16.28 -12.52 -24.46
C SER A 89 -16.34 -13.21 -25.81
N LYS A 90 -15.49 -14.22 -26.00
CA LYS A 90 -15.44 -14.96 -27.24
C LYS A 90 -15.46 -14.02 -28.44
N SER A 91 -14.59 -13.02 -28.42
CA SER A 91 -14.51 -12.05 -29.50
C SER A 91 -14.60 -12.74 -30.86
N PRO A 92 -15.03 -11.99 -31.88
CA PRO A 92 -15.17 -12.50 -33.24
C PRO A 92 -13.82 -12.61 -33.96
N LYS A 93 -13.75 -13.49 -34.95
CA LYS A 93 -12.54 -13.68 -35.71
C LYS A 93 -12.75 -13.36 -37.19
N GLY A 94 -11.68 -12.98 -37.87
CA GLY A 94 -11.78 -12.65 -39.29
C GLY A 94 -12.81 -11.57 -39.55
N GLY A 1 -18.91 -0.35 -10.60
CA GLY A 1 -18.62 -1.67 -11.12
C GLY A 1 -18.00 -2.58 -10.07
N SER A 2 -18.44 -3.83 -10.04
CA SER A 2 -17.93 -4.80 -9.08
C SER A 2 -16.41 -4.92 -9.18
N SER A 3 -15.76 -5.18 -8.05
CA SER A 3 -14.32 -5.31 -8.00
C SER A 3 -13.85 -6.41 -8.95
N GLY A 4 -12.79 -6.12 -9.71
CA GLY A 4 -12.27 -7.09 -10.64
C GLY A 4 -11.54 -8.23 -9.94
N SER A 5 -10.43 -7.91 -9.29
CA SER A 5 -9.64 -8.91 -8.58
C SER A 5 -9.55 -8.59 -7.09
N SER A 6 -10.47 -9.16 -6.32
CA SER A 6 -10.52 -8.93 -4.88
C SER A 6 -9.37 -9.66 -4.19
N GLY A 7 -8.41 -8.90 -3.66
CA GLY A 7 -7.27 -9.49 -2.98
C GLY A 7 -5.96 -8.84 -3.38
N LEU A 8 -5.85 -7.54 -3.13
CA LEU A 8 -4.64 -6.81 -3.47
C LEU A 8 -3.81 -6.51 -2.21
N ARG A 9 -2.60 -7.05 -2.18
CA ARG A 9 -1.71 -6.84 -1.04
C ARG A 9 -0.74 -5.69 -1.31
N SER A 10 -1.19 -4.71 -2.08
CA SER A 10 -0.36 -3.56 -2.42
C SER A 10 -1.07 -2.25 -2.07
N VAL A 11 -0.33 -1.33 -1.46
CA VAL A 11 -0.89 -0.04 -1.08
C VAL A 11 -0.08 1.11 -1.67
N PHE A 12 -0.77 2.14 -2.13
CA PHE A 12 -0.12 3.31 -2.72
C PHE A 12 0.36 4.27 -1.63
N VAL A 13 1.67 4.34 -1.45
CA VAL A 13 2.25 5.22 -0.44
C VAL A 13 3.02 6.37 -1.09
N SER A 14 2.85 7.57 -0.56
CA SER A 14 3.53 8.75 -1.09
C SER A 14 3.52 9.89 -0.07
N GLY A 15 4.14 11.01 -0.43
CA GLY A 15 4.20 12.15 0.46
C GLY A 15 5.18 11.95 1.59
N PHE A 16 6.29 11.28 1.29
CA PHE A 16 7.33 11.03 2.29
C PHE A 16 8.48 12.02 2.16
N PRO A 17 9.15 12.31 3.27
CA PRO A 17 10.28 13.23 3.30
C PRO A 17 11.26 12.99 2.17
N ARG A 18 12.23 13.90 2.02
CA ARG A 18 13.23 13.77 0.97
C ARG A 18 14.44 13.00 1.46
N GLY A 19 14.67 11.82 0.89
CA GLY A 19 15.80 11.00 1.29
C GLY A 19 15.39 9.62 1.77
N VAL A 20 14.12 9.50 2.18
CA VAL A 20 13.61 8.24 2.67
C VAL A 20 13.94 7.09 1.71
N ASP A 21 14.39 5.97 2.27
CA ASP A 21 14.73 4.81 1.46
C ASP A 21 13.76 3.66 1.71
N SER A 22 13.52 2.86 0.68
CA SER A 22 12.62 1.72 0.79
C SER A 22 12.83 0.98 2.10
N ALA A 23 14.10 0.88 2.52
CA ALA A 23 14.43 0.19 3.75
C ALA A 23 13.81 0.87 4.96
N GLN A 24 13.88 2.20 5.00
CA GLN A 24 13.31 2.98 6.09
C GLN A 24 11.80 2.77 6.18
N LEU A 25 11.12 2.96 5.06
CA LEU A 25 9.68 2.79 5.01
C LEU A 25 9.26 1.44 5.59
N SER A 26 9.85 0.37 5.05
CA SER A 26 9.53 -0.98 5.52
C SER A 26 9.55 -1.05 7.03
N GLU A 27 10.66 -0.61 7.64
CA GLU A 27 10.79 -0.63 9.08
C GLU A 27 9.58 0.01 9.76
N TYR A 28 9.18 1.16 9.25
CA TYR A 28 8.02 1.88 9.80
C TYR A 28 6.73 1.14 9.49
N PHE A 29 6.74 0.35 8.42
CA PHE A 29 5.57 -0.41 8.01
C PHE A 29 5.55 -1.78 8.67
N LEU A 30 6.66 -2.12 9.32
CA LEU A 30 6.77 -3.42 10.00
C LEU A 30 6.00 -3.42 11.30
N ALA A 31 5.59 -2.24 11.75
CA ALA A 31 4.83 -2.11 12.99
C ALA A 31 3.39 -2.59 12.81
N PHE A 32 2.98 -2.76 11.56
CA PHE A 32 1.63 -3.21 11.25
C PHE A 32 1.66 -4.49 10.42
N GLY A 33 2.79 -4.72 9.76
CA GLY A 33 2.92 -5.92 8.93
C GLY A 33 4.20 -5.90 8.11
N PRO A 34 4.59 -7.09 7.62
CA PRO A 34 5.81 -7.24 6.81
C PRO A 34 5.63 -6.74 5.38
N VAL A 35 6.45 -5.78 4.99
CA VAL A 35 6.37 -5.21 3.65
C VAL A 35 7.01 -6.14 2.63
N ALA A 36 6.19 -6.75 1.78
CA ALA A 36 6.66 -7.66 0.76
C ALA A 36 7.76 -7.02 -0.07
N SER A 37 7.50 -5.81 -0.56
CA SER A 37 8.46 -5.08 -1.38
C SER A 37 8.07 -3.61 -1.51
N VAL A 38 9.02 -2.79 -1.93
CA VAL A 38 8.78 -1.36 -2.10
C VAL A 38 9.30 -0.87 -3.44
N VAL A 39 8.45 -0.16 -4.18
CA VAL A 39 8.83 0.38 -5.49
C VAL A 39 8.62 1.88 -5.54
N MET A 40 9.70 2.64 -5.43
CA MET A 40 9.63 4.10 -5.48
C MET A 40 10.10 4.62 -6.82
N ASP A 41 9.52 5.74 -7.26
CA ASP A 41 9.88 6.35 -8.53
C ASP A 41 11.37 6.69 -8.57
N LYS A 42 12.05 6.22 -9.61
CA LYS A 42 13.48 6.48 -9.77
C LYS A 42 13.73 7.76 -10.55
N ASP A 43 12.64 8.41 -10.97
CA ASP A 43 12.73 9.65 -11.72
C ASP A 43 12.74 10.86 -10.78
N LYS A 44 11.69 10.99 -9.99
CA LYS A 44 11.57 12.09 -9.04
C LYS A 44 11.44 11.58 -7.62
N GLY A 45 10.86 10.39 -7.47
CA GLY A 45 10.68 9.81 -6.16
C GLY A 45 9.59 10.49 -5.36
N VAL A 46 8.40 10.60 -5.95
CA VAL A 46 7.27 11.24 -5.29
C VAL A 46 6.31 10.20 -4.73
N PHE A 47 6.11 9.13 -5.48
CA PHE A 47 5.20 8.06 -5.06
C PHE A 47 5.92 6.72 -5.01
N ALA A 48 5.39 5.79 -4.21
CA ALA A 48 5.99 4.48 -4.07
C ALA A 48 4.93 3.42 -3.74
N ILE A 49 5.11 2.23 -4.29
CA ILE A 49 4.16 1.14 -4.05
C ILE A 49 4.66 0.21 -2.95
N VAL A 50 4.07 0.33 -1.77
CA VAL A 50 4.44 -0.50 -0.63
C VAL A 50 3.53 -1.72 -0.51
N GLU A 51 4.11 -2.90 -0.69
CA GLU A 51 3.34 -4.13 -0.60
C GLU A 51 3.31 -4.66 0.84
N MET A 52 2.52 -5.69 1.07
CA MET A 52 2.40 -6.29 2.40
C MET A 52 2.43 -7.81 2.32
N GLY A 53 2.89 -8.44 3.40
CA GLY A 53 2.95 -9.89 3.43
C GLY A 53 1.60 -10.55 3.29
N ASP A 54 0.80 -10.48 4.34
CA ASP A 54 -0.54 -11.07 4.33
C ASP A 54 -1.61 -9.99 4.18
N VAL A 55 -2.81 -10.40 3.79
CA VAL A 55 -3.92 -9.47 3.62
C VAL A 55 -4.23 -8.74 4.93
N GLY A 56 -4.06 -9.44 6.04
CA GLY A 56 -4.33 -8.83 7.34
C GLY A 56 -3.54 -7.56 7.56
N ALA A 57 -2.23 -7.62 7.28
CA ALA A 57 -1.36 -6.47 7.46
C ALA A 57 -1.90 -5.25 6.71
N ARG A 58 -2.26 -5.46 5.45
CA ARG A 58 -2.78 -4.37 4.63
C ARG A 58 -4.06 -3.80 5.24
N GLU A 59 -4.93 -4.67 5.72
CA GLU A 59 -6.18 -4.24 6.34
C GLU A 59 -5.92 -3.39 7.58
N ALA A 60 -4.90 -3.76 8.33
CA ALA A 60 -4.54 -3.03 9.55
C ALA A 60 -4.23 -1.57 9.23
N VAL A 61 -3.31 -1.35 8.30
CA VAL A 61 -2.93 0.00 7.90
C VAL A 61 -4.15 0.83 7.52
N LEU A 62 -4.95 0.30 6.60
CA LEU A 62 -6.15 0.99 6.15
C LEU A 62 -7.11 1.25 7.32
N SER A 63 -7.13 0.33 8.27
CA SER A 63 -8.00 0.46 9.43
C SER A 63 -7.30 1.23 10.55
N GLN A 64 -6.38 2.11 10.16
CA GLN A 64 -5.64 2.93 11.13
C GLN A 64 -6.21 4.33 11.20
N SER A 65 -6.16 4.92 12.40
CA SER A 65 -6.68 6.27 12.60
C SER A 65 -5.90 7.28 11.75
N GLN A 66 -4.67 7.56 12.17
CA GLN A 66 -3.83 8.51 11.45
C GLN A 66 -2.42 7.95 11.28
N HIS A 67 -1.77 8.33 10.18
CA HIS A 67 -0.41 7.87 9.89
C HIS A 67 0.57 9.03 9.93
N SER A 68 1.75 8.79 10.49
CA SER A 68 2.77 9.81 10.60
C SER A 68 4.16 9.19 10.71
N LEU A 69 5.12 9.77 9.99
CA LEU A 69 6.49 9.26 10.02
C LEU A 69 7.38 10.14 10.90
N GLY A 70 7.18 10.04 12.21
CA GLY A 70 7.97 10.82 13.14
C GLY A 70 7.35 12.18 13.42
N GLY A 71 7.07 12.93 12.36
CA GLY A 71 6.47 14.25 12.53
C GLY A 71 5.61 14.64 11.35
N HIS A 72 6.08 14.34 10.14
CA HIS A 72 5.34 14.68 8.93
C HIS A 72 4.16 13.73 8.74
N ARG A 73 3.29 14.05 7.78
CA ARG A 73 2.12 13.22 7.50
C ARG A 73 2.27 12.51 6.16
N LEU A 74 1.97 11.23 6.15
CA LEU A 74 2.07 10.43 4.93
C LEU A 74 0.71 10.23 4.28
N ARG A 75 0.70 10.01 2.97
CA ARG A 75 -0.54 9.82 2.24
C ARG A 75 -0.67 8.38 1.76
N VAL A 76 -1.44 7.58 2.49
CA VAL A 76 -1.65 6.18 2.13
C VAL A 76 -3.06 5.95 1.61
N ARG A 77 -3.17 5.28 0.46
CA ARG A 77 -4.45 4.99 -0.14
C ARG A 77 -4.40 3.69 -0.94
N PRO A 78 -5.56 3.02 -1.07
CA PRO A 78 -5.67 1.77 -1.80
C PRO A 78 -4.96 1.82 -3.16
N ARG A 79 -4.28 0.73 -3.51
CA ARG A 79 -3.56 0.66 -4.77
C ARG A 79 -4.42 -0.01 -5.85
N GLU A 80 -4.54 0.66 -7.00
CA GLU A 80 -5.32 0.13 -8.10
C GLU A 80 -4.55 -0.93 -8.87
N GLN A 81 -4.88 -2.19 -8.60
CA GLN A 81 -4.22 -3.31 -9.27
C GLN A 81 -4.63 -3.40 -10.73
N LYS A 82 -4.04 -2.55 -11.57
CA LYS A 82 -4.36 -2.54 -12.99
C LYS A 82 -3.47 -3.51 -13.76
N GLU A 83 -4.07 -4.28 -14.65
CA GLU A 83 -3.32 -5.25 -15.44
C GLU A 83 -4.06 -5.57 -16.74
N PHE A 84 -3.41 -6.33 -17.61
CA PHE A 84 -4.00 -6.71 -18.89
C PHE A 84 -3.81 -8.20 -19.16
N GLN A 85 -4.89 -8.96 -19.10
CA GLN A 85 -4.84 -10.39 -19.34
C GLN A 85 -5.93 -10.83 -20.32
N SER A 86 -5.95 -12.12 -20.64
CA SER A 86 -6.94 -12.65 -21.58
C SER A 86 -7.57 -13.92 -21.02
N PRO A 87 -8.65 -13.74 -20.24
CA PRO A 87 -9.37 -14.86 -19.63
C PRO A 87 -9.65 -15.98 -20.62
N ALA A 88 -9.43 -17.22 -20.19
CA ALA A 88 -9.66 -18.38 -21.04
C ALA A 88 -9.65 -19.66 -20.22
N SER A 89 -10.59 -20.56 -20.52
CA SER A 89 -10.69 -21.83 -19.81
C SER A 89 -10.54 -23.00 -20.77
N LYS A 90 -10.44 -24.20 -20.21
CA LYS A 90 -10.28 -25.40 -21.01
C LYS A 90 -11.15 -26.54 -20.48
N SER A 91 -12.16 -26.91 -21.26
CA SER A 91 -13.07 -27.98 -20.86
C SER A 91 -12.92 -29.19 -21.78
N PRO A 92 -13.06 -30.40 -21.19
CA PRO A 92 -12.94 -31.66 -21.94
C PRO A 92 -13.72 -31.63 -23.23
N LYS A 93 -13.53 -32.66 -24.06
CA LYS A 93 -14.22 -32.76 -25.34
C LYS A 93 -15.73 -32.72 -25.15
N GLY A 94 -16.23 -33.62 -24.31
CA GLY A 94 -17.67 -33.67 -24.05
C GLY A 94 -18.01 -34.51 -22.84
N GLY A 1 -11.08 -24.94 -9.36
CA GLY A 1 -11.61 -24.01 -10.33
C GLY A 1 -10.89 -22.67 -10.28
N SER A 2 -11.27 -21.83 -9.32
CA SER A 2 -10.67 -20.51 -9.18
C SER A 2 -9.24 -20.63 -8.67
N SER A 3 -8.29 -20.22 -9.52
CA SER A 3 -6.88 -20.28 -9.16
C SER A 3 -6.26 -18.89 -9.16
N GLY A 4 -6.11 -18.32 -7.96
CA GLY A 4 -5.54 -16.99 -7.84
C GLY A 4 -4.79 -16.81 -6.53
N SER A 5 -3.56 -17.28 -6.49
CA SER A 5 -2.74 -17.17 -5.28
C SER A 5 -2.42 -15.71 -4.98
N SER A 6 -1.78 -15.03 -5.92
CA SER A 6 -1.41 -13.63 -5.76
C SER A 6 -2.63 -12.74 -5.90
N GLY A 7 -2.67 -11.68 -5.10
CA GLY A 7 -3.79 -10.75 -5.15
C GLY A 7 -3.36 -9.31 -5.02
N LEU A 8 -4.27 -8.46 -4.53
CA LEU A 8 -3.97 -7.04 -4.35
C LEU A 8 -3.72 -6.72 -2.88
N ARG A 9 -2.59 -7.18 -2.35
CA ARG A 9 -2.25 -6.92 -0.96
C ARG A 9 -1.19 -5.82 -0.84
N SER A 10 -1.43 -4.71 -1.54
CA SER A 10 -0.50 -3.59 -1.52
C SER A 10 -1.23 -2.29 -1.19
N VAL A 11 -0.47 -1.20 -1.09
CA VAL A 11 -1.04 0.10 -0.79
C VAL A 11 -0.19 1.22 -1.37
N PHE A 12 -0.85 2.27 -1.85
CA PHE A 12 -0.15 3.41 -2.43
C PHE A 12 0.36 4.35 -1.34
N VAL A 13 1.66 4.63 -1.38
CA VAL A 13 2.29 5.51 -0.39
C VAL A 13 3.07 6.62 -1.07
N SER A 14 2.74 7.86 -0.74
CA SER A 14 3.42 9.02 -1.31
C SER A 14 3.39 10.20 -0.36
N GLY A 15 3.94 11.32 -0.79
CA GLY A 15 3.97 12.51 0.03
C GLY A 15 4.95 12.40 1.18
N PHE A 16 6.06 11.70 0.94
CA PHE A 16 7.08 11.51 1.95
C PHE A 16 8.23 12.51 1.77
N PRO A 17 8.96 12.78 2.86
CA PRO A 17 10.09 13.71 2.84
C PRO A 17 11.33 13.11 2.20
N ARG A 18 12.03 13.90 1.40
CA ARG A 18 13.24 13.44 0.73
C ARG A 18 14.17 12.73 1.71
N GLY A 19 15.04 11.87 1.18
CA GLY A 19 15.97 11.14 2.02
C GLY A 19 15.43 9.79 2.44
N VAL A 20 14.10 9.69 2.57
CA VAL A 20 13.47 8.45 2.97
C VAL A 20 13.70 7.36 1.93
N ASP A 21 14.12 6.19 2.38
CA ASP A 21 14.38 5.07 1.49
C ASP A 21 13.46 3.90 1.81
N SER A 22 13.30 2.99 0.86
CA SER A 22 12.44 1.83 1.03
C SER A 22 12.65 1.20 2.40
N ALA A 23 13.91 0.94 2.74
CA ALA A 23 14.25 0.34 4.03
C ALA A 23 13.52 1.03 5.16
N GLN A 24 13.80 2.31 5.37
CA GLN A 24 13.16 3.07 6.44
C GLN A 24 11.65 2.84 6.43
N LEU A 25 11.05 2.94 5.25
CA LEU A 25 9.60 2.74 5.12
C LEU A 25 9.19 1.38 5.68
N SER A 26 9.71 0.32 5.09
CA SER A 26 9.40 -1.04 5.52
C SER A 26 9.41 -1.14 7.04
N GLU A 27 10.53 -0.77 7.64
CA GLU A 27 10.67 -0.82 9.10
C GLU A 27 9.51 -0.09 9.78
N TYR A 28 9.14 1.05 9.22
CA TYR A 28 8.05 1.85 9.77
C TYR A 28 6.70 1.18 9.55
N PHE A 29 6.63 0.35 8.50
CA PHE A 29 5.40 -0.36 8.17
C PHE A 29 5.37 -1.73 8.85
N LEU A 30 6.53 -2.18 9.32
CA LEU A 30 6.64 -3.47 9.99
C LEU A 30 5.85 -3.47 11.30
N ALA A 31 5.60 -2.29 11.83
CA ALA A 31 4.85 -2.15 13.07
C ALA A 31 3.40 -2.60 12.90
N PHE A 32 2.97 -2.70 11.65
CA PHE A 32 1.61 -3.12 11.34
C PHE A 32 1.60 -4.43 10.57
N GLY A 33 2.62 -4.64 9.75
CA GLY A 33 2.72 -5.85 8.96
C GLY A 33 4.00 -5.93 8.15
N PRO A 34 4.35 -7.14 7.70
CA PRO A 34 5.56 -7.37 6.90
C PRO A 34 5.41 -6.89 5.47
N VAL A 35 6.43 -6.17 4.98
CA VAL A 35 6.41 -5.66 3.62
C VAL A 35 7.17 -6.58 2.67
N ALA A 36 6.47 -7.07 1.65
CA ALA A 36 7.08 -7.96 0.66
C ALA A 36 8.13 -7.23 -0.17
N SER A 37 7.77 -6.04 -0.65
CA SER A 37 8.68 -5.24 -1.46
C SER A 37 8.17 -3.80 -1.58
N VAL A 38 9.09 -2.88 -1.83
CA VAL A 38 8.75 -1.47 -1.97
C VAL A 38 9.23 -0.91 -3.31
N VAL A 39 8.29 -0.47 -4.14
CA VAL A 39 8.64 0.10 -5.44
C VAL A 39 8.63 1.62 -5.40
N MET A 40 9.82 2.22 -5.45
CA MET A 40 9.93 3.66 -5.42
C MET A 40 10.31 4.20 -6.80
N ASP A 41 9.49 5.12 -7.31
CA ASP A 41 9.73 5.71 -8.62
C ASP A 41 11.18 6.17 -8.75
N LYS A 42 11.83 5.76 -9.84
CA LYS A 42 13.21 6.14 -10.08
C LYS A 42 13.30 7.28 -11.09
N ASP A 43 12.40 7.27 -12.06
CA ASP A 43 12.37 8.31 -13.09
C ASP A 43 12.24 9.69 -12.46
N LYS A 44 11.32 9.82 -11.52
CA LYS A 44 11.09 11.10 -10.84
C LYS A 44 11.35 10.96 -9.34
N GLY A 45 10.64 10.06 -8.69
CA GLY A 45 10.81 9.84 -7.27
C GLY A 45 9.83 10.65 -6.43
N VAL A 46 8.55 10.40 -6.64
CA VAL A 46 7.49 11.10 -5.91
C VAL A 46 6.58 10.13 -5.18
N PHE A 47 6.21 9.05 -5.86
CA PHE A 47 5.34 8.05 -5.28
C PHE A 47 6.06 6.70 -5.14
N ALA A 48 5.49 5.80 -4.34
CA ALA A 48 6.08 4.49 -4.13
C ALA A 48 5.01 3.47 -3.73
N ILE A 49 5.01 2.33 -4.40
CA ILE A 49 4.04 1.28 -4.12
C ILE A 49 4.53 0.37 -2.99
N VAL A 50 3.84 0.42 -1.86
CA VAL A 50 4.21 -0.39 -0.70
C VAL A 50 3.37 -1.67 -0.65
N GLU A 51 4.03 -2.81 -0.80
CA GLU A 51 3.34 -4.10 -0.76
C GLU A 51 3.36 -4.69 0.65
N MET A 52 2.35 -5.47 0.97
CA MET A 52 2.25 -6.10 2.29
C MET A 52 2.33 -7.62 2.17
N GLY A 53 2.65 -8.28 3.29
CA GLY A 53 2.75 -9.72 3.29
C GLY A 53 1.43 -10.40 2.94
N ASP A 54 0.56 -10.50 3.93
CA ASP A 54 -0.75 -11.14 3.74
C ASP A 54 -1.87 -10.11 3.81
N VAL A 55 -3.09 -10.55 3.54
CA VAL A 55 -4.25 -9.67 3.58
C VAL A 55 -4.33 -8.93 4.91
N GLY A 56 -4.05 -9.64 5.99
CA GLY A 56 -4.09 -9.03 7.31
C GLY A 56 -3.22 -7.80 7.41
N ALA A 57 -2.01 -7.88 6.89
CA ALA A 57 -1.08 -6.76 6.92
C ALA A 57 -1.72 -5.50 6.33
N ARG A 58 -2.11 -5.58 5.06
CA ARG A 58 -2.72 -4.44 4.39
C ARG A 58 -3.87 -3.87 5.22
N GLU A 59 -4.73 -4.75 5.71
CA GLU A 59 -5.87 -4.35 6.52
C GLU A 59 -5.42 -3.47 7.69
N ALA A 60 -4.46 -3.96 8.46
CA ALA A 60 -3.94 -3.22 9.60
C ALA A 60 -3.66 -1.76 9.23
N VAL A 61 -2.91 -1.57 8.15
CA VAL A 61 -2.56 -0.23 7.69
C VAL A 61 -3.80 0.53 7.23
N LEU A 62 -4.71 -0.18 6.57
CA LEU A 62 -5.94 0.42 6.07
C LEU A 62 -6.85 0.82 7.22
N SER A 63 -6.58 0.28 8.40
CA SER A 63 -7.37 0.58 9.59
C SER A 63 -6.70 1.65 10.44
N GLN A 64 -5.95 2.54 9.79
CA GLN A 64 -5.24 3.60 10.49
C GLN A 64 -5.82 4.96 10.12
N SER A 65 -6.54 5.56 11.05
CA SER A 65 -7.15 6.87 10.82
C SER A 65 -6.20 7.79 10.07
N GLN A 66 -5.17 8.27 10.78
CA GLN A 66 -4.19 9.16 10.18
C GLN A 66 -2.78 8.56 10.27
N HIS A 67 -1.99 8.77 9.22
CA HIS A 67 -0.63 8.25 9.16
C HIS A 67 0.38 9.37 9.37
N SER A 68 1.48 9.05 10.05
CA SER A 68 2.53 10.03 10.31
C SER A 68 3.87 9.34 10.57
N LEU A 69 4.93 9.90 10.00
CA LEU A 69 6.26 9.34 10.17
C LEU A 69 7.15 10.28 10.98
N GLY A 70 7.37 9.93 12.24
CA GLY A 70 8.19 10.75 13.11
C GLY A 70 8.04 12.22 12.83
N GLY A 71 6.80 12.72 12.93
CA GLY A 71 6.55 14.13 12.68
C GLY A 71 5.97 14.38 11.30
N HIS A 72 6.61 13.81 10.28
CA HIS A 72 6.16 13.97 8.91
C HIS A 72 4.75 13.43 8.72
N ARG A 73 4.20 13.59 7.53
CA ARG A 73 2.86 13.12 7.22
C ARG A 73 2.81 12.41 5.87
N LEU A 74 2.40 11.15 5.88
CA LEU A 74 2.31 10.38 4.65
C LEU A 74 0.86 10.25 4.18
N ARG A 75 0.69 9.98 2.90
CA ARG A 75 -0.65 9.84 2.32
C ARG A 75 -0.87 8.42 1.80
N VAL A 76 -1.21 7.51 2.72
CA VAL A 76 -1.45 6.12 2.35
C VAL A 76 -2.89 5.92 1.87
N ARG A 77 -3.04 5.14 0.81
CA ARG A 77 -4.36 4.86 0.26
C ARG A 77 -4.32 3.66 -0.69
N PRO A 78 -5.43 2.90 -0.74
CA PRO A 78 -5.54 1.72 -1.59
C PRO A 78 -5.02 1.96 -2.99
N ARG A 79 -4.03 1.16 -3.41
CA ARG A 79 -3.46 1.30 -4.73
C ARG A 79 -4.49 1.04 -5.82
N GLU A 80 -5.54 0.30 -5.46
CA GLU A 80 -6.60 -0.03 -6.40
C GLU A 80 -7.88 -0.42 -5.66
N GLN A 81 -8.99 0.24 -6.02
CA GLN A 81 -10.27 -0.04 -5.39
C GLN A 81 -11.30 -0.47 -6.44
N LYS A 82 -12.09 -1.48 -6.08
CA LYS A 82 -13.12 -2.00 -6.99
C LYS A 82 -14.49 -1.42 -6.64
N GLU A 83 -14.92 -0.41 -7.38
CA GLU A 83 -16.20 0.23 -7.14
C GLU A 83 -17.33 -0.56 -7.81
N PHE A 84 -17.76 -1.65 -7.16
CA PHE A 84 -18.82 -2.48 -7.70
C PHE A 84 -19.27 -3.50 -6.65
N GLN A 85 -20.50 -3.99 -6.80
CA GLN A 85 -21.05 -4.97 -5.88
C GLN A 85 -21.97 -5.95 -6.61
N SER A 86 -22.15 -7.13 -6.02
CA SER A 86 -22.99 -8.16 -6.62
C SER A 86 -24.03 -8.66 -5.62
N PRO A 87 -25.12 -7.90 -5.45
CA PRO A 87 -26.21 -8.24 -4.53
C PRO A 87 -26.61 -9.70 -4.63
N ALA A 88 -26.02 -10.54 -3.79
CA ALA A 88 -26.33 -11.97 -3.78
C ALA A 88 -26.48 -12.50 -2.36
N SER A 89 -26.82 -13.78 -2.24
CA SER A 89 -27.00 -14.40 -0.93
C SER A 89 -26.18 -15.69 -0.84
N LYS A 90 -24.95 -15.57 -0.35
CA LYS A 90 -24.08 -16.73 -0.20
C LYS A 90 -24.25 -17.36 1.17
N SER A 91 -24.33 -18.68 1.21
CA SER A 91 -24.49 -19.42 2.46
C SER A 91 -24.14 -20.89 2.28
N PRO A 92 -23.55 -21.49 3.32
CA PRO A 92 -23.16 -22.91 3.29
C PRO A 92 -24.26 -23.81 2.74
N LYS A 93 -23.91 -24.61 1.75
CA LYS A 93 -24.87 -25.53 1.14
C LYS A 93 -24.26 -26.92 0.97
N GLY A 94 -25.08 -27.87 0.54
CA GLY A 94 -24.61 -29.23 0.35
C GLY A 94 -25.30 -29.92 -0.82
N GLY A 1 -5.86 -1.40 -25.11
CA GLY A 1 -5.84 -1.41 -23.65
C GLY A 1 -6.30 -2.72 -23.07
N SER A 2 -5.83 -3.04 -21.87
CA SER A 2 -6.19 -4.28 -21.21
C SER A 2 -7.01 -4.02 -19.96
N SER A 3 -7.47 -5.08 -19.31
CA SER A 3 -8.27 -4.96 -18.10
C SER A 3 -7.67 -5.79 -16.96
N GLY A 4 -8.09 -5.49 -15.74
CA GLY A 4 -7.58 -6.23 -14.59
C GLY A 4 -6.87 -5.33 -13.60
N SER A 5 -5.60 -5.61 -13.34
CA SER A 5 -4.82 -4.83 -12.40
C SER A 5 -5.53 -4.71 -11.05
N SER A 6 -6.11 -5.82 -10.61
CA SER A 6 -6.82 -5.85 -9.33
C SER A 6 -5.86 -5.65 -8.17
N GLY A 7 -6.41 -5.63 -6.95
CA GLY A 7 -5.59 -5.46 -5.77
C GLY A 7 -4.88 -6.73 -5.36
N LEU A 8 -3.61 -6.61 -5.03
CA LEU A 8 -2.81 -7.76 -4.60
C LEU A 8 -2.11 -7.50 -3.28
N ARG A 9 -2.90 -7.32 -2.23
CA ARG A 9 -2.37 -7.06 -0.90
C ARG A 9 -1.30 -5.96 -0.95
N SER A 10 -1.57 -4.91 -1.72
CA SER A 10 -0.64 -3.80 -1.87
C SER A 10 -1.33 -2.47 -1.61
N VAL A 11 -0.54 -1.43 -1.41
CA VAL A 11 -1.08 -0.10 -1.15
C VAL A 11 -0.21 0.98 -1.78
N PHE A 12 -0.81 2.12 -2.09
CA PHE A 12 -0.10 3.23 -2.70
C PHE A 12 0.35 4.24 -1.64
N VAL A 13 1.66 4.37 -1.48
CA VAL A 13 2.22 5.30 -0.50
C VAL A 13 2.95 6.44 -1.18
N SER A 14 2.86 7.63 -0.60
CA SER A 14 3.51 8.81 -1.15
C SER A 14 3.38 10.00 -0.21
N GLY A 15 3.99 11.12 -0.60
CA GLY A 15 3.93 12.32 0.23
C GLY A 15 4.95 12.30 1.35
N PHE A 16 6.03 11.55 1.15
CA PHE A 16 7.07 11.44 2.15
C PHE A 16 8.11 12.56 1.98
N PRO A 17 8.84 12.85 3.07
CA PRO A 17 9.87 13.90 3.06
C PRO A 17 11.15 13.44 2.38
N ARG A 18 11.65 14.25 1.45
CA ARG A 18 12.87 13.92 0.73
C ARG A 18 13.94 13.39 1.67
N GLY A 19 14.41 12.18 1.41
CA GLY A 19 15.43 11.58 2.25
C GLY A 19 15.04 10.19 2.74
N VAL A 20 13.77 9.83 2.54
CA VAL A 20 13.27 8.53 2.97
C VAL A 20 13.79 7.42 2.07
N ASP A 21 14.26 6.34 2.69
CA ASP A 21 14.79 5.20 1.95
C ASP A 21 13.93 3.95 2.18
N SER A 22 13.75 3.16 1.13
CA SER A 22 12.95 1.95 1.22
C SER A 22 13.16 1.26 2.56
N ALA A 23 14.37 1.34 3.08
CA ALA A 23 14.71 0.73 4.36
C ALA A 23 13.85 1.32 5.48
N GLN A 24 13.79 2.64 5.55
CA GLN A 24 13.01 3.32 6.58
C GLN A 24 11.53 2.96 6.46
N LEU A 25 11.00 3.06 5.25
CA LEU A 25 9.60 2.75 5.00
C LEU A 25 9.26 1.35 5.48
N SER A 26 9.96 0.34 4.92
CA SER A 26 9.72 -1.04 5.29
C SER A 26 9.62 -1.19 6.80
N GLU A 27 10.61 -0.66 7.52
CA GLU A 27 10.63 -0.74 8.97
C GLU A 27 9.40 -0.06 9.57
N TYR A 28 9.10 1.14 9.08
CA TYR A 28 7.96 1.89 9.57
C TYR A 28 6.66 1.13 9.33
N PHE A 29 6.69 0.23 8.35
CA PHE A 29 5.50 -0.57 8.02
C PHE A 29 5.52 -1.89 8.79
N LEU A 30 6.71 -2.33 9.19
CA LEU A 30 6.84 -3.58 9.92
C LEU A 30 6.11 -3.51 11.27
N ALA A 31 5.75 -2.30 11.68
CA ALA A 31 5.04 -2.10 12.92
C ALA A 31 3.60 -2.59 12.83
N PHE A 32 3.08 -2.62 11.61
CA PHE A 32 1.71 -3.05 11.37
C PHE A 32 1.68 -4.38 10.62
N GLY A 33 2.74 -4.65 9.86
CA GLY A 33 2.82 -5.89 9.11
C GLY A 33 4.06 -5.96 8.24
N PRO A 34 4.37 -7.16 7.73
CA PRO A 34 5.54 -7.40 6.88
C PRO A 34 5.35 -6.84 5.47
N VAL A 35 6.36 -6.15 4.97
CA VAL A 35 6.31 -5.57 3.64
C VAL A 35 6.97 -6.49 2.61
N ALA A 36 6.16 -7.05 1.71
CA ALA A 36 6.66 -7.94 0.67
C ALA A 36 7.78 -7.28 -0.12
N SER A 37 7.53 -6.06 -0.59
CA SER A 37 8.52 -5.33 -1.37
C SER A 37 8.11 -3.87 -1.53
N VAL A 38 9.07 -3.02 -1.89
CA VAL A 38 8.82 -1.60 -2.08
C VAL A 38 9.33 -1.12 -3.43
N VAL A 39 8.43 -0.60 -4.25
CA VAL A 39 8.79 -0.09 -5.57
C VAL A 39 8.71 1.42 -5.62
N MET A 40 9.87 2.07 -5.73
CA MET A 40 9.92 3.53 -5.80
C MET A 40 10.12 4.00 -7.23
N ASP A 41 9.32 4.98 -7.66
CA ASP A 41 9.41 5.52 -9.00
C ASP A 41 10.83 6.04 -9.29
N LYS A 42 11.08 6.39 -10.54
CA LYS A 42 12.38 6.92 -10.94
C LYS A 42 12.24 8.23 -11.69
N ASP A 43 11.24 8.30 -12.56
CA ASP A 43 10.99 9.51 -13.35
C ASP A 43 11.07 10.75 -12.47
N LYS A 44 10.34 10.74 -11.36
CA LYS A 44 10.33 11.87 -10.42
C LYS A 44 10.69 11.41 -9.02
N GLY A 45 10.22 10.23 -8.64
CA GLY A 45 10.50 9.70 -7.32
C GLY A 45 9.68 10.36 -6.24
N VAL A 46 8.38 10.49 -6.48
CA VAL A 46 7.47 11.11 -5.53
C VAL A 46 6.37 10.15 -5.10
N PHE A 47 6.54 8.87 -5.44
CA PHE A 47 5.57 7.85 -5.09
C PHE A 47 6.20 6.46 -5.13
N ALA A 48 5.61 5.53 -4.38
CA ALA A 48 6.12 4.16 -4.33
C ALA A 48 5.00 3.19 -3.96
N ILE A 49 5.04 1.99 -4.54
CA ILE A 49 4.05 0.98 -4.27
C ILE A 49 4.51 0.04 -3.15
N VAL A 50 3.88 0.15 -1.99
CA VAL A 50 4.23 -0.69 -0.84
C VAL A 50 3.35 -1.92 -0.78
N GLU A 51 3.97 -3.08 -0.61
CA GLU A 51 3.24 -4.34 -0.53
C GLU A 51 3.32 -4.93 0.88
N MET A 52 2.57 -6.01 1.11
CA MET A 52 2.56 -6.67 2.40
C MET A 52 2.48 -8.18 2.24
N GLY A 53 3.02 -8.90 3.23
CA GLY A 53 3.01 -10.35 3.17
C GLY A 53 1.61 -10.92 3.05
N ASP A 54 0.84 -10.86 4.13
CA ASP A 54 -0.51 -11.36 4.14
C ASP A 54 -1.52 -10.25 3.80
N VAL A 55 -2.76 -10.65 3.56
CA VAL A 55 -3.80 -9.69 3.22
C VAL A 55 -4.20 -8.84 4.42
N GLY A 56 -4.31 -9.49 5.58
CA GLY A 56 -4.67 -8.78 6.80
C GLY A 56 -3.77 -7.58 7.06
N ALA A 57 -2.46 -7.77 6.85
CA ALA A 57 -1.50 -6.71 7.07
C ALA A 57 -1.89 -5.44 6.32
N ARG A 58 -2.39 -5.61 5.10
CA ARG A 58 -2.81 -4.49 4.27
C ARG A 58 -3.97 -3.73 4.93
N GLU A 59 -4.89 -4.48 5.54
CA GLU A 59 -6.04 -3.88 6.21
C GLU A 59 -5.61 -2.97 7.35
N ALA A 60 -4.83 -3.52 8.27
CA ALA A 60 -4.34 -2.76 9.41
C ALA A 60 -3.95 -1.34 9.01
N VAL A 61 -3.00 -1.24 8.09
CA VAL A 61 -2.55 0.07 7.61
C VAL A 61 -3.72 0.98 7.30
N LEU A 62 -4.69 0.45 6.55
CA LEU A 62 -5.87 1.23 6.18
C LEU A 62 -6.70 1.59 7.41
N SER A 63 -6.81 0.64 8.33
CA SER A 63 -7.58 0.85 9.56
C SER A 63 -6.71 1.48 10.64
N GLN A 64 -5.79 2.35 10.22
CA GLN A 64 -4.89 3.02 11.16
C GLN A 64 -5.32 4.47 11.37
N SER A 65 -5.59 4.82 12.63
CA SER A 65 -6.01 6.17 12.98
C SER A 65 -5.30 7.20 12.08
N GLN A 66 -4.02 7.43 12.37
CA GLN A 66 -3.24 8.39 11.60
C GLN A 66 -1.84 7.86 11.32
N HIS A 67 -1.37 8.04 10.09
CA HIS A 67 -0.05 7.56 9.69
C HIS A 67 0.99 8.66 9.89
N SER A 68 2.13 8.29 10.48
CA SER A 68 3.21 9.24 10.74
C SER A 68 4.54 8.51 10.89
N LEU A 69 5.58 9.08 10.29
CA LEU A 69 6.92 8.49 10.35
C LEU A 69 7.76 9.19 11.42
N GLY A 70 7.52 8.85 12.68
CA GLY A 70 8.28 9.46 13.76
C GLY A 70 8.37 10.97 13.64
N GLY A 71 7.21 11.62 13.52
CA GLY A 71 7.19 13.06 13.39
C GLY A 71 6.54 13.51 12.10
N HIS A 72 7.16 13.18 10.98
CA HIS A 72 6.63 13.56 9.67
C HIS A 72 5.33 12.83 9.37
N ARG A 73 4.57 13.33 8.41
CA ARG A 73 3.31 12.72 8.03
C ARG A 73 3.40 12.08 6.64
N LEU A 74 2.50 11.15 6.37
CA LEU A 74 2.48 10.46 5.08
C LEU A 74 1.08 10.44 4.48
N ARG A 75 0.97 9.97 3.25
CA ARG A 75 -0.32 9.89 2.57
C ARG A 75 -0.50 8.53 1.91
N VAL A 76 -1.10 7.60 2.64
CA VAL A 76 -1.33 6.25 2.12
C VAL A 76 -2.78 6.09 1.66
N ARG A 77 -2.94 5.59 0.45
CA ARG A 77 -4.28 5.38 -0.11
C ARG A 77 -4.38 4.02 -0.79
N PRO A 78 -5.58 3.41 -0.73
CA PRO A 78 -5.83 2.10 -1.34
C PRO A 78 -5.26 1.99 -2.75
N ARG A 79 -4.28 1.11 -2.92
CA ARG A 79 -3.65 0.91 -4.21
C ARG A 79 -4.66 1.03 -5.34
N GLU A 80 -5.66 0.15 -5.32
CA GLU A 80 -6.71 0.16 -6.34
C GLU A 80 -7.26 1.57 -6.54
N GLN A 81 -7.45 1.94 -7.80
CA GLN A 81 -7.97 3.27 -8.13
C GLN A 81 -9.47 3.34 -7.90
N LYS A 82 -10.14 2.21 -8.04
CA LYS A 82 -11.58 2.13 -7.84
C LYS A 82 -12.08 0.69 -7.94
N GLU A 83 -13.36 0.49 -7.64
CA GLU A 83 -13.95 -0.85 -7.70
C GLU A 83 -14.07 -1.33 -9.13
N PHE A 84 -13.68 -2.59 -9.36
CA PHE A 84 -13.74 -3.17 -10.69
C PHE A 84 -15.15 -3.16 -11.23
N GLN A 85 -15.29 -3.36 -12.54
CA GLN A 85 -16.60 -3.38 -13.18
C GLN A 85 -17.59 -4.20 -12.37
N SER A 86 -17.20 -5.44 -12.04
CA SER A 86 -18.06 -6.33 -11.27
C SER A 86 -17.23 -7.26 -10.39
N PRO A 87 -17.75 -7.56 -9.19
CA PRO A 87 -17.07 -8.44 -8.24
C PRO A 87 -17.22 -9.91 -8.60
N ALA A 88 -16.09 -10.60 -8.72
CA ALA A 88 -16.09 -12.01 -9.06
C ALA A 88 -16.70 -12.86 -7.94
N SER A 89 -16.22 -12.65 -6.72
CA SER A 89 -16.72 -13.38 -5.57
C SER A 89 -16.16 -12.80 -4.27
N LYS A 90 -17.03 -12.71 -3.26
CA LYS A 90 -16.62 -12.17 -1.97
C LYS A 90 -15.94 -13.23 -1.12
N SER A 91 -14.62 -13.17 -1.05
CA SER A 91 -13.84 -14.14 -0.27
C SER A 91 -12.78 -13.43 0.57
N PRO A 92 -12.53 -13.96 1.77
CA PRO A 92 -11.55 -13.41 2.70
C PRO A 92 -10.12 -13.77 2.31
N LYS A 93 -9.99 -14.71 1.38
CA LYS A 93 -8.67 -15.15 0.92
C LYS A 93 -8.64 -15.24 -0.61
N GLY A 94 -7.82 -14.39 -1.23
CA GLY A 94 -7.70 -14.39 -2.67
C GLY A 94 -8.50 -13.28 -3.31
N GLY A 1 -23.21 -11.42 -11.17
CA GLY A 1 -23.22 -10.18 -11.91
C GLY A 1 -21.85 -9.79 -12.42
N SER A 2 -21.71 -8.54 -12.84
CA SER A 2 -20.43 -8.04 -13.36
C SER A 2 -19.27 -8.58 -12.54
N SER A 3 -18.17 -8.89 -13.22
CA SER A 3 -16.98 -9.42 -12.55
C SER A 3 -16.38 -8.36 -11.61
N GLY A 4 -16.20 -8.76 -10.35
CA GLY A 4 -15.63 -7.85 -9.37
C GLY A 4 -14.22 -8.23 -8.96
N SER A 5 -13.46 -7.25 -8.50
CA SER A 5 -12.08 -7.49 -8.07
C SER A 5 -12.05 -8.24 -6.74
N SER A 6 -10.87 -8.74 -6.39
CA SER A 6 -10.70 -9.48 -5.15
C SER A 6 -10.07 -8.60 -4.07
N GLY A 7 -8.98 -7.92 -4.44
CA GLY A 7 -8.31 -7.06 -3.49
C GLY A 7 -6.82 -7.36 -3.40
N LEU A 8 -6.06 -6.93 -4.39
CA LEU A 8 -4.62 -7.17 -4.41
C LEU A 8 -3.93 -6.46 -3.24
N ARG A 9 -3.21 -7.23 -2.44
CA ARG A 9 -2.50 -6.69 -1.29
C ARG A 9 -1.46 -5.65 -1.73
N SER A 10 -1.84 -4.38 -1.65
CA SER A 10 -0.94 -3.30 -2.03
C SER A 10 -1.45 -1.96 -1.51
N VAL A 11 -0.52 -1.10 -1.12
CA VAL A 11 -0.86 0.22 -0.58
C VAL A 11 -0.03 1.30 -1.24
N PHE A 12 -0.69 2.33 -1.76
CA PHE A 12 -0.01 3.44 -2.42
C PHE A 12 0.51 4.44 -1.38
N VAL A 13 1.83 4.47 -1.21
CA VAL A 13 2.45 5.37 -0.25
C VAL A 13 3.12 6.54 -0.96
N SER A 14 2.84 7.76 -0.50
CA SER A 14 3.41 8.96 -1.09
C SER A 14 3.46 10.10 -0.07
N GLY A 15 4.24 11.12 -0.39
CA GLY A 15 4.36 12.26 0.51
C GLY A 15 5.47 12.09 1.53
N PHE A 16 6.40 11.18 1.24
CA PHE A 16 7.52 10.91 2.14
C PHE A 16 8.62 11.95 1.96
N PRO A 17 9.38 12.19 3.04
CA PRO A 17 10.47 13.17 3.03
C PRO A 17 11.36 13.04 1.79
N ARG A 18 12.18 14.05 1.56
CA ARG A 18 13.08 14.05 0.40
C ARG A 18 14.41 13.39 0.75
N GLY A 19 14.50 12.09 0.47
CA GLY A 19 15.72 11.35 0.75
C GLY A 19 15.46 10.05 1.48
N VAL A 20 14.18 9.71 1.63
CA VAL A 20 13.79 8.48 2.32
C VAL A 20 14.34 7.26 1.60
N ASP A 21 14.51 6.17 2.33
CA ASP A 21 15.02 4.92 1.76
C ASP A 21 13.98 3.82 1.85
N SER A 22 14.18 2.76 1.07
CA SER A 22 13.25 1.63 1.07
C SER A 22 13.24 0.93 2.42
N ALA A 23 14.41 0.75 3.00
CA ALA A 23 14.53 0.10 4.30
C ALA A 23 13.75 0.85 5.37
N GLN A 24 13.95 2.16 5.44
CA GLN A 24 13.25 2.99 6.41
C GLN A 24 11.75 2.78 6.33
N LEU A 25 11.18 3.03 5.16
CA LEU A 25 9.75 2.88 4.94
C LEU A 25 9.27 1.53 5.47
N SER A 26 9.75 0.46 4.87
CA SER A 26 9.37 -0.89 5.29
C SER A 26 9.33 -1.01 6.81
N GLU A 27 10.44 -0.62 7.44
CA GLU A 27 10.54 -0.68 8.90
C GLU A 27 9.31 -0.06 9.56
N TYR A 28 9.05 1.20 9.24
CA TYR A 28 7.91 1.91 9.81
C TYR A 28 6.61 1.16 9.52
N PHE A 29 6.64 0.30 8.51
CA PHE A 29 5.47 -0.48 8.14
C PHE A 29 5.48 -1.84 8.83
N LEU A 30 6.64 -2.23 9.36
CA LEU A 30 6.77 -3.50 10.05
C LEU A 30 6.02 -3.49 11.37
N ALA A 31 5.59 -2.31 11.79
CA ALA A 31 4.84 -2.16 13.04
C ALA A 31 3.41 -2.63 12.88
N PHE A 32 2.97 -2.78 11.63
CA PHE A 32 1.61 -3.22 11.35
C PHE A 32 1.62 -4.50 10.51
N GLY A 33 2.74 -4.76 9.86
CA GLY A 33 2.86 -5.95 9.03
C GLY A 33 4.14 -5.98 8.23
N PRO A 34 4.53 -7.17 7.76
CA PRO A 34 5.75 -7.37 6.97
C PRO A 34 5.60 -6.85 5.55
N VAL A 35 6.47 -5.91 5.17
CA VAL A 35 6.44 -5.34 3.83
C VAL A 35 7.13 -6.25 2.83
N ALA A 36 6.36 -6.74 1.85
CA ALA A 36 6.90 -7.63 0.83
C ALA A 36 8.01 -6.94 0.05
N SER A 37 7.74 -5.72 -0.40
CA SER A 37 8.71 -4.95 -1.18
C SER A 37 8.29 -3.49 -1.29
N VAL A 38 9.25 -2.64 -1.63
CA VAL A 38 8.98 -1.21 -1.78
C VAL A 38 9.38 -0.71 -3.17
N VAL A 39 8.40 -0.28 -3.94
CA VAL A 39 8.65 0.23 -5.29
C VAL A 39 8.57 1.75 -5.32
N MET A 40 9.70 2.38 -5.61
CA MET A 40 9.75 3.84 -5.67
C MET A 40 9.91 4.31 -7.12
N ASP A 41 9.23 5.40 -7.46
CA ASP A 41 9.30 5.95 -8.81
C ASP A 41 10.72 6.40 -9.14
N LYS A 42 11.14 6.10 -10.37
CA LYS A 42 12.48 6.48 -10.82
C LYS A 42 12.44 7.76 -11.65
N ASP A 43 11.30 8.01 -12.29
CA ASP A 43 11.13 9.21 -13.11
C ASP A 43 11.28 10.47 -12.27
N LYS A 44 10.44 10.60 -11.25
CA LYS A 44 10.48 11.76 -10.37
C LYS A 44 10.80 11.35 -8.93
N GLY A 45 10.00 10.41 -8.40
CA GLY A 45 10.22 9.95 -7.05
C GLY A 45 9.33 10.65 -6.04
N VAL A 46 8.05 10.79 -6.39
CA VAL A 46 7.09 11.45 -5.51
C VAL A 46 6.08 10.45 -4.96
N PHE A 47 6.20 9.19 -5.38
CA PHE A 47 5.30 8.14 -4.93
C PHE A 47 6.00 6.78 -4.90
N ALA A 48 5.44 5.85 -4.14
CA ALA A 48 6.02 4.52 -4.02
C ALA A 48 4.94 3.48 -3.72
N ILE A 49 4.97 2.38 -4.46
CA ILE A 49 4.00 1.31 -4.27
C ILE A 49 4.50 0.30 -3.24
N VAL A 50 3.98 0.39 -2.02
CA VAL A 50 4.37 -0.52 -0.96
C VAL A 50 3.48 -1.76 -0.93
N GLU A 51 4.08 -2.91 -0.65
CA GLU A 51 3.33 -4.17 -0.60
C GLU A 51 3.43 -4.80 0.79
N MET A 52 2.47 -5.67 1.10
CA MET A 52 2.44 -6.35 2.39
C MET A 52 2.59 -7.85 2.23
N GLY A 53 2.80 -8.55 3.33
CA GLY A 53 2.96 -9.99 3.29
C GLY A 53 1.63 -10.71 3.21
N ASP A 54 0.75 -10.45 4.16
CA ASP A 54 -0.56 -11.08 4.19
C ASP A 54 -1.67 -10.04 4.11
N VAL A 55 -2.87 -10.48 3.78
CA VAL A 55 -4.02 -9.59 3.66
C VAL A 55 -4.27 -8.85 4.96
N GLY A 56 -4.14 -9.56 6.08
CA GLY A 56 -4.34 -8.95 7.38
C GLY A 56 -3.46 -7.73 7.60
N ALA A 57 -2.24 -7.78 7.07
CA ALA A 57 -1.31 -6.69 7.22
C ALA A 57 -1.83 -5.42 6.55
N ARG A 58 -1.98 -5.48 5.22
CA ARG A 58 -2.48 -4.34 4.46
C ARG A 58 -3.80 -3.82 5.05
N GLU A 59 -4.63 -4.74 5.51
CA GLU A 59 -5.92 -4.38 6.10
C GLU A 59 -5.73 -3.47 7.31
N ALA A 60 -4.87 -3.90 8.23
CA ALA A 60 -4.60 -3.13 9.44
C ALA A 60 -4.36 -1.66 9.11
N VAL A 61 -3.38 -1.41 8.23
CA VAL A 61 -3.05 -0.05 7.83
C VAL A 61 -4.29 0.71 7.39
N LEU A 62 -5.03 0.14 6.44
CA LEU A 62 -6.25 0.77 5.95
C LEU A 62 -7.20 1.12 7.08
N SER A 63 -7.36 0.18 8.01
CA SER A 63 -8.24 0.38 9.16
C SER A 63 -7.49 1.01 10.32
N GLN A 64 -6.70 2.04 10.01
CA GLN A 64 -5.92 2.74 11.04
C GLN A 64 -6.42 4.17 11.22
N SER A 65 -6.19 4.72 12.41
CA SER A 65 -6.61 6.09 12.70
C SER A 65 -5.84 7.09 11.86
N GLN A 66 -4.56 7.29 12.20
CA GLN A 66 -3.73 8.23 11.46
C GLN A 66 -2.33 7.65 11.24
N HIS A 67 -1.58 8.26 10.34
CA HIS A 67 -0.23 7.81 10.02
C HIS A 67 0.75 8.98 10.00
N SER A 68 1.92 8.76 10.59
CA SER A 68 2.95 9.81 10.64
C SER A 68 4.34 9.20 10.64
N LEU A 69 5.27 9.84 9.95
CA LEU A 69 6.65 9.36 9.87
C LEU A 69 7.59 10.29 10.65
N GLY A 70 7.66 10.09 11.96
CA GLY A 70 8.53 10.91 12.78
C GLY A 70 8.30 12.40 12.56
N GLY A 71 7.07 12.85 12.79
CA GLY A 71 6.74 14.24 12.61
C GLY A 71 6.06 14.52 11.28
N HIS A 72 6.69 14.08 10.20
CA HIS A 72 6.14 14.28 8.87
C HIS A 72 4.79 13.58 8.72
N ARG A 73 4.18 13.71 7.55
CA ARG A 73 2.89 13.09 7.28
C ARG A 73 2.96 12.16 6.08
N LEU A 74 2.10 11.14 6.06
CA LEU A 74 2.07 10.19 4.96
C LEU A 74 0.64 10.00 4.45
N ARG A 75 0.50 9.94 3.14
CA ARG A 75 -0.81 9.76 2.52
C ARG A 75 -0.94 8.36 1.91
N VAL A 76 -1.27 7.39 2.75
CA VAL A 76 -1.42 6.01 2.31
C VAL A 76 -2.84 5.74 1.81
N ARG A 77 -2.95 5.28 0.57
CA ARG A 77 -4.26 4.98 -0.02
C ARG A 77 -4.19 3.72 -0.87
N PRO A 78 -5.29 2.95 -0.86
CA PRO A 78 -5.39 1.71 -1.62
C PRO A 78 -4.88 1.85 -3.05
N ARG A 79 -3.95 0.97 -3.43
CA ARG A 79 -3.38 1.01 -4.77
C ARG A 79 -4.47 1.15 -5.83
N GLU A 80 -5.46 0.26 -5.78
CA GLU A 80 -6.56 0.28 -6.73
C GLU A 80 -7.90 0.36 -6.01
N GLN A 81 -8.38 1.59 -5.79
CA GLN A 81 -9.64 1.80 -5.11
C GLN A 81 -10.79 1.90 -6.12
N LYS A 82 -10.56 2.64 -7.19
CA LYS A 82 -11.57 2.81 -8.23
C LYS A 82 -12.26 1.48 -8.55
N GLU A 83 -13.59 1.49 -8.53
CA GLU A 83 -14.37 0.28 -8.82
C GLU A 83 -15.86 0.60 -8.85
N PHE A 84 -16.47 0.44 -10.02
CA PHE A 84 -17.89 0.70 -10.19
C PHE A 84 -18.69 0.09 -9.04
N GLN A 85 -18.33 -1.14 -8.67
CA GLN A 85 -19.02 -1.84 -7.60
C GLN A 85 -18.05 -2.67 -6.77
N SER A 86 -18.35 -2.83 -5.49
CA SER A 86 -17.49 -3.60 -4.59
C SER A 86 -18.24 -4.79 -4.02
N PRO A 87 -17.52 -5.91 -3.83
CA PRO A 87 -18.08 -7.14 -3.29
C PRO A 87 -18.27 -7.08 -1.78
N ALA A 88 -19.46 -6.68 -1.35
CA ALA A 88 -19.77 -6.58 0.07
C ALA A 88 -20.08 -7.96 0.67
N SER A 89 -19.06 -8.58 1.25
CA SER A 89 -19.22 -9.90 1.85
C SER A 89 -18.10 -10.19 2.85
N LYS A 90 -18.20 -11.33 3.52
CA LYS A 90 -17.20 -11.72 4.50
C LYS A 90 -17.19 -13.24 4.70
N SER A 91 -16.06 -13.77 5.13
CA SER A 91 -15.91 -15.20 5.36
C SER A 91 -14.80 -15.50 6.36
N PRO A 92 -15.00 -16.52 7.19
CA PRO A 92 -14.04 -16.92 8.21
C PRO A 92 -12.88 -17.72 7.63
N LYS A 93 -11.72 -17.07 7.49
CA LYS A 93 -10.54 -17.73 6.94
C LYS A 93 -10.88 -18.47 5.65
N GLY A 94 -11.66 -17.82 4.79
CA GLY A 94 -12.03 -18.44 3.52
C GLY A 94 -11.24 -17.89 2.35
N GLY A 1 -11.52 -11.08 6.23
CA GLY A 1 -11.41 -9.77 6.85
C GLY A 1 -12.16 -8.70 6.08
N SER A 2 -11.62 -8.31 4.94
CA SER A 2 -12.24 -7.28 4.11
C SER A 2 -12.44 -7.77 2.68
N SER A 3 -13.68 -8.13 2.34
CA SER A 3 -14.00 -8.62 1.01
C SER A 3 -13.50 -7.67 -0.07
N GLY A 4 -12.67 -8.17 -0.96
CA GLY A 4 -12.12 -7.35 -2.03
C GLY A 4 -11.13 -8.10 -2.89
N SER A 5 -11.52 -9.28 -3.36
CA SER A 5 -10.65 -10.09 -4.20
C SER A 5 -9.78 -9.21 -5.10
N SER A 6 -10.44 -8.35 -5.88
CA SER A 6 -9.74 -7.47 -6.80
C SER A 6 -8.63 -6.71 -6.07
N GLY A 7 -9.00 -6.03 -4.98
CA GLY A 7 -8.03 -5.28 -4.21
C GLY A 7 -6.81 -6.10 -3.84
N LEU A 8 -5.68 -5.80 -4.47
CA LEU A 8 -4.44 -6.52 -4.19
C LEU A 8 -3.94 -6.23 -2.78
N ARG A 9 -2.93 -6.99 -2.35
CA ARG A 9 -2.37 -6.82 -1.02
C ARG A 9 -1.31 -5.72 -1.02
N SER A 10 -1.51 -4.71 -1.85
CA SER A 10 -0.57 -3.60 -1.96
C SER A 10 -1.28 -2.27 -1.71
N VAL A 11 -0.52 -1.26 -1.29
CA VAL A 11 -1.07 0.05 -1.03
C VAL A 11 -0.19 1.15 -1.63
N PHE A 12 -0.82 2.25 -2.04
CA PHE A 12 -0.10 3.36 -2.64
C PHE A 12 0.33 4.36 -1.57
N VAL A 13 1.64 4.60 -1.49
CA VAL A 13 2.18 5.54 -0.51
C VAL A 13 2.95 6.66 -1.19
N SER A 14 2.89 7.85 -0.60
CA SER A 14 3.58 9.01 -1.16
C SER A 14 3.59 10.17 -0.15
N GLY A 15 4.19 11.28 -0.56
CA GLY A 15 4.26 12.43 0.31
C GLY A 15 5.31 12.28 1.41
N PHE A 16 6.36 11.51 1.11
CA PHE A 16 7.42 11.28 2.07
C PHE A 16 8.55 12.30 1.90
N PRO A 17 9.21 12.66 3.02
CA PRO A 17 10.30 13.62 3.00
C PRO A 17 11.31 13.35 1.89
N ARG A 18 12.31 14.22 1.77
CA ARG A 18 13.33 14.06 0.75
C ARG A 18 14.52 13.25 1.27
N GLY A 19 14.71 12.07 0.71
CA GLY A 19 15.80 11.21 1.14
C GLY A 19 15.32 9.87 1.66
N VAL A 20 14.07 9.83 2.12
CA VAL A 20 13.50 8.59 2.65
C VAL A 20 13.86 7.40 1.77
N ASP A 21 14.45 6.38 2.38
CA ASP A 21 14.85 5.18 1.67
C ASP A 21 13.93 4.01 2.02
N SER A 22 13.63 3.19 1.02
CA SER A 22 12.75 2.03 1.22
C SER A 22 12.99 1.41 2.60
N ALA A 23 14.24 1.11 2.90
CA ALA A 23 14.59 0.52 4.19
C ALA A 23 13.79 1.15 5.32
N GLN A 24 13.94 2.46 5.50
CA GLN A 24 13.23 3.16 6.55
C GLN A 24 11.73 2.88 6.48
N LEU A 25 11.14 3.13 5.32
CA LEU A 25 9.71 2.91 5.12
C LEU A 25 9.31 1.50 5.57
N SER A 26 9.89 0.50 4.92
CA SER A 26 9.60 -0.89 5.25
C SER A 26 9.58 -1.09 6.77
N GLU A 27 10.60 -0.58 7.45
CA GLU A 27 10.70 -0.71 8.89
C GLU A 27 9.52 -0.02 9.59
N TYR A 28 9.24 1.22 9.16
CA TYR A 28 8.14 1.98 9.74
C TYR A 28 6.81 1.26 9.55
N PHE A 29 6.73 0.46 8.49
CA PHE A 29 5.51 -0.29 8.19
C PHE A 29 5.47 -1.60 8.96
N LEU A 30 6.66 -2.13 9.26
CA LEU A 30 6.76 -3.38 10.00
C LEU A 30 6.07 -3.28 11.35
N ALA A 31 5.73 -2.06 11.76
CA ALA A 31 5.07 -1.82 13.03
C ALA A 31 3.62 -2.31 12.99
N PHE A 32 3.12 -2.56 11.78
CA PHE A 32 1.75 -3.03 11.60
C PHE A 32 1.73 -4.37 10.89
N GLY A 33 2.65 -4.56 9.96
CA GLY A 33 2.72 -5.81 9.22
C GLY A 33 3.96 -5.90 8.35
N PRO A 34 4.25 -7.11 7.86
CA PRO A 34 5.42 -7.35 7.01
C PRO A 34 5.23 -6.81 5.59
N VAL A 35 6.28 -6.18 5.06
CA VAL A 35 6.23 -5.63 3.72
C VAL A 35 6.96 -6.51 2.72
N ALA A 36 6.21 -7.05 1.75
CA ALA A 36 6.78 -7.91 0.74
C ALA A 36 7.91 -7.21 -0.01
N SER A 37 7.63 -6.02 -0.52
CA SER A 37 8.62 -5.25 -1.27
C SER A 37 8.18 -3.79 -1.40
N VAL A 38 9.14 -2.92 -1.68
CA VAL A 38 8.87 -1.50 -1.83
C VAL A 38 9.35 -0.98 -3.18
N VAL A 39 8.41 -0.60 -4.03
CA VAL A 39 8.73 -0.08 -5.36
C VAL A 39 8.71 1.45 -5.38
N MET A 40 9.89 2.04 -5.41
CA MET A 40 10.00 3.50 -5.44
C MET A 40 10.24 4.01 -6.85
N ASP A 41 9.53 5.06 -7.23
CA ASP A 41 9.66 5.64 -8.57
C ASP A 41 11.11 6.05 -8.83
N LYS A 42 11.51 5.99 -10.10
CA LYS A 42 12.87 6.36 -10.49
C LYS A 42 12.86 7.60 -11.38
N ASP A 43 11.78 7.76 -12.14
CA ASP A 43 11.65 8.91 -13.04
C ASP A 43 11.90 10.22 -12.30
N LYS A 44 11.17 10.42 -11.20
CA LYS A 44 11.32 11.62 -10.40
C LYS A 44 11.50 11.28 -8.92
N GLY A 45 10.66 10.37 -8.42
CA GLY A 45 10.75 9.96 -7.03
C GLY A 45 9.81 10.74 -6.15
N VAL A 46 8.51 10.65 -6.44
CA VAL A 46 7.50 11.36 -5.66
C VAL A 46 6.43 10.39 -5.15
N PHE A 47 6.61 9.12 -5.45
CA PHE A 47 5.66 8.09 -5.03
C PHE A 47 6.32 6.72 -4.96
N ALA A 48 5.66 5.78 -4.30
CA ALA A 48 6.18 4.43 -4.16
C ALA A 48 5.08 3.44 -3.80
N ILE A 49 5.13 2.26 -4.40
CA ILE A 49 4.13 1.23 -4.13
C ILE A 49 4.59 0.31 -3.00
N VAL A 50 3.94 0.43 -1.85
CA VAL A 50 4.27 -0.39 -0.69
C VAL A 50 3.38 -1.63 -0.62
N GLU A 51 3.99 -2.79 -0.74
CA GLU A 51 3.25 -4.06 -0.69
C GLU A 51 3.39 -4.72 0.66
N MET A 52 2.38 -5.47 1.07
CA MET A 52 2.39 -6.16 2.35
C MET A 52 2.38 -7.67 2.16
N GLY A 53 2.75 -8.40 3.20
CA GLY A 53 2.77 -9.85 3.13
C GLY A 53 1.46 -10.43 2.64
N ASP A 54 0.49 -10.54 3.55
CA ASP A 54 -0.82 -11.07 3.20
C ASP A 54 -1.88 -9.99 3.26
N VAL A 55 -3.12 -10.36 2.94
CA VAL A 55 -4.23 -9.42 2.95
C VAL A 55 -4.45 -8.85 4.35
N GLY A 56 -4.24 -9.69 5.37
CA GLY A 56 -4.41 -9.25 6.74
C GLY A 56 -3.56 -8.04 7.07
N ALA A 57 -2.30 -8.07 6.66
CA ALA A 57 -1.38 -6.97 6.91
C ALA A 57 -1.89 -5.67 6.31
N ARG A 58 -2.36 -5.74 5.07
CA ARG A 58 -2.88 -4.57 4.37
C ARG A 58 -4.09 -4.00 5.10
N GLU A 59 -4.85 -4.87 5.76
CA GLU A 59 -6.04 -4.46 6.49
C GLU A 59 -5.66 -3.57 7.67
N ALA A 60 -4.80 -4.10 8.55
CA ALA A 60 -4.36 -3.36 9.72
C ALA A 60 -4.10 -1.89 9.38
N VAL A 61 -3.14 -1.67 8.49
CA VAL A 61 -2.79 -0.32 8.07
C VAL A 61 -4.01 0.47 7.66
N LEU A 62 -4.84 -0.13 6.81
CA LEU A 62 -6.06 0.52 6.33
C LEU A 62 -6.97 0.90 7.49
N SER A 63 -6.82 0.19 8.62
CA SER A 63 -7.63 0.46 9.80
C SER A 63 -6.88 1.38 10.76
N GLN A 64 -6.22 2.39 10.20
CA GLN A 64 -5.47 3.35 11.01
C GLN A 64 -6.10 4.74 10.94
N SER A 65 -6.12 5.44 12.08
CA SER A 65 -6.69 6.78 12.13
C SER A 65 -5.95 7.73 11.20
N GLN A 66 -4.75 8.13 11.62
CA GLN A 66 -3.94 9.04 10.82
C GLN A 66 -2.50 8.55 10.73
N HIS A 67 -2.03 8.33 9.52
CA HIS A 67 -0.66 7.86 9.29
C HIS A 67 0.33 9.02 9.36
N SER A 68 1.42 8.82 10.07
CA SER A 68 2.45 9.85 10.22
C SER A 68 3.80 9.23 10.51
N LEU A 69 4.82 9.68 9.78
CA LEU A 69 6.17 9.17 9.95
C LEU A 69 6.96 10.03 10.93
N GLY A 70 6.36 10.32 12.08
CA GLY A 70 7.02 11.15 13.07
C GLY A 70 7.48 12.49 12.52
N GLY A 71 6.60 13.48 12.60
CA GLY A 71 6.93 14.80 12.10
C GLY A 71 6.27 15.09 10.76
N HIS A 72 6.44 14.19 9.80
CA HIS A 72 5.86 14.37 8.48
C HIS A 72 4.66 13.44 8.29
N ARG A 73 3.81 13.78 7.32
CA ARG A 73 2.63 12.98 7.04
C ARG A 73 2.83 12.12 5.81
N LEU A 74 2.01 11.08 5.67
CA LEU A 74 2.11 10.17 4.53
C LEU A 74 0.73 9.96 3.89
N ARG A 75 0.69 10.04 2.56
CA ARG A 75 -0.56 9.87 1.83
C ARG A 75 -0.77 8.40 1.47
N VAL A 76 -1.22 7.61 2.44
CA VAL A 76 -1.46 6.18 2.22
C VAL A 76 -2.91 5.93 1.84
N ARG A 77 -3.11 5.20 0.74
CA ARG A 77 -4.45 4.88 0.26
C ARG A 77 -4.46 3.56 -0.50
N PRO A 78 -5.60 2.85 -0.46
CA PRO A 78 -5.76 1.57 -1.15
C PRO A 78 -5.22 1.60 -2.58
N ARG A 79 -4.37 0.63 -2.91
CA ARG A 79 -3.78 0.55 -4.23
C ARG A 79 -4.81 0.90 -5.30
N GLU A 80 -5.85 0.07 -5.42
CA GLU A 80 -6.90 0.29 -6.40
C GLU A 80 -8.18 0.80 -5.73
N GLN A 81 -9.12 1.25 -6.54
CA GLN A 81 -10.38 1.77 -6.03
C GLN A 81 -11.23 0.65 -5.44
N LYS A 82 -11.92 0.94 -4.34
CA LYS A 82 -12.76 -0.05 -3.68
C LYS A 82 -14.20 0.07 -4.17
N GLU A 83 -14.52 -0.63 -5.25
CA GLU A 83 -15.87 -0.60 -5.81
C GLU A 83 -16.28 -1.97 -6.31
N PHE A 84 -17.57 -2.24 -6.30
CA PHE A 84 -18.10 -3.53 -6.75
C PHE A 84 -19.26 -3.33 -7.71
N GLN A 85 -19.46 -4.31 -8.61
CA GLN A 85 -20.54 -4.25 -9.58
C GLN A 85 -21.69 -5.15 -9.18
N SER A 86 -21.38 -6.43 -9.00
CA SER A 86 -22.40 -7.42 -8.61
C SER A 86 -21.85 -8.40 -7.59
N PRO A 87 -22.70 -8.82 -6.65
CA PRO A 87 -22.32 -9.76 -5.59
C PRO A 87 -22.28 -11.20 -6.10
N ALA A 88 -21.33 -11.98 -5.57
CA ALA A 88 -21.18 -13.37 -5.96
C ALA A 88 -22.01 -14.29 -5.07
N SER A 89 -22.57 -15.33 -5.67
CA SER A 89 -23.40 -16.28 -4.92
C SER A 89 -22.61 -17.55 -4.61
N LYS A 90 -22.14 -17.65 -3.37
CA LYS A 90 -21.37 -18.81 -2.93
C LYS A 90 -22.15 -20.10 -3.18
N SER A 91 -21.49 -21.08 -3.78
CA SER A 91 -22.11 -22.36 -4.08
C SER A 91 -21.53 -23.47 -3.20
N PRO A 92 -22.40 -24.42 -2.80
CA PRO A 92 -22.00 -25.54 -1.95
C PRO A 92 -21.27 -26.63 -2.73
N LYS A 93 -20.99 -27.74 -2.07
CA LYS A 93 -20.29 -28.85 -2.70
C LYS A 93 -20.91 -29.19 -4.06
N GLY A 94 -22.23 -29.33 -4.07
CA GLY A 94 -22.93 -29.64 -5.31
C GLY A 94 -24.42 -29.78 -5.12
N GLY A 1 -17.01 1.63 6.53
CA GLY A 1 -16.26 0.61 5.82
C GLY A 1 -17.15 -0.32 5.04
N SER A 2 -17.28 -0.07 3.73
CA SER A 2 -18.12 -0.90 2.88
C SER A 2 -17.51 -1.02 1.47
N SER A 3 -17.64 -2.21 0.89
CA SER A 3 -17.10 -2.46 -0.45
C SER A 3 -17.71 -3.71 -1.06
N GLY A 4 -17.48 -3.92 -2.34
CA GLY A 4 -18.01 -5.09 -3.02
C GLY A 4 -16.92 -6.06 -3.44
N SER A 5 -16.39 -5.87 -4.64
CA SER A 5 -15.34 -6.75 -5.16
C SER A 5 -13.96 -6.23 -4.78
N SER A 6 -13.26 -6.99 -3.94
CA SER A 6 -11.93 -6.61 -3.49
C SER A 6 -11.20 -7.81 -2.89
N GLY A 7 -9.95 -8.01 -3.32
CA GLY A 7 -9.16 -9.12 -2.81
C GLY A 7 -7.71 -9.03 -3.24
N LEU A 8 -7.15 -7.83 -3.17
CA LEU A 8 -5.75 -7.63 -3.55
C LEU A 8 -4.91 -7.24 -2.34
N ARG A 9 -3.60 -7.22 -2.53
CA ARG A 9 -2.68 -6.86 -1.45
C ARG A 9 -1.67 -5.83 -1.92
N SER A 10 -2.06 -4.56 -1.88
CA SER A 10 -1.19 -3.47 -2.31
C SER A 10 -1.66 -2.14 -1.71
N VAL A 11 -0.73 -1.19 -1.63
CA VAL A 11 -1.04 0.13 -1.08
C VAL A 11 -0.16 1.19 -1.70
N PHE A 12 -0.78 2.27 -2.17
CA PHE A 12 -0.05 3.37 -2.80
C PHE A 12 0.41 4.37 -1.75
N VAL A 13 1.71 4.43 -1.52
CA VAL A 13 2.28 5.35 -0.54
C VAL A 13 2.96 6.53 -1.22
N SER A 14 2.67 7.74 -0.73
CA SER A 14 3.24 8.95 -1.29
C SER A 14 3.16 10.11 -0.30
N GLY A 15 4.05 11.08 -0.46
CA GLY A 15 4.05 12.23 0.42
C GLY A 15 5.16 12.16 1.46
N PHE A 16 6.26 11.50 1.10
CA PHE A 16 7.40 11.37 2.01
C PHE A 16 8.44 12.45 1.73
N PRO A 17 9.19 12.82 2.77
CA PRO A 17 10.24 13.85 2.68
C PRO A 17 11.49 13.31 1.99
N ARG A 18 12.26 14.22 1.39
CA ARG A 18 13.49 13.84 0.70
C ARG A 18 14.50 13.26 1.68
N GLY A 19 15.10 12.13 1.29
CA GLY A 19 16.09 11.49 2.15
C GLY A 19 15.64 10.12 2.61
N VAL A 20 14.34 9.96 2.86
CA VAL A 20 13.79 8.70 3.31
C VAL A 20 14.26 7.55 2.42
N ASP A 21 14.73 6.48 3.05
CA ASP A 21 15.22 5.31 2.32
C ASP A 21 14.26 4.13 2.50
N SER A 22 14.16 3.31 1.46
CA SER A 22 13.28 2.15 1.49
C SER A 22 13.33 1.46 2.85
N ALA A 23 14.55 1.29 3.36
CA ALA A 23 14.75 0.64 4.66
C ALA A 23 13.89 1.30 5.73
N GLN A 24 13.88 2.62 5.76
CA GLN A 24 13.09 3.37 6.74
C GLN A 24 11.61 3.09 6.56
N LEU A 25 11.15 3.14 5.31
CA LEU A 25 9.74 2.90 5.00
C LEU A 25 9.33 1.50 5.44
N SER A 26 10.14 0.51 5.08
CA SER A 26 9.85 -0.87 5.43
C SER A 26 9.75 -1.05 6.96
N GLU A 27 10.82 -0.68 7.65
CA GLU A 27 10.85 -0.80 9.11
C GLU A 27 9.61 -0.15 9.73
N TYR A 28 9.29 1.06 9.27
CA TYR A 28 8.13 1.78 9.78
C TYR A 28 6.84 1.03 9.47
N PHE A 29 6.77 0.45 8.28
CA PHE A 29 5.58 -0.30 7.86
C PHE A 29 5.53 -1.66 8.56
N LEU A 30 6.69 -2.15 8.98
CA LEU A 30 6.78 -3.43 9.65
C LEU A 30 6.04 -3.40 10.99
N ALA A 31 5.72 -2.20 11.46
CA ALA A 31 5.00 -2.04 12.72
C ALA A 31 3.55 -2.48 12.58
N PHE A 32 3.11 -2.67 11.35
CA PHE A 32 1.73 -3.09 11.09
C PHE A 32 1.70 -4.39 10.28
N GLY A 33 2.77 -4.62 9.51
CA GLY A 33 2.84 -5.81 8.70
C GLY A 33 4.10 -5.86 7.85
N PRO A 34 4.44 -7.07 7.37
CA PRO A 34 5.63 -7.27 6.54
C PRO A 34 5.45 -6.74 5.12
N VAL A 35 6.33 -5.82 4.72
CA VAL A 35 6.26 -5.23 3.38
C VAL A 35 6.98 -6.12 2.36
N ALA A 36 6.20 -6.90 1.62
CA ALA A 36 6.75 -7.79 0.61
C ALA A 36 7.87 -7.10 -0.16
N SER A 37 7.61 -5.88 -0.62
CA SER A 37 8.59 -5.11 -1.37
C SER A 37 8.19 -3.66 -1.48
N VAL A 38 9.16 -2.78 -1.70
CA VAL A 38 8.90 -1.35 -1.83
C VAL A 38 9.40 -0.82 -3.17
N VAL A 39 8.49 -0.64 -4.11
CA VAL A 39 8.83 -0.14 -5.43
C VAL A 39 8.80 1.38 -5.47
N MET A 40 9.95 2.01 -5.25
CA MET A 40 10.05 3.46 -5.25
C MET A 40 10.25 3.98 -6.67
N ASP A 41 9.30 4.77 -7.15
CA ASP A 41 9.37 5.34 -8.49
C ASP A 41 10.80 5.76 -8.82
N LYS A 42 11.17 5.57 -10.09
CA LYS A 42 12.52 5.93 -10.54
C LYS A 42 12.47 7.04 -11.58
N ASP A 43 11.29 7.23 -12.19
CA ASP A 43 11.11 8.25 -13.20
C ASP A 43 11.21 9.64 -12.58
N LYS A 44 10.29 9.94 -11.66
CA LYS A 44 10.27 11.23 -10.99
C LYS A 44 10.72 11.10 -9.54
N GLY A 45 10.03 10.25 -8.78
CA GLY A 45 10.38 10.06 -7.39
C GLY A 45 9.45 10.80 -6.44
N VAL A 46 8.15 10.63 -6.65
CA VAL A 46 7.15 11.28 -5.82
C VAL A 46 6.12 10.28 -5.32
N PHE A 47 6.28 9.02 -5.69
CA PHE A 47 5.36 7.97 -5.28
C PHE A 47 6.08 6.64 -5.15
N ALA A 48 5.48 5.72 -4.39
CA ALA A 48 6.07 4.40 -4.18
C ALA A 48 4.99 3.36 -3.89
N ILE A 49 5.12 2.19 -4.53
CA ILE A 49 4.17 1.12 -4.33
C ILE A 49 4.61 0.17 -3.22
N VAL A 50 3.90 0.24 -2.09
CA VAL A 50 4.21 -0.61 -0.95
C VAL A 50 3.32 -1.84 -0.92
N GLU A 51 3.95 -3.01 -0.78
CA GLU A 51 3.21 -4.27 -0.74
C GLU A 51 3.16 -4.82 0.68
N MET A 52 2.33 -5.85 0.88
CA MET A 52 2.18 -6.47 2.19
C MET A 52 2.17 -7.99 2.08
N GLY A 53 2.75 -8.67 3.06
CA GLY A 53 2.80 -10.11 3.04
C GLY A 53 1.42 -10.73 2.86
N ASP A 54 0.60 -10.65 3.90
CA ASP A 54 -0.75 -11.21 3.84
C ASP A 54 -1.79 -10.09 3.73
N VAL A 55 -3.05 -10.48 3.55
CA VAL A 55 -4.14 -9.52 3.42
C VAL A 55 -4.37 -8.78 4.74
N GLY A 56 -4.32 -9.53 5.84
CA GLY A 56 -4.53 -8.92 7.15
C GLY A 56 -3.54 -7.82 7.44
N ALA A 57 -2.30 -7.98 6.97
CA ALA A 57 -1.26 -6.99 7.18
C ALA A 57 -1.65 -5.64 6.57
N ARG A 58 -2.04 -5.66 5.31
CA ARG A 58 -2.44 -4.44 4.61
C ARG A 58 -3.76 -3.91 5.16
N GLU A 59 -4.59 -4.81 5.65
CA GLU A 59 -5.89 -4.43 6.21
C GLU A 59 -5.72 -3.58 7.46
N ALA A 60 -4.65 -3.84 8.21
CA ALA A 60 -4.36 -3.10 9.43
C ALA A 60 -4.08 -1.62 9.12
N VAL A 61 -3.22 -1.39 8.13
CA VAL A 61 -2.86 -0.03 7.74
C VAL A 61 -4.11 0.81 7.48
N LEU A 62 -5.03 0.26 6.69
CA LEU A 62 -6.26 0.96 6.35
C LEU A 62 -7.06 1.28 7.61
N SER A 63 -6.68 0.65 8.72
CA SER A 63 -7.37 0.87 9.99
C SER A 63 -6.59 1.85 10.86
N GLN A 64 -5.88 2.77 10.23
CA GLN A 64 -5.10 3.77 10.94
C GLN A 64 -5.66 5.17 10.74
N SER A 65 -6.26 5.71 11.79
CA SER A 65 -6.85 7.05 11.73
C SER A 65 -5.97 7.99 10.90
N GLN A 66 -4.86 8.41 11.48
CA GLN A 66 -3.93 9.31 10.81
C GLN A 66 -2.52 8.73 10.78
N HIS A 67 -1.89 8.77 9.62
CA HIS A 67 -0.53 8.25 9.46
C HIS A 67 0.50 9.35 9.66
N SER A 68 1.72 8.95 10.01
CA SER A 68 2.80 9.91 10.23
C SER A 68 4.14 9.19 10.36
N LEU A 69 5.13 9.66 9.59
CA LEU A 69 6.46 9.06 9.60
C LEU A 69 7.37 9.80 10.57
N GLY A 70 7.01 9.77 11.86
CA GLY A 70 7.82 10.44 12.87
C GLY A 70 7.48 11.92 12.99
N GLY A 71 7.29 12.57 11.85
CA GLY A 71 6.97 13.99 11.85
C GLY A 71 6.18 14.41 10.61
N HIS A 72 6.54 13.84 9.47
CA HIS A 72 5.86 14.17 8.22
C HIS A 72 4.57 13.36 8.08
N ARG A 73 3.70 13.80 7.18
CA ARG A 73 2.43 13.12 6.95
C ARG A 73 2.46 12.35 5.64
N LEU A 74 2.13 11.06 5.70
CA LEU A 74 2.12 10.21 4.52
C LEU A 74 0.70 9.98 4.02
N ARG A 75 0.55 9.85 2.71
CA ARG A 75 -0.76 9.63 2.10
C ARG A 75 -0.89 8.20 1.58
N VAL A 76 -1.22 7.28 2.48
CA VAL A 76 -1.36 5.87 2.11
C VAL A 76 -2.82 5.55 1.76
N ARG A 77 -3.04 5.14 0.52
CA ARG A 77 -4.38 4.79 0.06
C ARG A 77 -4.44 3.34 -0.41
N PRO A 78 -5.64 2.75 -0.33
CA PRO A 78 -5.85 1.35 -0.73
C PRO A 78 -5.92 1.19 -2.25
N ARG A 79 -4.85 0.64 -2.83
CA ARG A 79 -4.79 0.44 -4.27
C ARG A 79 -6.03 -0.31 -4.77
N GLU A 80 -6.47 0.04 -5.98
CA GLU A 80 -7.64 -0.60 -6.57
C GLU A 80 -7.51 -0.67 -8.08
N GLN A 81 -8.56 -1.18 -8.74
CA GLN A 81 -8.55 -1.30 -10.20
C GLN A 81 -9.98 -1.33 -10.74
N LYS A 82 -10.11 -1.23 -12.05
CA LYS A 82 -11.41 -1.24 -12.70
C LYS A 82 -11.44 -2.22 -13.86
N GLU A 83 -10.86 -3.40 -13.65
CA GLU A 83 -10.82 -4.43 -14.68
C GLU A 83 -11.95 -5.44 -14.49
N PHE A 84 -11.97 -6.09 -13.34
CA PHE A 84 -12.98 -7.08 -13.03
C PHE A 84 -12.93 -8.24 -14.01
N GLN A 85 -11.71 -8.69 -14.33
CA GLN A 85 -11.52 -9.79 -15.26
C GLN A 85 -10.37 -10.68 -14.81
N SER A 86 -10.66 -11.95 -14.56
CA SER A 86 -9.65 -12.90 -14.12
C SER A 86 -9.59 -14.11 -15.05
N PRO A 87 -8.38 -14.63 -15.25
CA PRO A 87 -8.16 -15.80 -16.13
C PRO A 87 -9.19 -16.90 -15.89
N ALA A 88 -9.14 -17.93 -16.73
CA ALA A 88 -10.06 -19.06 -16.61
C ALA A 88 -9.32 -20.34 -16.29
N SER A 89 -8.28 -20.64 -17.07
CA SER A 89 -7.49 -21.84 -16.87
C SER A 89 -8.39 -23.06 -16.69
N LYS A 90 -9.45 -23.14 -17.49
CA LYS A 90 -10.40 -24.25 -17.41
C LYS A 90 -9.65 -25.58 -17.39
N SER A 91 -8.64 -25.71 -18.23
CA SER A 91 -7.86 -26.94 -18.32
C SER A 91 -6.46 -26.66 -18.86
N PRO A 92 -5.46 -27.39 -18.34
CA PRO A 92 -4.07 -27.23 -18.75
C PRO A 92 -3.92 -27.20 -20.27
N LYS A 93 -2.71 -26.88 -20.74
CA LYS A 93 -2.44 -26.81 -22.16
C LYS A 93 -2.27 -28.21 -22.77
N GLY A 94 -2.29 -28.28 -24.09
CA GLY A 94 -2.14 -29.56 -24.76
C GLY A 94 -1.24 -29.47 -25.99
N GLY A 1 -19.65 2.57 2.57
CA GLY A 1 -18.26 2.66 2.16
C GLY A 1 -17.46 1.43 2.52
N SER A 2 -17.56 0.41 1.67
CA SER A 2 -16.84 -0.85 1.89
C SER A 2 -16.57 -1.56 0.58
N SER A 3 -15.42 -2.25 0.51
CA SER A 3 -15.04 -2.98 -0.69
C SER A 3 -15.17 -4.48 -0.48
N GLY A 4 -14.79 -4.94 0.71
CA GLY A 4 -14.87 -6.36 1.02
C GLY A 4 -14.26 -7.23 -0.07
N SER A 5 -12.93 -7.27 -0.11
CA SER A 5 -12.23 -8.07 -1.11
C SER A 5 -10.91 -8.62 -0.55
N SER A 6 -10.52 -9.80 -1.02
CA SER A 6 -9.29 -10.43 -0.57
C SER A 6 -8.37 -10.74 -1.74
N GLY A 7 -7.15 -10.22 -1.69
CA GLY A 7 -6.19 -10.44 -2.75
C GLY A 7 -5.27 -9.26 -2.97
N LEU A 8 -5.84 -8.06 -3.01
CA LEU A 8 -5.06 -6.84 -3.21
C LEU A 8 -4.15 -6.58 -2.02
N ARG A 9 -2.89 -6.96 -2.15
CA ARG A 9 -1.92 -6.76 -1.09
C ARG A 9 -0.94 -5.65 -1.44
N SER A 10 -1.48 -4.55 -1.96
CA SER A 10 -0.65 -3.40 -2.35
C SER A 10 -1.32 -2.09 -1.96
N VAL A 11 -0.51 -1.11 -1.56
CA VAL A 11 -1.03 0.19 -1.16
C VAL A 11 -0.16 1.31 -1.72
N PHE A 12 -0.80 2.40 -2.12
CA PHE A 12 -0.08 3.55 -2.67
C PHE A 12 0.46 4.44 -1.55
N VAL A 13 1.78 4.59 -1.51
CA VAL A 13 2.42 5.41 -0.49
C VAL A 13 3.13 6.62 -1.12
N SER A 14 2.77 7.80 -0.65
CA SER A 14 3.35 9.04 -1.17
C SER A 14 3.28 10.15 -0.14
N GLY A 15 4.02 11.23 -0.37
CA GLY A 15 4.01 12.35 0.55
C GLY A 15 5.13 12.25 1.57
N PHE A 16 6.22 11.60 1.21
CA PHE A 16 7.35 11.44 2.11
C PHE A 16 8.42 12.50 1.84
N PRO A 17 9.17 12.85 2.89
CA PRO A 17 10.24 13.86 2.80
C PRO A 17 11.48 13.33 2.10
N ARG A 18 11.97 14.09 1.13
CA ARG A 18 13.17 13.69 0.38
C ARG A 18 14.20 13.05 1.31
N GLY A 19 14.79 11.95 0.86
CA GLY A 19 15.79 11.27 1.66
C GLY A 19 15.32 9.89 2.11
N VAL A 20 14.03 9.75 2.33
CA VAL A 20 13.46 8.48 2.77
C VAL A 20 13.94 7.33 1.89
N ASP A 21 14.37 6.25 2.53
CA ASP A 21 14.85 5.08 1.81
C ASP A 21 13.89 3.91 1.98
N SER A 22 13.87 3.02 0.98
CA SER A 22 12.99 1.86 1.01
C SER A 22 13.05 1.17 2.37
N ALA A 23 14.26 1.07 2.93
CA ALA A 23 14.45 0.43 4.22
C ALA A 23 13.61 1.12 5.30
N GLN A 24 13.80 2.43 5.44
CA GLN A 24 13.06 3.20 6.44
C GLN A 24 11.57 2.92 6.33
N LEU A 25 11.01 3.09 5.13
CA LEU A 25 9.59 2.85 4.91
C LEU A 25 9.18 1.47 5.39
N SER A 26 9.85 0.44 4.88
CA SER A 26 9.55 -0.93 5.26
C SER A 26 9.44 -1.06 6.77
N GLU A 27 10.52 -0.73 7.47
CA GLU A 27 10.55 -0.81 8.92
C GLU A 27 9.29 -0.20 9.53
N TYR A 28 9.05 1.07 9.22
CA TYR A 28 7.88 1.77 9.73
C TYR A 28 6.60 1.00 9.41
N PHE A 29 6.62 0.25 8.33
CA PHE A 29 5.47 -0.54 7.92
C PHE A 29 5.40 -1.85 8.69
N LEU A 30 6.56 -2.37 9.07
CA LEU A 30 6.63 -3.63 9.82
C LEU A 30 5.85 -3.52 11.13
N ALA A 31 5.70 -2.30 11.63
CA ALA A 31 4.98 -2.06 12.86
C ALA A 31 3.52 -2.50 12.74
N PHE A 32 3.07 -2.71 11.51
CA PHE A 32 1.70 -3.12 11.26
C PHE A 32 1.67 -4.47 10.54
N GLY A 33 2.71 -4.75 9.76
CA GLY A 33 2.78 -6.00 9.04
C GLY A 33 3.97 -6.05 8.09
N PRO A 34 4.48 -7.27 7.85
CA PRO A 34 5.63 -7.48 6.96
C PRO A 34 5.50 -6.71 5.65
N VAL A 35 6.64 -6.38 5.05
CA VAL A 35 6.66 -5.65 3.79
C VAL A 35 7.14 -6.53 2.64
N ALA A 36 6.20 -7.11 1.91
CA ALA A 36 6.53 -7.97 0.78
C ALA A 36 7.60 -7.34 -0.11
N SER A 37 7.37 -6.08 -0.49
CA SER A 37 8.31 -5.36 -1.33
C SER A 37 7.95 -3.87 -1.40
N VAL A 38 8.86 -3.08 -1.96
CA VAL A 38 8.64 -1.64 -2.09
C VAL A 38 9.22 -1.11 -3.40
N VAL A 39 8.36 -0.53 -4.23
CA VAL A 39 8.80 0.03 -5.51
C VAL A 39 8.74 1.55 -5.50
N MET A 40 9.90 2.19 -5.40
CA MET A 40 9.98 3.64 -5.38
C MET A 40 10.29 4.18 -6.77
N ASP A 41 9.50 5.15 -7.22
CA ASP A 41 9.69 5.76 -8.52
C ASP A 41 11.12 6.24 -8.69
N LYS A 42 11.50 6.53 -9.93
CA LYS A 42 12.84 7.01 -10.23
C LYS A 42 12.80 8.34 -10.99
N ASP A 43 12.04 8.36 -12.06
CA ASP A 43 11.91 9.57 -12.88
C ASP A 43 11.89 10.82 -11.99
N LYS A 44 11.08 10.77 -10.93
CA LYS A 44 10.98 11.90 -10.00
C LYS A 44 11.28 11.46 -8.58
N GLY A 45 10.69 10.35 -8.17
CA GLY A 45 10.91 9.83 -6.83
C GLY A 45 10.03 10.52 -5.80
N VAL A 46 8.73 10.54 -6.06
CA VAL A 46 7.77 11.16 -5.14
C VAL A 46 6.77 10.13 -4.63
N PHE A 47 6.53 9.10 -5.42
CA PHE A 47 5.58 8.06 -5.04
C PHE A 47 6.25 6.69 -5.04
N ALA A 48 5.65 5.73 -4.34
CA ALA A 48 6.19 4.38 -4.25
C ALA A 48 5.10 3.38 -3.90
N ILE A 49 5.17 2.19 -4.50
CA ILE A 49 4.20 1.14 -4.24
C ILE A 49 4.68 0.20 -3.13
N VAL A 50 3.95 0.17 -2.03
CA VAL A 50 4.30 -0.69 -0.90
C VAL A 50 3.42 -1.93 -0.86
N GLU A 51 3.98 -3.04 -0.39
CA GLU A 51 3.25 -4.30 -0.30
C GLU A 51 3.34 -4.88 1.10
N MET A 52 2.38 -5.74 1.44
CA MET A 52 2.35 -6.37 2.75
C MET A 52 2.47 -7.88 2.63
N GLY A 53 3.14 -8.49 3.60
CA GLY A 53 3.31 -9.93 3.59
C GLY A 53 2.03 -10.68 3.28
N ASP A 54 0.99 -10.38 4.05
CA ASP A 54 -0.32 -11.02 3.86
C ASP A 54 -1.43 -9.98 3.77
N VAL A 55 -2.62 -10.43 3.40
CA VAL A 55 -3.77 -9.55 3.27
C VAL A 55 -4.09 -8.87 4.60
N GLY A 56 -4.11 -9.65 5.67
CA GLY A 56 -4.40 -9.12 6.98
C GLY A 56 -3.63 -7.85 7.28
N ALA A 57 -2.30 -7.91 7.12
CA ALA A 57 -1.45 -6.77 7.36
C ALA A 57 -2.03 -5.50 6.75
N ARG A 58 -2.30 -5.54 5.45
CA ARG A 58 -2.86 -4.40 4.74
C ARG A 58 -4.07 -3.84 5.49
N GLU A 59 -5.01 -4.71 5.82
CA GLU A 59 -6.21 -4.30 6.53
C GLU A 59 -5.88 -3.43 7.73
N ALA A 60 -4.89 -3.86 8.51
CA ALA A 60 -4.46 -3.11 9.68
C ALA A 60 -4.16 -1.66 9.33
N VAL A 61 -3.18 -1.46 8.46
CA VAL A 61 -2.79 -0.11 8.04
C VAL A 61 -4.02 0.73 7.72
N LEU A 62 -4.87 0.22 6.85
CA LEU A 62 -6.08 0.93 6.45
C LEU A 62 -7.01 1.12 7.64
N SER A 63 -6.99 0.17 8.57
CA SER A 63 -7.82 0.23 9.76
C SER A 63 -7.10 0.93 10.91
N GLN A 64 -6.20 1.85 10.55
CA GLN A 64 -5.43 2.59 11.54
C GLN A 64 -5.93 4.04 11.66
N SER A 65 -5.77 4.62 12.84
CA SER A 65 -6.20 5.99 13.07
C SER A 65 -5.49 6.95 12.13
N GLN A 66 -4.23 7.22 12.41
CA GLN A 66 -3.43 8.13 11.59
C GLN A 66 -2.12 7.49 11.18
N HIS A 67 -1.41 8.13 10.26
CA HIS A 67 -0.14 7.62 9.77
C HIS A 67 0.94 8.70 9.83
N SER A 68 2.18 8.28 10.02
CA SER A 68 3.30 9.21 10.10
C SER A 68 4.63 8.46 10.17
N LEU A 69 5.66 9.05 9.59
CA LEU A 69 7.00 8.45 9.58
C LEU A 69 7.95 9.25 10.46
N GLY A 70 7.46 9.68 11.62
CA GLY A 70 8.30 10.45 12.53
C GLY A 70 8.84 11.72 11.91
N GLY A 71 8.17 12.84 12.19
CA GLY A 71 8.60 14.11 11.65
C GLY A 71 7.64 14.65 10.60
N HIS A 72 7.38 13.83 9.58
CA HIS A 72 6.47 14.23 8.50
C HIS A 72 5.25 13.31 8.46
N ARG A 73 4.33 13.61 7.55
CA ARG A 73 3.12 12.81 7.41
C ARG A 73 3.14 12.03 6.09
N LEU A 74 2.15 11.15 5.93
CA LEU A 74 2.05 10.34 4.72
C LEU A 74 0.63 10.35 4.17
N ARG A 75 0.50 10.21 2.86
CA ARG A 75 -0.80 10.19 2.21
C ARG A 75 -1.11 8.83 1.61
N VAL A 76 -0.97 7.78 2.43
CA VAL A 76 -1.23 6.42 2.00
C VAL A 76 -2.67 6.27 1.50
N ARG A 77 -2.85 5.47 0.47
CA ARG A 77 -4.17 5.23 -0.09
C ARG A 77 -4.18 3.99 -0.98
N PRO A 78 -5.31 3.26 -0.98
CA PRO A 78 -5.47 2.04 -1.77
C PRO A 78 -4.99 2.22 -3.21
N ARG A 79 -4.51 1.14 -3.81
CA ARG A 79 -4.02 1.18 -5.19
C ARG A 79 -5.11 0.74 -6.16
N GLU A 80 -5.41 1.60 -7.12
CA GLU A 80 -6.43 1.31 -8.12
C GLU A 80 -5.95 1.63 -9.53
N GLN A 81 -6.33 0.80 -10.49
CA GLN A 81 -5.92 1.01 -11.88
C GLN A 81 -6.85 1.99 -12.59
N LYS A 82 -6.27 2.98 -13.24
CA LYS A 82 -7.05 3.99 -13.96
C LYS A 82 -6.85 3.86 -15.46
N GLU A 83 -6.59 2.63 -15.92
CA GLU A 83 -6.38 2.38 -17.34
C GLU A 83 -7.51 1.54 -17.91
N PHE A 84 -8.60 2.19 -18.28
CA PHE A 84 -9.76 1.49 -18.85
C PHE A 84 -9.51 1.13 -20.30
N GLN A 85 -8.80 0.03 -20.52
CA GLN A 85 -8.49 -0.44 -21.87
C GLN A 85 -9.44 -1.57 -22.29
N SER A 86 -10.52 -1.20 -22.96
CA SER A 86 -11.50 -2.19 -23.41
C SER A 86 -12.53 -1.55 -24.34
N PRO A 87 -12.96 -2.31 -25.35
CA PRO A 87 -13.95 -1.83 -26.32
C PRO A 87 -15.14 -1.13 -25.66
N ALA A 88 -15.44 -1.53 -24.43
CA ALA A 88 -16.54 -0.94 -23.69
C ALA A 88 -17.89 -1.35 -24.29
N SER A 89 -17.95 -2.55 -24.82
CA SER A 89 -19.17 -3.06 -25.44
C SER A 89 -19.91 -4.00 -24.48
N LYS A 90 -20.82 -3.44 -23.69
CA LYS A 90 -21.60 -4.21 -22.74
C LYS A 90 -23.04 -3.74 -22.69
N SER A 91 -23.94 -4.54 -23.26
CA SER A 91 -25.36 -4.20 -23.30
C SER A 91 -26.06 -4.68 -22.02
N PRO A 92 -27.02 -3.87 -21.55
CA PRO A 92 -27.78 -4.18 -20.33
C PRO A 92 -28.87 -5.21 -20.58
N LYS A 93 -29.02 -6.15 -19.66
CA LYS A 93 -30.02 -7.19 -19.76
C LYS A 93 -30.20 -7.92 -18.44
N GLY A 94 -31.43 -8.36 -18.17
CA GLY A 94 -31.71 -9.07 -16.93
C GLY A 94 -32.52 -10.33 -17.16
N GLY A 1 -7.75 -1.98 -20.18
CA GLY A 1 -8.33 -2.15 -18.87
C GLY A 1 -7.33 -2.66 -17.85
N SER A 2 -7.75 -3.64 -17.05
CA SER A 2 -6.88 -4.21 -16.03
C SER A 2 -7.27 -5.64 -15.71
N SER A 3 -6.28 -6.52 -15.57
CA SER A 3 -6.53 -7.91 -15.27
C SER A 3 -7.05 -8.09 -13.85
N GLY A 4 -8.12 -8.87 -13.70
CA GLY A 4 -8.70 -9.10 -12.39
C GLY A 4 -7.82 -9.96 -11.51
N SER A 5 -7.21 -9.36 -10.50
CA SER A 5 -6.33 -10.07 -9.58
C SER A 5 -7.10 -10.50 -8.34
N SER A 6 -6.76 -11.68 -7.83
CA SER A 6 -7.41 -12.22 -6.64
C SER A 6 -7.24 -11.27 -5.46
N GLY A 7 -6.01 -10.83 -5.23
CA GLY A 7 -5.74 -9.92 -4.13
C GLY A 7 -4.36 -9.31 -4.21
N LEU A 8 -4.29 -8.08 -4.70
CA LEU A 8 -3.01 -7.39 -4.83
C LEU A 8 -2.29 -7.30 -3.49
N ARG A 9 -3.05 -7.06 -2.43
CA ARG A 9 -2.49 -6.95 -1.09
C ARG A 9 -1.37 -5.91 -1.04
N SER A 10 -1.62 -4.76 -1.65
CA SER A 10 -0.63 -3.68 -1.69
C SER A 10 -1.29 -2.33 -1.46
N VAL A 11 -0.50 -1.36 -0.99
CA VAL A 11 -1.00 -0.02 -0.73
C VAL A 11 -0.13 1.04 -1.38
N PHE A 12 -0.74 2.15 -1.76
CA PHE A 12 -0.01 3.24 -2.40
C PHE A 12 0.49 4.25 -1.36
N VAL A 13 1.81 4.40 -1.28
CA VAL A 13 2.42 5.31 -0.33
C VAL A 13 3.09 6.48 -1.05
N SER A 14 2.74 7.70 -0.64
CA SER A 14 3.31 8.90 -1.25
C SER A 14 3.35 10.04 -0.26
N GLY A 15 4.11 11.08 -0.59
CA GLY A 15 4.22 12.24 0.29
C GLY A 15 5.23 12.02 1.41
N PHE A 16 6.26 11.22 1.12
CA PHE A 16 7.30 10.93 2.11
C PHE A 16 8.43 11.94 2.02
N PRO A 17 9.01 12.30 3.18
CA PRO A 17 10.11 13.26 3.25
C PRO A 17 11.19 12.98 2.21
N ARG A 18 11.99 14.00 1.90
CA ARG A 18 13.05 13.87 0.92
C ARG A 18 14.22 13.05 1.49
N GLY A 19 14.62 12.01 0.76
CA GLY A 19 15.71 11.17 1.21
C GLY A 19 15.23 9.81 1.68
N VAL A 20 14.07 9.78 2.32
CA VAL A 20 13.51 8.54 2.83
C VAL A 20 13.83 7.37 1.91
N ASP A 21 14.43 6.32 2.46
CA ASP A 21 14.79 5.15 1.68
C ASP A 21 13.83 4.00 1.96
N SER A 22 13.97 2.92 1.20
CA SER A 22 13.10 1.74 1.37
C SER A 22 13.26 1.16 2.77
N ALA A 23 14.50 1.10 3.25
CA ALA A 23 14.78 0.56 4.58
C ALA A 23 13.88 1.19 5.63
N GLN A 24 13.95 2.52 5.75
CA GLN A 24 13.14 3.25 6.72
C GLN A 24 11.67 2.94 6.54
N LEU A 25 11.17 3.18 5.34
CA LEU A 25 9.76 2.92 5.02
C LEU A 25 9.34 1.55 5.51
N SER A 26 10.04 0.52 5.05
CA SER A 26 9.73 -0.86 5.43
C SER A 26 9.72 -1.00 6.95
N GLU A 27 10.80 -0.54 7.59
CA GLU A 27 10.91 -0.63 9.04
C GLU A 27 9.71 0.01 9.72
N TYR A 28 9.28 1.17 9.21
CA TYR A 28 8.15 1.88 9.76
C TYR A 28 6.85 1.14 9.48
N PHE A 29 6.82 0.41 8.37
CA PHE A 29 5.64 -0.34 7.98
C PHE A 29 5.57 -1.68 8.72
N LEU A 30 6.73 -2.15 9.17
CA LEU A 30 6.81 -3.41 9.91
C LEU A 30 6.02 -3.34 11.20
N ALA A 31 5.84 -2.13 11.71
CA ALA A 31 5.09 -1.92 12.96
C ALA A 31 3.65 -2.40 12.82
N PHE A 32 3.18 -2.46 11.58
CA PHE A 32 1.81 -2.90 11.31
C PHE A 32 1.80 -4.25 10.60
N GLY A 33 2.77 -4.45 9.71
CA GLY A 33 2.85 -5.70 8.96
C GLY A 33 4.10 -5.77 8.11
N PRO A 34 4.41 -6.98 7.62
CA PRO A 34 5.58 -7.22 6.77
C PRO A 34 5.41 -6.65 5.36
N VAL A 35 6.35 -5.79 4.96
CA VAL A 35 6.30 -5.18 3.64
C VAL A 35 6.94 -6.08 2.58
N ALA A 36 6.09 -6.66 1.74
CA ALA A 36 6.58 -7.56 0.68
C ALA A 36 7.69 -6.90 -0.12
N SER A 37 7.50 -5.63 -0.49
CA SER A 37 8.49 -4.90 -1.27
C SER A 37 8.08 -3.43 -1.41
N VAL A 38 9.05 -2.58 -1.69
CA VAL A 38 8.80 -1.16 -1.87
C VAL A 38 9.28 -0.68 -3.24
N VAL A 39 8.34 -0.56 -4.17
CA VAL A 39 8.68 -0.11 -5.52
C VAL A 39 8.60 1.42 -5.62
N MET A 40 9.76 2.06 -5.57
CA MET A 40 9.84 3.51 -5.66
C MET A 40 10.12 3.96 -7.09
N ASP A 41 9.40 4.99 -7.53
CA ASP A 41 9.57 5.52 -8.88
C ASP A 41 11.02 5.89 -9.14
N LYS A 42 11.41 5.89 -10.42
CA LYS A 42 12.77 6.23 -10.81
C LYS A 42 12.82 7.57 -11.54
N ASP A 43 11.78 7.84 -12.32
CA ASP A 43 11.70 9.09 -13.07
C ASP A 43 12.02 10.29 -12.18
N LYS A 44 11.22 10.46 -11.13
CA LYS A 44 11.41 11.57 -10.20
C LYS A 44 11.53 11.06 -8.77
N GLY A 45 10.62 10.16 -8.38
CA GLY A 45 10.64 9.61 -7.05
C GLY A 45 9.73 10.36 -6.08
N VAL A 46 8.46 10.48 -6.46
CA VAL A 46 7.49 11.17 -5.63
C VAL A 46 6.42 10.22 -5.10
N PHE A 47 6.60 8.93 -5.39
CA PHE A 47 5.65 7.91 -4.96
C PHE A 47 6.31 6.53 -4.93
N ALA A 48 5.64 5.57 -4.31
CA ALA A 48 6.15 4.21 -4.22
C ALA A 48 5.06 3.24 -3.81
N ILE A 49 5.00 2.09 -4.47
CA ILE A 49 4.01 1.07 -4.16
C ILE A 49 4.50 0.13 -3.07
N VAL A 50 3.93 0.27 -1.87
CA VAL A 50 4.30 -0.57 -0.75
C VAL A 50 3.42 -1.82 -0.67
N GLU A 51 4.04 -2.98 -0.82
CA GLU A 51 3.31 -4.24 -0.76
C GLU A 51 3.35 -4.84 0.65
N MET A 52 2.43 -5.76 0.92
CA MET A 52 2.37 -6.40 2.23
C MET A 52 2.43 -7.92 2.09
N GLY A 53 2.92 -8.59 3.13
CA GLY A 53 3.02 -10.03 3.10
C GLY A 53 1.69 -10.71 2.85
N ASP A 54 0.72 -10.46 3.74
CA ASP A 54 -0.61 -11.05 3.61
C ASP A 54 -1.67 -9.96 3.53
N VAL A 55 -2.91 -10.36 3.27
CA VAL A 55 -4.02 -9.42 3.16
C VAL A 55 -4.33 -8.79 4.52
N GLY A 56 -4.35 -9.62 5.57
CA GLY A 56 -4.63 -9.12 6.90
C GLY A 56 -3.74 -7.95 7.28
N ALA A 57 -2.49 -8.00 6.85
CA ALA A 57 -1.53 -6.93 7.15
C ALA A 57 -1.96 -5.62 6.49
N ARG A 58 -2.47 -5.71 5.27
CA ARG A 58 -2.91 -4.53 4.53
C ARG A 58 -4.14 -3.92 5.18
N GLU A 59 -5.01 -4.76 5.72
CA GLU A 59 -6.23 -4.31 6.37
C GLU A 59 -5.91 -3.38 7.54
N ALA A 60 -4.83 -3.68 8.25
CA ALA A 60 -4.42 -2.87 9.39
C ALA A 60 -4.00 -1.47 8.94
N VAL A 61 -3.04 -1.39 8.03
CA VAL A 61 -2.56 -0.12 7.53
C VAL A 61 -3.72 0.78 7.11
N LEU A 62 -4.66 0.22 6.36
CA LEU A 62 -5.82 0.97 5.89
C LEU A 62 -6.78 1.25 7.04
N SER A 63 -6.80 0.36 8.03
CA SER A 63 -7.67 0.53 9.19
C SER A 63 -6.91 1.16 10.35
N GLN A 64 -6.02 2.10 10.02
CA GLN A 64 -5.23 2.78 11.04
C GLN A 64 -5.77 4.17 11.30
N SER A 65 -5.52 4.70 12.50
CA SER A 65 -5.99 6.03 12.88
C SER A 65 -5.39 7.09 11.97
N GLN A 66 -4.11 7.40 12.19
CA GLN A 66 -3.41 8.40 11.40
C GLN A 66 -1.99 7.96 11.09
N HIS A 67 -1.66 7.88 9.81
CA HIS A 67 -0.34 7.46 9.37
C HIS A 67 0.67 8.62 9.52
N SER A 68 1.81 8.33 10.13
CA SER A 68 2.83 9.33 10.34
C SER A 68 4.23 8.70 10.31
N LEU A 69 5.22 9.50 9.94
CA LEU A 69 6.60 9.02 9.87
C LEU A 69 7.47 9.70 10.92
N GLY A 70 6.86 10.02 12.06
CA GLY A 70 7.59 10.67 13.13
C GLY A 70 7.43 12.18 13.12
N GLY A 71 8.20 12.85 12.27
CA GLY A 71 8.13 14.30 12.19
C GLY A 71 7.08 14.75 11.19
N HIS A 72 7.03 14.11 10.03
CA HIS A 72 6.07 14.47 9.00
C HIS A 72 5.01 13.38 8.85
N ARG A 73 3.99 13.66 8.05
CA ARG A 73 2.91 12.70 7.83
C ARG A 73 3.02 12.06 6.45
N LEU A 74 2.15 11.10 6.18
CA LEU A 74 2.15 10.39 4.89
C LEU A 74 0.73 10.25 4.36
N ARG A 75 0.62 10.19 3.03
CA ARG A 75 -0.68 10.05 2.39
C ARG A 75 -0.82 8.68 1.73
N VAL A 76 -1.29 7.70 2.50
CA VAL A 76 -1.47 6.35 2.00
C VAL A 76 -2.92 6.09 1.63
N ARG A 77 -3.14 5.52 0.45
CA ARG A 77 -4.49 5.22 -0.02
C ARG A 77 -4.55 3.84 -0.65
N PRO A 78 -5.72 3.19 -0.56
CA PRO A 78 -5.93 1.86 -1.12
C PRO A 78 -5.38 1.73 -2.54
N ARG A 79 -4.62 0.66 -2.79
CA ARG A 79 -4.03 0.42 -4.10
C ARG A 79 -5.11 0.42 -5.18
N GLU A 80 -6.08 -0.47 -5.03
CA GLU A 80 -7.17 -0.58 -6.00
C GLU A 80 -7.84 0.78 -6.21
N GLN A 81 -7.96 1.18 -7.47
CA GLN A 81 -8.58 2.45 -7.82
C GLN A 81 -9.82 2.23 -8.67
N LYS A 82 -10.99 2.39 -8.07
CA LYS A 82 -12.25 2.22 -8.78
C LYS A 82 -13.04 3.53 -8.82
N GLU A 83 -13.37 3.98 -10.03
CA GLU A 83 -14.13 5.21 -10.20
C GLU A 83 -15.62 4.97 -10.00
N PHE A 84 -16.13 3.90 -10.59
CA PHE A 84 -17.54 3.56 -10.48
C PHE A 84 -17.72 2.14 -9.95
N GLN A 85 -18.34 2.03 -8.78
CA GLN A 85 -18.58 0.73 -8.16
C GLN A 85 -19.36 -0.19 -9.10
N SER A 86 -20.20 0.40 -9.93
CA SER A 86 -21.02 -0.36 -10.87
C SER A 86 -21.42 0.50 -12.06
N PRO A 87 -21.71 -0.16 -13.20
CA PRO A 87 -22.11 0.53 -14.43
C PRO A 87 -23.56 0.99 -14.39
N ALA A 88 -24.45 0.12 -13.91
CA ALA A 88 -25.87 0.45 -13.81
C ALA A 88 -26.24 0.87 -12.39
N SER A 89 -27.43 1.43 -12.25
CA SER A 89 -27.91 1.88 -10.95
C SER A 89 -28.27 0.70 -10.05
N LYS A 90 -28.08 0.87 -8.75
CA LYS A 90 -28.39 -0.18 -7.78
C LYS A 90 -29.89 -0.24 -7.50
N SER A 91 -30.30 -1.22 -6.70
CA SER A 91 -31.71 -1.37 -6.35
C SER A 91 -31.85 -2.04 -4.99
N PRO A 92 -32.94 -1.70 -4.27
CA PRO A 92 -33.22 -2.25 -2.95
C PRO A 92 -33.78 -3.67 -3.02
N LYS A 93 -33.65 -4.40 -1.91
CA LYS A 93 -34.14 -5.77 -1.84
C LYS A 93 -35.46 -5.92 -2.59
N GLY A 94 -35.54 -6.94 -3.45
CA GLY A 94 -36.75 -7.16 -4.21
C GLY A 94 -37.28 -8.57 -4.05
N GLY A 1 -9.00 -6.14 -20.34
CA GLY A 1 -8.10 -7.26 -20.20
C GLY A 1 -6.66 -6.83 -19.98
N SER A 2 -6.18 -5.92 -20.83
CA SER A 2 -4.81 -5.42 -20.72
C SER A 2 -4.76 -4.17 -19.84
N SER A 3 -3.76 -4.12 -18.96
CA SER A 3 -3.61 -2.98 -18.06
C SER A 3 -2.18 -2.93 -17.52
N GLY A 4 -1.91 -1.88 -16.74
CA GLY A 4 -0.58 -1.73 -16.17
C GLY A 4 -0.20 -2.87 -15.25
N SER A 5 -0.06 -2.58 -13.97
CA SER A 5 0.31 -3.60 -12.99
C SER A 5 -0.85 -3.91 -12.06
N SER A 6 -0.83 -5.10 -11.47
CA SER A 6 -1.89 -5.52 -10.55
C SER A 6 -1.35 -5.71 -9.15
N GLY A 7 -2.25 -5.99 -8.20
CA GLY A 7 -1.84 -6.19 -6.83
C GLY A 7 -3.01 -6.20 -5.87
N LEU A 8 -3.24 -7.33 -5.21
CA LEU A 8 -4.34 -7.46 -4.26
C LEU A 8 -3.92 -6.99 -2.87
N ARG A 9 -2.70 -7.33 -2.49
CA ARG A 9 -2.18 -6.94 -1.18
C ARG A 9 -1.10 -5.87 -1.32
N SER A 10 -1.52 -4.61 -1.46
CA SER A 10 -0.58 -3.51 -1.62
C SER A 10 -1.23 -2.19 -1.20
N VAL A 11 -0.42 -1.15 -1.08
CA VAL A 11 -0.92 0.17 -0.68
C VAL A 11 -0.05 1.28 -1.27
N PHE A 12 -0.70 2.30 -1.83
CA PHE A 12 0.01 3.42 -2.42
C PHE A 12 0.55 4.36 -1.34
N VAL A 13 1.88 4.41 -1.21
CA VAL A 13 2.51 5.27 -0.21
C VAL A 13 3.26 6.42 -0.88
N SER A 14 2.64 7.59 -0.89
CA SER A 14 3.24 8.77 -1.50
C SER A 14 3.17 9.97 -0.55
N GLY A 15 4.07 10.92 -0.75
CA GLY A 15 4.10 12.10 0.09
C GLY A 15 5.15 12.00 1.19
N PHE A 16 6.24 11.27 0.91
CA PHE A 16 7.31 11.10 1.88
C PHE A 16 8.42 12.13 1.64
N PRO A 17 9.20 12.41 2.70
CA PRO A 17 10.30 13.37 2.64
C PRO A 17 11.52 12.80 1.90
N ARG A 18 12.25 13.68 1.22
CA ARG A 18 13.43 13.27 0.47
C ARG A 18 14.38 12.47 1.36
N GLY A 19 15.20 11.63 0.73
CA GLY A 19 16.15 10.82 1.48
C GLY A 19 15.57 9.48 1.88
N VAL A 20 14.26 9.47 2.16
CA VAL A 20 13.58 8.24 2.55
C VAL A 20 14.03 7.06 1.70
N ASP A 21 14.28 5.93 2.36
CA ASP A 21 14.71 4.72 1.66
C ASP A 21 13.77 3.56 1.95
N SER A 22 13.66 2.64 1.00
CA SER A 22 12.78 1.49 1.14
C SER A 22 12.95 0.86 2.53
N ALA A 23 14.18 0.86 3.03
CA ALA A 23 14.47 0.29 4.33
C ALA A 23 13.72 1.03 5.44
N GLN A 24 13.92 2.34 5.49
CA GLN A 24 13.26 3.16 6.50
C GLN A 24 11.75 2.95 6.49
N LEU A 25 11.14 3.14 5.32
CA LEU A 25 9.70 2.97 5.18
C LEU A 25 9.26 1.60 5.70
N SER A 26 9.74 0.54 5.05
CA SER A 26 9.39 -0.81 5.43
C SER A 26 9.37 -0.96 6.96
N GLU A 27 10.47 -0.54 7.59
CA GLU A 27 10.58 -0.62 9.04
C GLU A 27 9.36 0.00 9.72
N TYR A 28 9.02 1.22 9.30
CA TYR A 28 7.88 1.93 9.86
C TYR A 28 6.58 1.19 9.57
N PHE A 29 6.58 0.42 8.49
CA PHE A 29 5.40 -0.33 8.09
C PHE A 29 5.39 -1.71 8.76
N LEU A 30 6.56 -2.15 9.21
CA LEU A 30 6.69 -3.44 9.87
C LEU A 30 5.90 -3.48 11.17
N ALA A 31 5.56 -2.30 11.68
CA ALA A 31 4.79 -2.20 12.92
C ALA A 31 3.34 -2.63 12.72
N PHE A 32 2.95 -2.77 11.45
CA PHE A 32 1.59 -3.18 11.12
C PHE A 32 1.60 -4.42 10.24
N GLY A 33 2.75 -4.73 9.66
CA GLY A 33 2.87 -5.89 8.81
C GLY A 33 4.13 -5.87 7.96
N PRO A 34 4.52 -7.05 7.46
CA PRO A 34 5.73 -7.18 6.62
C PRO A 34 5.53 -6.61 5.22
N VAL A 35 6.45 -5.73 4.82
CA VAL A 35 6.37 -5.12 3.50
C VAL A 35 7.11 -5.94 2.46
N ALA A 36 6.36 -6.69 1.66
CA ALA A 36 6.95 -7.53 0.61
C ALA A 36 8.04 -6.79 -0.14
N SER A 37 7.70 -5.61 -0.66
CA SER A 37 8.66 -4.79 -1.40
C SER A 37 8.19 -3.35 -1.49
N VAL A 38 9.13 -2.44 -1.74
CA VAL A 38 8.80 -1.03 -1.86
C VAL A 38 9.33 -0.45 -3.18
N VAL A 39 8.42 -0.25 -4.13
CA VAL A 39 8.78 0.28 -5.43
C VAL A 39 8.57 1.80 -5.48
N MET A 40 9.65 2.55 -5.33
CA MET A 40 9.59 4.00 -5.35
C MET A 40 10.19 4.55 -6.64
N ASP A 41 9.51 5.53 -7.24
CA ASP A 41 9.98 6.14 -8.47
C ASP A 41 11.43 6.60 -8.34
N LYS A 42 12.26 6.25 -9.31
CA LYS A 42 13.67 6.63 -9.30
C LYS A 42 13.88 7.96 -10.02
N ASP A 43 13.14 8.16 -11.10
CA ASP A 43 13.25 9.40 -11.88
C ASP A 43 13.22 10.61 -10.97
N LYS A 44 12.24 10.66 -10.08
CA LYS A 44 12.09 11.77 -9.15
C LYS A 44 11.88 11.27 -7.72
N GLY A 45 10.96 10.32 -7.57
CA GLY A 45 10.68 9.77 -6.26
C GLY A 45 9.61 10.55 -5.51
N VAL A 46 8.45 10.71 -6.15
CA VAL A 46 7.34 11.43 -5.55
C VAL A 46 6.27 10.47 -5.03
N PHE A 47 6.42 9.20 -5.36
CA PHE A 47 5.47 8.17 -4.93
C PHE A 47 6.14 6.81 -4.81
N ALA A 48 5.55 5.94 -4.02
CA ALA A 48 6.09 4.60 -3.81
C ALA A 48 4.98 3.59 -3.56
N ILE A 49 5.16 2.38 -4.08
CA ILE A 49 4.18 1.32 -3.91
C ILE A 49 4.63 0.30 -2.87
N VAL A 50 4.01 0.36 -1.69
CA VAL A 50 4.34 -0.56 -0.61
C VAL A 50 3.45 -1.80 -0.65
N GLU A 51 4.07 -2.97 -0.74
CA GLU A 51 3.33 -4.23 -0.78
C GLU A 51 3.42 -4.95 0.57
N MET A 52 2.30 -5.51 1.00
CA MET A 52 2.24 -6.23 2.26
C MET A 52 2.34 -7.74 2.04
N GLY A 53 2.83 -8.46 3.04
CA GLY A 53 2.97 -9.90 2.93
C GLY A 53 1.63 -10.59 2.81
N ASP A 54 0.82 -10.50 3.86
CA ASP A 54 -0.51 -11.12 3.87
C ASP A 54 -1.60 -10.07 3.83
N VAL A 55 -2.83 -10.51 3.54
CA VAL A 55 -3.97 -9.61 3.47
C VAL A 55 -4.22 -8.94 4.81
N GLY A 56 -4.21 -9.73 5.88
CA GLY A 56 -4.44 -9.20 7.20
C GLY A 56 -3.55 -8.01 7.51
N ALA A 57 -2.35 -8.00 6.94
CA ALA A 57 -1.41 -6.92 7.16
C ALA A 57 -1.90 -5.63 6.51
N ARG A 58 -2.31 -5.72 5.26
CA ARG A 58 -2.80 -4.56 4.52
C ARG A 58 -4.06 -4.00 5.18
N GLU A 59 -4.83 -4.87 5.82
CA GLU A 59 -6.06 -4.46 6.48
C GLU A 59 -5.77 -3.54 7.65
N ALA A 60 -4.82 -3.94 8.50
CA ALA A 60 -4.43 -3.15 9.66
C ALA A 60 -4.18 -1.70 9.27
N VAL A 61 -3.14 -1.47 8.47
CA VAL A 61 -2.80 -0.13 8.03
C VAL A 61 -4.03 0.64 7.60
N LEU A 62 -4.75 0.10 6.62
CA LEU A 62 -5.96 0.75 6.12
C LEU A 62 -6.94 1.02 7.26
N SER A 63 -6.82 0.27 8.34
CA SER A 63 -7.69 0.43 9.49
C SER A 63 -7.02 1.27 10.57
N GLN A 64 -6.13 2.16 10.15
CA GLN A 64 -5.41 3.02 11.09
C GLN A 64 -6.04 4.41 11.14
N SER A 65 -5.96 5.05 12.30
CA SER A 65 -6.52 6.38 12.48
C SER A 65 -5.86 7.38 11.55
N GLN A 66 -4.63 7.77 11.88
CA GLN A 66 -3.89 8.73 11.07
C GLN A 66 -2.47 8.24 10.81
N HIS A 67 -2.01 8.37 9.57
CA HIS A 67 -0.67 7.94 9.20
C HIS A 67 0.31 9.12 9.22
N SER A 68 1.38 8.97 9.99
CA SER A 68 2.39 10.02 10.10
C SER A 68 3.75 9.43 10.46
N LEU A 69 4.74 9.67 9.61
CA LEU A 69 6.09 9.17 9.84
C LEU A 69 6.91 10.17 10.65
N GLY A 70 7.29 9.78 11.86
CA GLY A 70 8.08 10.65 12.71
C GLY A 70 7.39 11.97 12.99
N GLY A 71 7.77 13.00 12.23
CA GLY A 71 7.18 14.31 12.41
C GLY A 71 6.69 14.92 11.11
N HIS A 72 6.25 14.06 10.19
CA HIS A 72 5.75 14.51 8.90
C HIS A 72 4.37 13.93 8.61
N ARG A 73 3.85 14.22 7.42
CA ARG A 73 2.54 13.73 7.02
C ARG A 73 2.63 12.95 5.72
N LEU A 74 1.98 11.79 5.69
CA LEU A 74 1.98 10.94 4.49
C LEU A 74 0.57 10.75 3.96
N ARG A 75 0.47 10.26 2.73
CA ARG A 75 -0.83 10.02 2.09
C ARG A 75 -0.92 8.60 1.56
N VAL A 76 -1.29 7.67 2.43
CA VAL A 76 -1.42 6.26 2.05
C VAL A 76 -2.86 5.93 1.67
N ARG A 77 -3.07 5.58 0.40
CA ARG A 77 -4.39 5.24 -0.08
C ARG A 77 -4.40 3.84 -0.72
N PRO A 78 -5.56 3.20 -0.70
CA PRO A 78 -5.73 1.85 -1.25
C PRO A 78 -5.12 1.73 -2.64
N ARG A 79 -4.70 0.52 -3.00
CA ARG A 79 -4.10 0.26 -4.31
C ARG A 79 -5.17 -0.09 -5.34
N GLU A 80 -4.73 -0.29 -6.58
CA GLU A 80 -5.65 -0.63 -7.66
C GLU A 80 -6.98 0.10 -7.50
N GLN A 81 -6.91 1.37 -7.08
CA GLN A 81 -8.11 2.17 -6.88
C GLN A 81 -8.11 3.37 -7.82
N LYS A 82 -8.82 3.23 -8.94
CA LYS A 82 -8.90 4.30 -9.93
C LYS A 82 -10.36 4.66 -10.22
N GLU A 83 -11.19 4.64 -9.18
CA GLU A 83 -12.61 4.96 -9.33
C GLU A 83 -13.13 4.46 -10.67
N PHE A 84 -12.68 3.28 -11.08
CA PHE A 84 -13.11 2.69 -12.34
C PHE A 84 -14.13 1.57 -12.10
N GLN A 85 -13.67 0.49 -11.50
CA GLN A 85 -14.53 -0.65 -11.22
C GLN A 85 -14.58 -0.95 -9.72
N SER A 86 -15.64 -1.59 -9.28
CA SER A 86 -15.81 -1.93 -7.87
C SER A 86 -16.17 -3.39 -7.71
N PRO A 87 -15.16 -4.24 -7.51
CA PRO A 87 -15.34 -5.69 -7.33
C PRO A 87 -15.85 -6.04 -5.94
N ALA A 88 -17.09 -6.52 -5.87
CA ALA A 88 -17.69 -6.89 -4.60
C ALA A 88 -17.76 -8.41 -4.45
N SER A 89 -16.72 -8.98 -3.86
CA SER A 89 -16.66 -10.43 -3.65
C SER A 89 -16.29 -10.77 -2.22
N LYS A 90 -17.29 -11.18 -1.43
CA LYS A 90 -17.08 -11.53 -0.04
C LYS A 90 -16.50 -12.94 0.09
N SER A 91 -15.19 -13.02 0.33
CA SER A 91 -14.53 -14.30 0.46
C SER A 91 -14.14 -14.57 1.92
N PRO A 92 -15.04 -15.26 2.64
CA PRO A 92 -14.82 -15.60 4.05
C PRO A 92 -13.82 -16.73 4.23
N LYS A 93 -12.55 -16.37 4.40
CA LYS A 93 -11.48 -17.34 4.58
C LYS A 93 -10.16 -16.66 4.92
N GLY A 94 -9.72 -16.82 6.17
CA GLY A 94 -8.47 -16.22 6.60
C GLY A 94 -7.76 -17.05 7.65
N GLY A 1 -19.86 0.14 -3.69
CA GLY A 1 -20.44 -1.12 -3.27
C GLY A 1 -19.40 -2.23 -3.21
N SER A 2 -19.71 -3.29 -2.47
CA SER A 2 -18.79 -4.42 -2.33
C SER A 2 -18.95 -5.38 -3.50
N SER A 3 -18.11 -5.20 -4.52
CA SER A 3 -18.14 -6.05 -5.70
C SER A 3 -16.77 -6.14 -6.35
N GLY A 4 -16.53 -7.24 -7.06
CA GLY A 4 -15.25 -7.43 -7.72
C GLY A 4 -14.65 -8.80 -7.45
N SER A 5 -13.60 -9.14 -8.19
CA SER A 5 -12.95 -10.43 -8.02
C SER A 5 -11.43 -10.27 -7.95
N SER A 6 -10.99 -9.25 -7.22
CA SER A 6 -9.56 -8.99 -7.07
C SER A 6 -9.19 -8.78 -5.60
N GLY A 7 -8.16 -9.47 -5.16
CA GLY A 7 -7.71 -9.34 -3.78
C GLY A 7 -6.25 -8.99 -3.67
N LEU A 8 -5.92 -7.73 -3.90
CA LEU A 8 -4.54 -7.26 -3.83
C LEU A 8 -4.15 -6.96 -2.39
N ARG A 9 -2.85 -7.05 -2.10
CA ARG A 9 -2.34 -6.78 -0.77
C ARG A 9 -1.28 -5.70 -0.79
N SER A 10 -1.51 -4.66 -1.59
CA SER A 10 -0.56 -3.55 -1.71
C SER A 10 -1.25 -2.23 -1.43
N VAL A 11 -0.45 -1.20 -1.15
CA VAL A 11 -0.97 0.13 -0.86
C VAL A 11 -0.09 1.21 -1.46
N PHE A 12 -0.72 2.20 -2.08
CA PHE A 12 0.01 3.30 -2.71
C PHE A 12 0.45 4.32 -1.66
N VAL A 13 1.76 4.44 -1.47
CA VAL A 13 2.31 5.38 -0.50
C VAL A 13 2.99 6.55 -1.20
N SER A 14 2.67 7.76 -0.77
CA SER A 14 3.26 8.97 -1.35
C SER A 14 3.17 10.14 -0.38
N GLY A 15 3.80 11.26 -0.75
CA GLY A 15 3.78 12.43 0.10
C GLY A 15 4.84 12.37 1.19
N PHE A 16 5.88 11.58 0.96
CA PHE A 16 6.96 11.44 1.94
C PHE A 16 8.03 12.51 1.72
N PRO A 17 8.78 12.81 2.78
CA PRO A 17 9.85 13.81 2.73
C PRO A 17 11.11 13.29 2.04
N ARG A 18 11.83 14.18 1.37
CA ARG A 18 13.05 13.82 0.67
C ARG A 18 14.05 13.18 1.63
N GLY A 19 14.69 12.10 1.17
CA GLY A 19 15.66 11.42 2.00
C GLY A 19 15.19 10.03 2.42
N VAL A 20 13.88 9.86 2.49
CA VAL A 20 13.31 8.57 2.89
C VAL A 20 13.59 7.50 1.84
N ASP A 21 14.18 6.39 2.28
CA ASP A 21 14.50 5.29 1.39
C ASP A 21 13.47 4.16 1.51
N SER A 22 13.71 3.07 0.79
CA SER A 22 12.80 1.93 0.82
C SER A 22 13.04 1.08 2.07
N ALA A 23 14.10 1.41 2.80
CA ALA A 23 14.44 0.68 4.02
C ALA A 23 13.67 1.21 5.22
N GLN A 24 13.66 2.53 5.37
CA GLN A 24 12.97 3.17 6.48
C GLN A 24 11.46 2.95 6.37
N LEU A 25 10.94 3.09 5.16
CA LEU A 25 9.51 2.91 4.92
C LEU A 25 9.06 1.51 5.31
N SER A 26 9.76 0.51 4.80
CA SER A 26 9.43 -0.88 5.11
C SER A 26 9.44 -1.13 6.61
N GLU A 27 10.57 -0.86 7.25
CA GLU A 27 10.71 -1.04 8.69
C GLU A 27 9.56 -0.39 9.43
N TYR A 28 9.23 0.85 9.05
CA TYR A 28 8.15 1.58 9.68
C TYR A 28 6.81 0.90 9.44
N PHE A 29 6.73 0.14 8.35
CA PHE A 29 5.50 -0.56 7.99
C PHE A 29 5.50 -1.97 8.58
N LEU A 30 6.55 -2.31 9.32
CA LEU A 30 6.66 -3.62 9.93
C LEU A 30 5.89 -3.68 11.25
N ALA A 31 5.52 -2.51 11.76
CA ALA A 31 4.78 -2.44 13.01
C ALA A 31 3.33 -2.89 12.82
N PHE A 32 3.00 -3.25 11.58
CA PHE A 32 1.64 -3.71 11.26
C PHE A 32 1.68 -5.06 10.55
N GLY A 33 2.70 -5.25 9.71
CA GLY A 33 2.83 -6.50 8.98
C GLY A 33 4.12 -6.57 8.18
N PRO A 34 4.39 -7.74 7.60
CA PRO A 34 5.60 -7.96 6.80
C PRO A 34 5.50 -7.35 5.41
N VAL A 35 6.49 -6.54 5.06
CA VAL A 35 6.51 -5.88 3.76
C VAL A 35 7.21 -6.74 2.72
N ALA A 36 6.48 -7.11 1.68
CA ALA A 36 7.02 -7.95 0.61
C ALA A 36 8.11 -7.21 -0.16
N SER A 37 7.81 -5.97 -0.56
CA SER A 37 8.77 -5.16 -1.30
C SER A 37 8.29 -3.71 -1.38
N VAL A 38 9.25 -2.80 -1.59
CA VAL A 38 8.93 -1.38 -1.69
C VAL A 38 9.46 -0.79 -2.99
N VAL A 39 8.57 -0.61 -3.95
CA VAL A 39 8.95 -0.05 -5.25
C VAL A 39 8.69 1.45 -5.29
N MET A 40 9.76 2.23 -5.12
CA MET A 40 9.65 3.69 -5.14
C MET A 40 10.45 4.27 -6.30
N ASP A 41 9.85 5.24 -6.99
CA ASP A 41 10.51 5.88 -8.12
C ASP A 41 11.80 6.56 -7.69
N LYS A 42 12.81 6.50 -8.54
CA LYS A 42 14.11 7.11 -8.26
C LYS A 42 14.30 8.39 -9.05
N ASP A 43 14.12 8.30 -10.37
CA ASP A 43 14.28 9.45 -11.24
C ASP A 43 13.59 10.69 -10.64
N LYS A 44 12.33 10.51 -10.24
CA LYS A 44 11.57 11.60 -9.65
C LYS A 44 11.36 11.38 -8.16
N GLY A 45 10.87 10.19 -7.80
CA GLY A 45 10.65 9.87 -6.41
C GLY A 45 9.45 10.61 -5.84
N VAL A 46 8.26 10.27 -6.30
CA VAL A 46 7.03 10.90 -5.83
C VAL A 46 6.05 9.87 -5.30
N PHE A 47 6.10 8.66 -5.85
CA PHE A 47 5.21 7.58 -5.44
C PHE A 47 5.99 6.29 -5.20
N ALA A 48 5.42 5.41 -4.38
CA ALA A 48 6.06 4.14 -4.07
C ALA A 48 5.02 3.07 -3.73
N ILE A 49 5.08 1.95 -4.45
CA ILE A 49 4.14 0.86 -4.23
C ILE A 49 4.58 -0.01 -3.05
N VAL A 50 3.86 0.11 -1.93
CA VAL A 50 4.18 -0.66 -0.74
C VAL A 50 3.41 -1.98 -0.72
N GLU A 51 4.12 -3.07 -0.97
CA GLU A 51 3.50 -4.40 -0.99
C GLU A 51 3.60 -5.05 0.38
N MET A 52 2.54 -5.74 0.78
CA MET A 52 2.51 -6.41 2.07
C MET A 52 2.58 -7.93 1.89
N GLY A 53 2.66 -8.65 3.01
CA GLY A 53 2.73 -10.10 2.94
C GLY A 53 1.37 -10.74 2.94
N ASP A 54 0.58 -10.50 3.98
CA ASP A 54 -0.76 -11.06 4.09
C ASP A 54 -1.82 -9.97 3.92
N VAL A 55 -3.07 -10.39 3.70
CA VAL A 55 -4.16 -9.45 3.53
C VAL A 55 -4.48 -8.72 4.83
N GLY A 56 -4.06 -9.31 5.94
CA GLY A 56 -4.30 -8.70 7.23
C GLY A 56 -3.43 -7.48 7.48
N ALA A 57 -2.16 -7.58 7.12
CA ALA A 57 -1.23 -6.47 7.30
C ALA A 57 -1.77 -5.20 6.67
N ARG A 58 -2.21 -5.30 5.42
CA ARG A 58 -2.76 -4.14 4.71
C ARG A 58 -3.94 -3.55 5.45
N GLU A 59 -4.89 -4.41 5.83
CA GLU A 59 -6.08 -3.97 6.54
C GLU A 59 -5.70 -3.16 7.79
N ALA A 60 -4.70 -3.63 8.50
CA ALA A 60 -4.24 -2.95 9.71
C ALA A 60 -3.87 -1.51 9.42
N VAL A 61 -3.13 -1.29 8.33
CA VAL A 61 -2.72 0.06 7.95
C VAL A 61 -3.92 0.91 7.59
N LEU A 62 -4.79 0.39 6.74
CA LEU A 62 -6.00 1.11 6.32
C LEU A 62 -6.89 1.43 7.51
N SER A 63 -6.92 0.51 8.48
CA SER A 63 -7.74 0.68 9.67
C SER A 63 -6.95 1.40 10.76
N GLN A 64 -6.12 2.36 10.36
CA GLN A 64 -5.31 3.11 11.31
C GLN A 64 -5.86 4.53 11.48
N SER A 65 -5.68 5.09 12.68
CA SER A 65 -6.16 6.43 12.98
C SER A 65 -5.39 7.47 12.17
N GLN A 66 -4.15 7.72 12.57
CA GLN A 66 -3.30 8.69 11.89
C GLN A 66 -1.92 8.11 11.61
N HIS A 67 -1.40 8.38 10.42
CA HIS A 67 -0.09 7.89 10.02
C HIS A 67 0.96 9.00 10.09
N SER A 68 2.18 8.65 10.46
CA SER A 68 3.26 9.61 10.57
C SER A 68 4.62 8.91 10.61
N LEU A 69 5.63 9.57 10.07
CA LEU A 69 6.99 9.02 10.05
C LEU A 69 7.99 10.00 10.65
N GLY A 70 8.21 9.89 11.96
CA GLY A 70 9.15 10.77 12.63
C GLY A 70 8.69 12.21 12.61
N GLY A 71 7.39 12.43 12.84
CA GLY A 71 6.85 13.77 12.86
C GLY A 71 6.20 14.15 11.54
N HIS A 72 6.89 13.85 10.43
CA HIS A 72 6.37 14.17 9.11
C HIS A 72 5.00 13.52 8.89
N ARG A 73 4.41 13.79 7.74
CA ARG A 73 3.10 13.23 7.40
C ARG A 73 3.18 12.36 6.15
N LEU A 74 2.20 11.48 5.97
CA LEU A 74 2.16 10.60 4.82
C LEU A 74 0.75 10.50 4.26
N ARG A 75 0.64 10.31 2.95
CA ARG A 75 -0.65 10.19 2.30
C ARG A 75 -0.85 8.79 1.71
N VAL A 76 -1.10 7.82 2.58
CA VAL A 76 -1.29 6.44 2.15
C VAL A 76 -2.70 6.23 1.58
N ARG A 77 -2.78 5.55 0.45
CA ARG A 77 -4.06 5.28 -0.19
C ARG A 77 -4.01 3.98 -0.98
N PRO A 78 -5.14 3.25 -0.98
CA PRO A 78 -5.26 1.97 -1.69
C PRO A 78 -4.69 2.04 -3.10
N ARG A 79 -4.06 0.94 -3.53
CA ARG A 79 -3.47 0.88 -4.85
C ARG A 79 -4.55 0.87 -5.94
N GLU A 80 -4.23 1.45 -7.09
CA GLU A 80 -5.18 1.51 -8.20
C GLU A 80 -5.00 0.33 -9.14
N GLN A 81 -6.11 -0.18 -9.66
CA GLN A 81 -6.07 -1.32 -10.57
C GLN A 81 -5.94 -0.86 -12.02
N LYS A 82 -6.88 -0.02 -12.46
CA LYS A 82 -6.87 0.50 -13.82
C LYS A 82 -6.51 -0.60 -14.82
N GLU A 83 -7.13 -1.76 -14.67
CA GLU A 83 -6.87 -2.89 -15.56
C GLU A 83 -8.14 -3.31 -16.27
N PHE A 84 -7.99 -3.83 -17.49
CA PHE A 84 -9.12 -4.28 -18.29
C PHE A 84 -9.40 -5.76 -18.05
N GLN A 85 -9.44 -6.16 -16.78
CA GLN A 85 -9.70 -7.54 -16.42
C GLN A 85 -11.18 -7.87 -16.56
N SER A 86 -11.54 -8.50 -17.67
CA SER A 86 -12.93 -8.86 -17.93
C SER A 86 -13.65 -9.21 -16.63
N PRO A 87 -14.37 -8.23 -16.06
CA PRO A 87 -15.11 -8.42 -14.81
C PRO A 87 -15.91 -9.71 -14.81
N ALA A 88 -15.47 -10.67 -14.00
CA ALA A 88 -16.16 -11.96 -13.90
C ALA A 88 -16.50 -12.28 -12.45
N SER A 89 -17.80 -12.30 -12.14
CA SER A 89 -18.25 -12.60 -10.78
C SER A 89 -19.25 -13.75 -10.79
N LYS A 90 -18.85 -14.86 -10.18
CA LYS A 90 -19.72 -16.04 -10.11
C LYS A 90 -19.80 -16.57 -8.68
N SER A 91 -20.77 -16.06 -7.93
CA SER A 91 -20.95 -16.48 -6.54
C SER A 91 -22.34 -16.08 -6.04
N PRO A 92 -22.84 -16.82 -5.04
CA PRO A 92 -24.15 -16.57 -4.44
C PRO A 92 -24.14 -15.37 -3.48
N LYS A 93 -25.30 -15.06 -2.92
CA LYS A 93 -25.42 -13.94 -1.99
C LYS A 93 -24.40 -14.07 -0.86
N GLY A 94 -24.29 -15.27 -0.30
CA GLY A 94 -23.35 -15.50 0.79
C GLY A 94 -23.37 -16.93 1.28
N GLY A 1 -11.02 -7.90 -14.01
CA GLY A 1 -9.88 -7.89 -13.12
C GLY A 1 -8.57 -7.75 -13.87
N SER A 2 -8.36 -6.58 -14.48
CA SER A 2 -7.14 -6.33 -15.24
C SER A 2 -5.94 -6.21 -14.31
N SER A 3 -5.18 -7.30 -14.18
CA SER A 3 -4.01 -7.31 -13.31
C SER A 3 -2.81 -6.68 -14.03
N GLY A 4 -2.15 -5.75 -13.34
CA GLY A 4 -1.00 -5.08 -13.93
C GLY A 4 -0.63 -3.81 -13.18
N SER A 5 -1.49 -2.81 -13.27
CA SER A 5 -1.25 -1.54 -12.60
C SER A 5 -2.02 -1.45 -11.28
N SER A 6 -2.11 -2.57 -10.59
CA SER A 6 -2.81 -2.63 -9.32
C SER A 6 -2.57 -3.96 -8.61
N GLY A 7 -2.52 -3.92 -7.28
CA GLY A 7 -2.28 -5.14 -6.51
C GLY A 7 -3.35 -5.37 -5.47
N LEU A 8 -3.76 -6.62 -5.32
CA LEU A 8 -4.80 -6.98 -4.35
C LEU A 8 -4.30 -6.75 -2.93
N ARG A 9 -3.04 -7.10 -2.68
CA ARG A 9 -2.45 -6.93 -1.35
C ARG A 9 -1.31 -5.91 -1.40
N SER A 10 -1.66 -4.65 -1.58
CA SER A 10 -0.66 -3.58 -1.65
C SER A 10 -1.24 -2.26 -1.16
N VAL A 11 -0.40 -1.25 -1.07
CA VAL A 11 -0.82 0.07 -0.61
C VAL A 11 -0.01 1.18 -1.28
N PHE A 12 -0.68 2.26 -1.63
CA PHE A 12 -0.02 3.39 -2.28
C PHE A 12 0.47 4.41 -1.24
N VAL A 13 1.79 4.58 -1.17
CA VAL A 13 2.38 5.52 -0.23
C VAL A 13 3.10 6.65 -0.95
N SER A 14 2.82 7.88 -0.53
CA SER A 14 3.45 9.05 -1.15
C SER A 14 3.38 10.25 -0.21
N GLY A 15 4.13 11.29 -0.54
CA GLY A 15 4.15 12.49 0.29
C GLY A 15 5.28 12.48 1.29
N PHE A 16 6.32 11.70 1.02
CA PHE A 16 7.47 11.60 1.90
C PHE A 16 8.53 12.64 1.53
N PRO A 17 9.35 13.03 2.51
CA PRO A 17 10.41 14.02 2.31
C PRO A 17 11.62 13.42 1.59
N ARG A 18 12.56 14.28 1.20
CA ARG A 18 13.75 13.84 0.49
C ARG A 18 14.75 13.20 1.45
N GLY A 19 15.23 12.02 1.10
CA GLY A 19 16.17 11.31 1.94
C GLY A 19 15.66 9.95 2.36
N VAL A 20 14.36 9.84 2.60
CA VAL A 20 13.75 8.59 3.02
C VAL A 20 14.09 7.47 2.05
N ASP A 21 14.49 6.32 2.59
CA ASP A 21 14.85 5.17 1.77
C ASP A 21 13.87 4.02 1.99
N SER A 22 13.67 3.19 0.97
CA SER A 22 12.77 2.06 1.06
C SER A 22 13.02 1.26 2.33
N ALA A 23 14.28 1.25 2.77
CA ALA A 23 14.66 0.52 3.98
C ALA A 23 13.96 1.09 5.21
N GLN A 24 14.05 2.41 5.36
CA GLN A 24 13.42 3.08 6.50
C GLN A 24 11.91 2.88 6.50
N LEU A 25 11.30 3.07 5.34
CA LEU A 25 9.85 2.90 5.20
C LEU A 25 9.41 1.53 5.69
N SER A 26 10.01 0.48 5.15
CA SER A 26 9.68 -0.88 5.54
C SER A 26 9.70 -1.04 7.06
N GLU A 27 10.84 -0.74 7.66
CA GLU A 27 11.00 -0.85 9.10
C GLU A 27 9.85 -0.15 9.83
N TYR A 28 9.42 0.98 9.28
CA TYR A 28 8.32 1.75 9.87
C TYR A 28 6.98 1.10 9.57
N PHE A 29 6.90 0.39 8.45
CA PHE A 29 5.67 -0.28 8.05
C PHE A 29 5.58 -1.66 8.69
N LEU A 30 6.68 -2.11 9.29
CA LEU A 30 6.72 -3.41 9.95
C LEU A 30 5.98 -3.37 11.27
N ALA A 31 5.61 -2.17 11.72
CA ALA A 31 4.90 -2.00 12.97
C ALA A 31 3.44 -2.43 12.84
N PHE A 32 3.03 -2.74 11.61
CA PHE A 32 1.66 -3.17 11.35
C PHE A 32 1.64 -4.50 10.59
N GLY A 33 2.70 -4.74 9.81
CA GLY A 33 2.77 -5.97 9.05
C GLY A 33 4.02 -6.04 8.19
N PRO A 34 4.32 -7.23 7.66
CA PRO A 34 5.49 -7.45 6.80
C PRO A 34 5.31 -6.85 5.41
N VAL A 35 6.29 -6.07 4.97
CA VAL A 35 6.25 -5.45 3.66
C VAL A 35 6.95 -6.30 2.61
N ALA A 36 6.15 -6.92 1.74
CA ALA A 36 6.69 -7.76 0.68
C ALA A 36 7.79 -7.04 -0.10
N SER A 37 7.51 -5.80 -0.50
CA SER A 37 8.47 -5.01 -1.25
C SER A 37 7.97 -3.58 -1.44
N VAL A 38 8.89 -2.66 -1.71
CA VAL A 38 8.54 -1.26 -1.92
C VAL A 38 9.07 -0.76 -3.26
N VAL A 39 8.15 -0.52 -4.20
CA VAL A 39 8.53 -0.04 -5.52
C VAL A 39 8.56 1.49 -5.56
N MET A 40 9.67 2.06 -5.11
CA MET A 40 9.82 3.52 -5.10
C MET A 40 10.10 4.05 -6.49
N ASP A 41 9.16 4.83 -7.02
CA ASP A 41 9.31 5.41 -8.35
C ASP A 41 10.70 6.00 -8.54
N LYS A 42 11.19 5.97 -9.77
CA LYS A 42 12.51 6.51 -10.08
C LYS A 42 12.41 7.80 -10.89
N ASP A 43 11.34 7.92 -11.67
CA ASP A 43 11.11 9.10 -12.49
C ASP A 43 11.12 10.37 -11.63
N LYS A 44 10.14 10.46 -10.73
CA LYS A 44 10.03 11.61 -9.84
C LYS A 44 9.98 11.17 -8.38
N GLY A 45 10.10 9.86 -8.15
CA GLY A 45 10.06 9.34 -6.80
C GLY A 45 9.06 10.05 -5.92
N VAL A 46 8.02 10.61 -6.56
CA VAL A 46 6.99 11.32 -5.82
C VAL A 46 6.05 10.37 -5.10
N PHE A 47 6.21 9.08 -5.38
CA PHE A 47 5.38 8.05 -4.76
C PHE A 47 6.09 6.69 -4.77
N ALA A 48 5.58 5.77 -3.96
CA ALA A 48 6.17 4.43 -3.88
C ALA A 48 5.11 3.39 -3.54
N ILE A 49 5.07 2.31 -4.31
CA ILE A 49 4.11 1.24 -4.09
C ILE A 49 4.58 0.28 -3.01
N VAL A 50 3.94 0.37 -1.84
CA VAL A 50 4.30 -0.50 -0.72
C VAL A 50 3.39 -1.72 -0.66
N GLU A 51 3.99 -2.90 -0.79
CA GLU A 51 3.23 -4.16 -0.74
C GLU A 51 3.22 -4.73 0.66
N MET A 52 2.31 -5.67 0.90
CA MET A 52 2.20 -6.32 2.21
C MET A 52 2.16 -7.83 2.07
N GLY A 53 2.61 -8.53 3.11
CA GLY A 53 2.61 -9.98 3.09
C GLY A 53 1.25 -10.56 2.75
N ASP A 54 0.38 -10.62 3.76
CA ASP A 54 -0.96 -11.16 3.57
C ASP A 54 -2.01 -10.05 3.68
N VAL A 55 -3.24 -10.39 3.30
CA VAL A 55 -4.33 -9.42 3.36
C VAL A 55 -4.47 -8.82 4.76
N GLY A 56 -4.26 -9.65 5.77
CA GLY A 56 -4.37 -9.18 7.14
C GLY A 56 -3.48 -7.99 7.42
N ALA A 57 -2.28 -8.00 6.84
CA ALA A 57 -1.33 -6.90 7.04
C ALA A 57 -1.85 -5.62 6.41
N ARG A 58 -2.16 -5.68 5.12
CA ARG A 58 -2.66 -4.53 4.39
C ARG A 58 -3.88 -3.93 5.09
N GLU A 59 -4.73 -4.80 5.61
CA GLU A 59 -5.93 -4.37 6.31
C GLU A 59 -5.59 -3.49 7.51
N ALA A 60 -4.58 -3.91 8.27
CA ALA A 60 -4.15 -3.16 9.45
C ALA A 60 -3.83 -1.71 9.08
N VAL A 61 -2.95 -1.54 8.11
CA VAL A 61 -2.55 -0.20 7.67
C VAL A 61 -3.75 0.58 7.15
N LEU A 62 -4.56 -0.07 6.31
CA LEU A 62 -5.74 0.56 5.75
C LEU A 62 -6.71 1.00 6.85
N SER A 63 -6.71 0.26 7.95
CA SER A 63 -7.59 0.57 9.08
C SER A 63 -6.85 1.36 10.14
N GLN A 64 -6.17 2.42 9.72
CA GLN A 64 -5.42 3.27 10.64
C GLN A 64 -6.00 4.68 10.70
N SER A 65 -5.98 5.28 11.89
CA SER A 65 -6.52 6.62 12.08
C SER A 65 -5.80 7.61 11.18
N GLN A 66 -4.55 7.92 11.51
CA GLN A 66 -3.75 8.86 10.74
C GLN A 66 -2.33 8.35 10.55
N HIS A 67 -1.91 8.21 9.30
CA HIS A 67 -0.57 7.74 8.98
C HIS A 67 0.44 8.88 9.04
N SER A 68 1.43 8.74 9.92
CA SER A 68 2.47 9.75 10.07
C SER A 68 3.80 9.12 10.42
N LEU A 69 4.81 9.36 9.58
CA LEU A 69 6.14 8.81 9.79
C LEU A 69 7.00 9.78 10.59
N GLY A 70 7.11 9.54 11.89
CA GLY A 70 7.91 10.40 12.75
C GLY A 70 7.60 11.87 12.54
N GLY A 71 6.32 12.19 12.44
CA GLY A 71 5.92 13.57 12.23
C GLY A 71 5.57 13.87 10.79
N HIS A 72 6.35 13.31 9.87
CA HIS A 72 6.11 13.53 8.44
C HIS A 72 4.80 12.87 8.01
N ARG A 73 3.85 13.70 7.58
CA ARG A 73 2.55 13.21 7.14
C ARG A 73 2.68 12.40 5.85
N LEU A 74 1.89 11.35 5.73
CA LEU A 74 1.92 10.50 4.54
C LEU A 74 0.50 10.17 4.07
N ARG A 75 0.28 10.30 2.77
CA ARG A 75 -1.03 10.03 2.19
C ARG A 75 -1.10 8.60 1.65
N VAL A 76 -1.51 7.67 2.51
CA VAL A 76 -1.61 6.27 2.13
C VAL A 76 -3.05 5.90 1.76
N ARG A 77 -3.22 5.31 0.58
CA ARG A 77 -4.54 4.91 0.12
C ARG A 77 -4.49 3.55 -0.58
N PRO A 78 -5.60 2.79 -0.49
CA PRO A 78 -5.70 1.47 -1.10
C PRO A 78 -5.18 1.45 -2.53
N ARG A 79 -4.81 0.26 -3.00
CA ARG A 79 -4.29 0.10 -4.36
C ARG A 79 -5.18 -0.85 -5.17
N GLU A 80 -6.10 -0.28 -5.93
CA GLU A 80 -7.00 -1.08 -6.76
C GLU A 80 -7.50 -0.27 -7.95
N GLN A 81 -8.16 -0.95 -8.88
CA GLN A 81 -8.69 -0.31 -10.08
C GLN A 81 -10.21 -0.38 -10.12
N LYS A 82 -10.84 0.70 -10.55
CA LYS A 82 -12.29 0.75 -10.63
C LYS A 82 -12.80 -0.18 -11.73
N GLU A 83 -14.13 -0.34 -11.78
CA GLU A 83 -14.75 -1.20 -12.79
C GLU A 83 -16.09 -0.65 -13.22
N PHE A 84 -16.24 -0.41 -14.52
CA PHE A 84 -17.48 0.13 -15.07
C PHE A 84 -18.60 -0.89 -14.97
N GLN A 85 -19.78 -0.45 -14.56
CA GLN A 85 -20.94 -1.32 -14.43
C GLN A 85 -22.18 -0.52 -14.07
N SER A 86 -23.28 -0.80 -14.75
CA SER A 86 -24.55 -0.12 -14.51
C SER A 86 -25.73 -1.02 -14.85
N PRO A 87 -26.81 -0.89 -14.07
CA PRO A 87 -28.02 -1.67 -14.26
C PRO A 87 -28.88 -1.16 -15.42
N ALA A 88 -29.94 -1.89 -15.74
CA ALA A 88 -30.83 -1.51 -16.83
C ALA A 88 -32.12 -2.33 -16.80
N SER A 89 -33.03 -2.01 -17.71
CA SER A 89 -34.31 -2.71 -17.79
C SER A 89 -34.10 -4.17 -18.19
N LYS A 90 -34.31 -5.07 -17.24
CA LYS A 90 -34.14 -6.50 -17.49
C LYS A 90 -35.06 -6.96 -18.62
N SER A 91 -34.53 -7.82 -19.49
CA SER A 91 -35.29 -8.33 -20.62
C SER A 91 -36.19 -9.50 -20.20
N PRO A 92 -37.32 -9.66 -20.89
CA PRO A 92 -38.27 -10.74 -20.60
C PRO A 92 -37.80 -12.08 -21.13
N LYS A 93 -37.66 -13.06 -20.24
CA LYS A 93 -37.22 -14.40 -20.62
C LYS A 93 -38.41 -15.34 -20.76
N GLY A 94 -38.17 -16.52 -21.31
CA GLY A 94 -39.23 -17.50 -21.49
C GLY A 94 -40.23 -17.08 -22.54
N GLY A 1 -5.99 -21.46 1.13
CA GLY A 1 -7.44 -21.42 1.10
C GLY A 1 -7.99 -20.61 -0.07
N SER A 2 -8.02 -19.29 0.10
CA SER A 2 -8.52 -18.41 -0.95
C SER A 2 -7.48 -17.36 -1.32
N SER A 3 -6.62 -17.69 -2.27
CA SER A 3 -5.58 -16.79 -2.72
C SER A 3 -6.03 -15.98 -3.93
N GLY A 4 -6.52 -14.77 -3.68
CA GLY A 4 -6.98 -13.91 -4.75
C GLY A 4 -8.20 -13.10 -4.37
N SER A 5 -9.35 -13.44 -4.96
CA SER A 5 -10.59 -12.73 -4.67
C SER A 5 -10.50 -11.28 -5.11
N SER A 6 -9.90 -11.05 -6.28
CA SER A 6 -9.75 -9.71 -6.81
C SER A 6 -9.38 -8.72 -5.70
N GLY A 7 -8.46 -9.13 -4.83
CA GLY A 7 -8.05 -8.27 -3.74
C GLY A 7 -6.56 -8.36 -3.47
N LEU A 8 -5.77 -7.62 -4.26
CA LEU A 8 -4.32 -7.63 -4.10
C LEU A 8 -3.93 -7.20 -2.69
N ARG A 9 -2.67 -7.44 -2.34
CA ARG A 9 -2.16 -7.08 -1.02
C ARG A 9 -1.05 -6.04 -1.13
N SER A 10 -1.44 -4.78 -1.28
CA SER A 10 -0.49 -3.69 -1.40
C SER A 10 -1.17 -2.34 -1.20
N VAL A 11 -0.45 -1.40 -0.60
CA VAL A 11 -0.99 -0.07 -0.34
C VAL A 11 -0.14 1.00 -1.02
N PHE A 12 -0.81 2.00 -1.61
CA PHE A 12 -0.12 3.08 -2.29
C PHE A 12 0.33 4.16 -1.30
N VAL A 13 1.63 4.45 -1.30
CA VAL A 13 2.18 5.46 -0.40
C VAL A 13 2.87 6.57 -1.18
N SER A 14 2.45 7.81 -0.92
CA SER A 14 3.02 8.97 -1.60
C SER A 14 3.00 10.20 -0.69
N GLY A 15 3.93 11.11 -0.94
CA GLY A 15 4.00 12.32 -0.14
C GLY A 15 4.98 12.20 1.01
N PHE A 16 6.05 11.44 0.79
CA PHE A 16 7.07 11.24 1.82
C PHE A 16 8.21 12.25 1.67
N PRO A 17 8.92 12.50 2.77
CA PRO A 17 10.04 13.45 2.80
C PRO A 17 11.30 12.88 2.15
N ARG A 18 12.05 13.73 1.46
CA ARG A 18 13.27 13.32 0.79
C ARG A 18 14.18 12.54 1.75
N GLY A 19 15.05 11.71 1.18
CA GLY A 19 15.95 10.93 2.01
C GLY A 19 15.40 9.55 2.33
N VAL A 20 14.11 9.50 2.64
CA VAL A 20 13.46 8.24 2.97
C VAL A 20 13.86 7.13 2.00
N ASP A 21 14.46 6.07 2.53
CA ASP A 21 14.89 4.95 1.70
C ASP A 21 13.97 3.74 1.90
N SER A 22 13.81 2.96 0.85
CA SER A 22 12.95 1.78 0.89
C SER A 22 13.10 1.06 2.23
N ALA A 23 14.31 0.63 2.54
CA ALA A 23 14.58 -0.07 3.79
C ALA A 23 13.84 0.59 4.95
N GLN A 24 14.03 1.89 5.11
CA GLN A 24 13.39 2.64 6.19
C GLN A 24 11.88 2.40 6.18
N LEU A 25 11.21 2.88 5.13
CA LEU A 25 9.78 2.72 5.00
C LEU A 25 9.32 1.36 5.53
N SER A 26 9.98 0.30 5.07
CA SER A 26 9.66 -1.05 5.50
C SER A 26 9.65 -1.15 7.03
N GLU A 27 10.81 -0.90 7.63
CA GLU A 27 10.93 -0.96 9.08
C GLU A 27 9.77 -0.24 9.76
N TYR A 28 9.33 0.86 9.17
CA TYR A 28 8.24 1.65 9.72
C TYR A 28 6.90 0.98 9.44
N PHE A 29 6.83 0.23 8.34
CA PHE A 29 5.61 -0.46 7.96
C PHE A 29 5.54 -1.84 8.61
N LEU A 30 6.58 -2.18 9.36
CA LEU A 30 6.65 -3.48 10.03
C LEU A 30 5.80 -3.47 11.30
N ALA A 31 5.44 -2.28 11.76
CA ALA A 31 4.62 -2.13 12.96
C ALA A 31 3.19 -2.58 12.71
N PHE A 32 2.81 -2.64 11.43
CA PHE A 32 1.46 -3.06 11.06
C PHE A 32 1.49 -4.36 10.28
N GLY A 33 2.60 -4.61 9.59
CA GLY A 33 2.73 -5.83 8.81
C GLY A 33 4.05 -5.90 8.06
N PRO A 34 4.40 -7.10 7.58
CA PRO A 34 5.64 -7.32 6.83
C PRO A 34 5.57 -6.79 5.40
N VAL A 35 6.52 -5.94 5.03
CA VAL A 35 6.55 -5.36 3.70
C VAL A 35 7.31 -6.27 2.74
N ALA A 36 6.63 -6.69 1.68
CA ALA A 36 7.24 -7.56 0.67
C ALA A 36 8.26 -6.79 -0.17
N SER A 37 7.87 -5.60 -0.60
CA SER A 37 8.75 -4.77 -1.42
C SER A 37 8.21 -3.34 -1.52
N VAL A 38 9.11 -2.39 -1.69
CA VAL A 38 8.74 -0.99 -1.81
C VAL A 38 9.27 -0.37 -3.10
N VAL A 39 8.43 -0.34 -4.12
CA VAL A 39 8.81 0.21 -5.41
C VAL A 39 8.52 1.71 -5.47
N MET A 40 9.56 2.51 -5.23
CA MET A 40 9.43 3.96 -5.25
C MET A 40 9.98 4.54 -6.55
N ASP A 41 9.36 5.60 -7.04
CA ASP A 41 9.80 6.25 -8.27
C ASP A 41 11.27 6.64 -8.18
N LYS A 42 11.93 6.67 -9.33
CA LYS A 42 13.35 7.03 -9.39
C LYS A 42 13.55 8.32 -10.17
N ASP A 43 12.84 8.45 -11.29
CA ASP A 43 12.94 9.63 -12.14
C ASP A 43 12.75 10.90 -11.31
N LYS A 44 11.72 10.91 -10.47
CA LYS A 44 11.43 12.06 -9.63
C LYS A 44 11.43 11.67 -8.15
N GLY A 45 10.63 10.67 -7.81
CA GLY A 45 10.55 10.21 -6.43
C GLY A 45 9.45 10.91 -5.66
N VAL A 46 8.21 10.69 -6.05
CA VAL A 46 7.07 11.31 -5.38
C VAL A 46 6.14 10.26 -4.78
N PHE A 47 5.94 9.17 -5.51
CA PHE A 47 5.08 8.09 -5.06
C PHE A 47 5.86 6.78 -4.96
N ALA A 48 5.29 5.81 -4.24
CA ALA A 48 5.93 4.51 -4.07
C ALA A 48 4.92 3.45 -3.65
N ILE A 49 5.00 2.28 -4.28
CA ILE A 49 4.10 1.18 -3.99
C ILE A 49 4.62 0.34 -2.83
N VAL A 50 3.91 0.37 -1.71
CA VAL A 50 4.29 -0.41 -0.53
C VAL A 50 3.48 -1.68 -0.42
N GLU A 51 4.05 -2.78 -0.88
CA GLU A 51 3.37 -4.08 -0.83
C GLU A 51 3.44 -4.68 0.57
N MET A 52 2.43 -5.46 0.93
CA MET A 52 2.38 -6.09 2.24
C MET A 52 2.48 -7.60 2.12
N GLY A 53 2.69 -8.28 3.25
CA GLY A 53 2.80 -9.72 3.24
C GLY A 53 1.49 -10.40 2.93
N ASP A 54 0.55 -10.33 3.87
CA ASP A 54 -0.75 -10.95 3.69
C ASP A 54 -1.87 -9.91 3.80
N VAL A 55 -3.11 -10.35 3.62
CA VAL A 55 -4.26 -9.46 3.69
C VAL A 55 -4.34 -8.78 5.05
N GLY A 56 -4.09 -9.54 6.11
CA GLY A 56 -4.14 -8.99 7.44
C GLY A 56 -3.28 -7.76 7.60
N ALA A 57 -2.10 -7.79 6.98
CA ALA A 57 -1.16 -6.67 7.06
C ALA A 57 -1.75 -5.43 6.38
N ARG A 58 -2.19 -5.59 5.14
CA ARG A 58 -2.76 -4.49 4.37
C ARG A 58 -3.94 -3.88 5.12
N GLU A 59 -4.74 -4.73 5.75
CA GLU A 59 -5.91 -4.27 6.50
C GLU A 59 -5.51 -3.35 7.64
N ALA A 60 -4.58 -3.83 8.47
CA ALA A 60 -4.09 -3.05 9.60
C ALA A 60 -3.82 -1.61 9.20
N VAL A 61 -3.12 -1.43 8.08
CA VAL A 61 -2.80 -0.09 7.59
C VAL A 61 -4.05 0.64 7.11
N LEU A 62 -4.92 -0.08 6.42
CA LEU A 62 -6.16 0.50 5.90
C LEU A 62 -7.06 0.98 7.05
N SER A 63 -7.01 0.26 8.16
CA SER A 63 -7.81 0.60 9.33
C SER A 63 -7.07 1.59 10.23
N GLN A 64 -6.41 2.56 9.61
CA GLN A 64 -5.66 3.57 10.36
C GLN A 64 -6.38 4.92 10.33
N SER A 65 -5.99 5.80 11.23
CA SER A 65 -6.61 7.13 11.31
C SER A 65 -5.74 8.17 10.62
N GLN A 66 -4.64 8.55 11.26
CA GLN A 66 -3.73 9.54 10.70
C GLN A 66 -2.29 9.04 10.75
N HIS A 67 -1.74 8.73 9.58
CA HIS A 67 -0.37 8.24 9.49
C HIS A 67 0.62 9.36 9.77
N SER A 68 1.82 8.99 10.22
CA SER A 68 2.86 9.97 10.53
C SER A 68 4.19 9.28 10.79
N LEU A 69 5.20 9.63 10.00
CA LEU A 69 6.53 9.04 10.15
C LEU A 69 7.41 9.90 11.05
N GLY A 70 7.32 9.65 12.35
CA GLY A 70 8.11 10.42 13.30
C GLY A 70 7.91 11.92 13.16
N GLY A 71 6.66 12.33 13.00
CA GLY A 71 6.36 13.74 12.86
C GLY A 71 5.95 14.10 11.44
N HIS A 72 6.63 13.50 10.47
CA HIS A 72 6.34 13.77 9.07
C HIS A 72 4.94 13.26 8.69
N ARG A 73 4.44 13.74 7.57
CA ARG A 73 3.11 13.34 7.10
C ARG A 73 3.21 12.47 5.85
N LEU A 74 2.27 11.54 5.71
CA LEU A 74 2.25 10.64 4.56
C LEU A 74 0.83 10.49 4.01
N ARG A 75 0.74 10.10 2.74
CA ARG A 75 -0.55 9.93 2.09
C ARG A 75 -0.71 8.50 1.58
N VAL A 76 -1.24 7.63 2.43
CA VAL A 76 -1.44 6.23 2.08
C VAL A 76 -2.91 5.97 1.74
N ARG A 77 -3.13 5.20 0.67
CA ARG A 77 -4.48 4.87 0.24
C ARG A 77 -4.50 3.56 -0.53
N PRO A 78 -5.67 2.91 -0.57
CA PRO A 78 -5.85 1.63 -1.27
C PRO A 78 -5.22 1.64 -2.67
N ARG A 79 -4.12 0.92 -2.82
CA ARG A 79 -3.42 0.84 -4.10
C ARG A 79 -4.42 0.72 -5.25
N GLU A 80 -4.46 1.74 -6.10
CA GLU A 80 -5.36 1.74 -7.25
C GLU A 80 -4.68 1.13 -8.47
N GLN A 81 -5.50 0.71 -9.44
CA GLN A 81 -4.98 0.10 -10.66
C GLN A 81 -5.86 0.46 -11.85
N LYS A 82 -5.34 0.22 -13.05
CA LYS A 82 -6.08 0.51 -14.28
C LYS A 82 -6.07 -0.68 -15.21
N GLU A 83 -6.97 -0.67 -16.18
CA GLU A 83 -7.07 -1.75 -17.15
C GLU A 83 -6.20 -1.48 -18.37
N PHE A 84 -5.71 -2.54 -19.00
CA PHE A 84 -4.88 -2.41 -20.19
C PHE A 84 -5.58 -2.97 -21.42
N GLN A 85 -4.97 -2.75 -22.59
CA GLN A 85 -5.55 -3.22 -23.85
C GLN A 85 -6.18 -4.60 -23.67
N SER A 86 -7.28 -4.82 -24.37
CA SER A 86 -7.98 -6.11 -24.29
C SER A 86 -8.17 -6.71 -25.68
N PRO A 87 -7.22 -7.55 -26.09
CA PRO A 87 -7.24 -8.22 -27.39
C PRO A 87 -8.24 -9.39 -27.43
N ALA A 88 -8.14 -10.27 -26.44
CA ALA A 88 -9.03 -11.42 -26.36
C ALA A 88 -8.80 -12.19 -25.07
N SER A 89 -9.76 -12.10 -24.15
CA SER A 89 -9.66 -12.79 -22.87
C SER A 89 -10.02 -14.26 -23.02
N LYS A 90 -9.00 -15.12 -23.07
CA LYS A 90 -9.21 -16.56 -23.21
C LYS A 90 -7.94 -17.33 -22.86
N SER A 91 -8.07 -18.29 -21.96
CA SER A 91 -6.93 -19.10 -21.54
C SER A 91 -7.23 -20.58 -21.71
N PRO A 92 -6.78 -21.15 -22.84
CA PRO A 92 -6.98 -22.57 -23.15
C PRO A 92 -6.09 -23.49 -22.32
N LYS A 93 -6.52 -24.72 -22.14
CA LYS A 93 -5.75 -25.70 -21.36
C LYS A 93 -5.31 -26.87 -22.24
N GLY A 94 -4.06 -26.82 -22.69
CA GLY A 94 -3.55 -27.88 -23.54
C GLY A 94 -2.51 -27.39 -24.52
N GLY A 1 -20.79 0.78 -3.49
CA GLY A 1 -19.94 0.67 -4.67
C GLY A 1 -19.86 -0.76 -5.19
N SER A 2 -20.24 -0.94 -6.46
CA SER A 2 -20.21 -2.26 -7.08
C SER A 2 -18.85 -2.92 -6.89
N SER A 3 -18.87 -4.19 -6.49
CA SER A 3 -17.64 -4.94 -6.27
C SER A 3 -17.43 -5.98 -7.36
N GLY A 4 -16.23 -6.56 -7.40
CA GLY A 4 -15.93 -7.57 -8.40
C GLY A 4 -14.49 -7.50 -8.88
N SER A 5 -13.56 -7.63 -7.94
CA SER A 5 -12.14 -7.57 -8.27
C SER A 5 -11.34 -8.45 -7.32
N SER A 6 -10.10 -8.76 -7.71
CA SER A 6 -9.22 -9.60 -6.90
C SER A 6 -8.93 -8.93 -5.56
N GLY A 7 -8.48 -7.68 -5.61
CA GLY A 7 -8.16 -6.95 -4.40
C GLY A 7 -6.73 -7.17 -3.95
N LEU A 8 -5.79 -6.84 -4.82
CA LEU A 8 -4.37 -7.00 -4.51
C LEU A 8 -4.06 -6.45 -3.11
N ARG A 9 -3.07 -7.04 -2.46
CA ARG A 9 -2.67 -6.62 -1.12
C ARG A 9 -1.56 -5.57 -1.20
N SER A 10 -1.72 -4.61 -2.11
CA SER A 10 -0.73 -3.55 -2.28
C SER A 10 -1.29 -2.22 -1.81
N VAL A 11 -0.39 -1.29 -1.46
CA VAL A 11 -0.78 0.03 -0.99
C VAL A 11 0.15 1.11 -1.55
N PHE A 12 -0.45 2.14 -2.14
CA PHE A 12 0.33 3.25 -2.70
C PHE A 12 0.66 4.28 -1.64
N VAL A 13 1.95 4.46 -1.38
CA VAL A 13 2.41 5.43 -0.38
C VAL A 13 3.12 6.61 -1.04
N SER A 14 2.66 7.81 -0.73
CA SER A 14 3.23 9.02 -1.30
C SER A 14 3.20 10.16 -0.29
N GLY A 15 4.18 11.06 -0.39
CA GLY A 15 4.24 12.20 0.52
C GLY A 15 5.24 11.97 1.65
N PHE A 16 6.31 11.24 1.35
CA PHE A 16 7.33 10.96 2.35
C PHE A 16 8.46 11.98 2.27
N PRO A 17 9.02 12.33 3.44
CA PRO A 17 10.11 13.30 3.54
C PRO A 17 11.20 13.06 2.50
N ARG A 18 12.07 14.05 2.31
CA ARG A 18 13.16 13.94 1.35
C ARG A 18 14.27 13.04 1.88
N GLY A 19 14.63 12.03 1.09
CA GLY A 19 15.68 11.11 1.50
C GLY A 19 15.15 9.73 1.84
N VAL A 20 13.98 9.69 2.46
CA VAL A 20 13.36 8.42 2.83
C VAL A 20 13.62 7.35 1.78
N ASP A 21 13.95 6.15 2.23
CA ASP A 21 14.22 5.04 1.34
C ASP A 21 13.41 3.80 1.73
N SER A 22 13.21 2.90 0.78
CA SER A 22 12.45 1.68 1.02
C SER A 22 12.85 1.05 2.36
N ALA A 23 14.16 1.04 2.63
CA ALA A 23 14.66 0.47 3.87
C ALA A 23 13.91 1.02 5.07
N GLN A 24 13.92 2.34 5.22
CA GLN A 24 13.24 2.99 6.34
C GLN A 24 11.74 2.73 6.29
N LEU A 25 11.12 3.10 5.17
CA LEU A 25 9.68 2.90 5.01
C LEU A 25 9.26 1.53 5.50
N SER A 26 9.93 0.49 5.03
CA SER A 26 9.62 -0.88 5.43
C SER A 26 9.60 -1.00 6.95
N GLU A 27 10.64 -0.52 7.59
CA GLU A 27 10.74 -0.58 9.05
C GLU A 27 9.54 0.10 9.71
N TYR A 28 9.18 1.27 9.20
CA TYR A 28 8.06 2.03 9.74
C TYR A 28 6.74 1.29 9.47
N PHE A 29 6.74 0.43 8.47
CA PHE A 29 5.56 -0.34 8.11
C PHE A 29 5.51 -1.66 8.88
N LEU A 30 6.68 -2.12 9.31
CA LEU A 30 6.78 -3.37 10.06
C LEU A 30 5.99 -3.28 11.37
N ALA A 31 5.80 -2.07 11.86
CA ALA A 31 5.07 -1.84 13.10
C ALA A 31 3.62 -2.30 12.96
N PHE A 32 3.16 -2.44 11.73
CA PHE A 32 1.78 -2.87 11.47
C PHE A 32 1.77 -4.22 10.76
N GLY A 33 2.80 -4.47 9.94
CA GLY A 33 2.87 -5.71 9.21
C GLY A 33 4.12 -5.80 8.35
N PRO A 34 4.47 -7.03 7.93
CA PRO A 34 5.66 -7.27 7.10
C PRO A 34 5.47 -6.78 5.67
N VAL A 35 6.49 -6.14 5.12
CA VAL A 35 6.44 -5.63 3.76
C VAL A 35 7.11 -6.59 2.79
N ALA A 36 6.35 -7.04 1.79
CA ALA A 36 6.87 -7.97 0.79
C ALA A 36 7.91 -7.29 -0.09
N SER A 37 7.56 -6.11 -0.61
CA SER A 37 8.47 -5.37 -1.48
C SER A 37 8.02 -3.92 -1.60
N VAL A 38 8.95 -3.05 -1.99
CA VAL A 38 8.65 -1.63 -2.15
C VAL A 38 9.15 -1.11 -3.50
N VAL A 39 8.23 -0.61 -4.31
CA VAL A 39 8.57 -0.08 -5.62
C VAL A 39 8.55 1.44 -5.63
N MET A 40 9.73 2.05 -5.58
CA MET A 40 9.85 3.51 -5.57
C MET A 40 9.88 4.04 -7.00
N ASP A 41 9.04 5.04 -7.27
CA ASP A 41 8.99 5.65 -8.59
C ASP A 41 10.38 5.93 -9.12
N LYS A 42 10.73 5.27 -10.23
CA LYS A 42 12.04 5.46 -10.85
C LYS A 42 12.02 6.62 -11.83
N ASP A 43 10.94 7.39 -11.82
CA ASP A 43 10.81 8.53 -12.71
C ASP A 43 11.28 9.82 -12.03
N LYS A 44 10.67 10.13 -10.89
CA LYS A 44 11.03 11.33 -10.14
C LYS A 44 11.44 10.97 -8.71
N GLY A 45 10.49 10.51 -7.93
CA GLY A 45 10.77 10.13 -6.55
C GLY A 45 9.88 10.86 -5.56
N VAL A 46 8.57 10.76 -5.75
CA VAL A 46 7.61 11.41 -4.87
C VAL A 46 6.53 10.43 -4.43
N PHE A 47 6.66 9.18 -4.84
CA PHE A 47 5.69 8.15 -4.48
C PHE A 47 6.30 6.75 -4.61
N ALA A 48 5.61 5.76 -4.07
CA ALA A 48 6.09 4.38 -4.12
C ALA A 48 4.96 3.41 -3.83
N ILE A 49 5.03 2.23 -4.45
CA ILE A 49 4.01 1.20 -4.25
C ILE A 49 4.44 0.19 -3.21
N VAL A 50 4.01 0.40 -1.97
CA VAL A 50 4.35 -0.50 -0.87
C VAL A 50 3.52 -1.78 -0.93
N GLU A 51 4.19 -2.92 -0.71
CA GLU A 51 3.51 -4.20 -0.73
C GLU A 51 3.51 -4.85 0.64
N MET A 52 2.36 -5.37 1.05
CA MET A 52 2.22 -6.02 2.35
C MET A 52 2.22 -7.54 2.21
N GLY A 53 3.08 -8.20 2.98
CA GLY A 53 3.16 -9.65 2.93
C GLY A 53 1.80 -10.29 2.69
N ASP A 54 0.96 -10.28 3.71
CA ASP A 54 -0.37 -10.87 3.61
C ASP A 54 -1.45 -9.79 3.55
N VAL A 55 -2.70 -10.21 3.44
CA VAL A 55 -3.82 -9.28 3.38
C VAL A 55 -4.08 -8.63 4.74
N GLY A 56 -4.11 -9.45 5.78
CA GLY A 56 -4.34 -8.94 7.12
C GLY A 56 -3.49 -7.72 7.43
N ALA A 57 -2.22 -7.78 7.06
CA ALA A 57 -1.30 -6.67 7.30
C ALA A 57 -1.79 -5.39 6.62
N ARG A 58 -2.25 -5.53 5.39
CA ARG A 58 -2.75 -4.39 4.62
C ARG A 58 -4.01 -3.81 5.26
N GLU A 59 -4.94 -4.68 5.62
CA GLU A 59 -6.19 -4.26 6.24
C GLU A 59 -5.92 -3.32 7.42
N ALA A 60 -4.95 -3.69 8.25
CA ALA A 60 -4.60 -2.88 9.41
C ALA A 60 -4.25 -1.46 9.00
N VAL A 61 -3.23 -1.33 8.15
CA VAL A 61 -2.79 -0.02 7.67
C VAL A 61 -3.98 0.85 7.29
N LEU A 62 -4.85 0.33 6.44
CA LEU A 62 -6.02 1.05 5.99
C LEU A 62 -6.95 1.37 7.17
N SER A 63 -6.90 0.53 8.21
CA SER A 63 -7.73 0.72 9.39
C SER A 63 -6.93 1.40 10.50
N GLN A 64 -6.14 2.39 10.13
CA GLN A 64 -5.32 3.13 11.10
C GLN A 64 -5.88 4.53 11.32
N SER A 65 -5.64 5.07 12.50
CA SER A 65 -6.11 6.41 12.84
C SER A 65 -5.42 7.47 11.98
N GLN A 66 -4.16 7.75 12.29
CA GLN A 66 -3.39 8.74 11.55
C GLN A 66 -2.01 8.19 11.18
N HIS A 67 -1.68 8.27 9.89
CA HIS A 67 -0.39 7.78 9.41
C HIS A 67 0.67 8.88 9.49
N SER A 68 1.81 8.55 10.09
CA SER A 68 2.90 9.52 10.23
C SER A 68 4.23 8.80 10.42
N LEU A 69 5.31 9.43 9.94
CA LEU A 69 6.64 8.85 10.05
C LEU A 69 7.45 9.57 11.13
N GLY A 70 7.57 10.89 10.99
CA GLY A 70 8.33 11.67 11.95
C GLY A 70 8.35 13.14 11.61
N GLY A 71 7.20 13.81 11.77
CA GLY A 71 7.12 15.23 11.47
C GLY A 71 6.20 15.52 10.30
N HIS A 72 6.24 14.65 9.29
CA HIS A 72 5.41 14.82 8.11
C HIS A 72 4.29 13.77 8.07
N ARG A 73 3.39 13.91 7.12
CA ARG A 73 2.27 12.98 6.97
C ARG A 73 2.45 12.11 5.72
N LEU A 74 1.96 10.89 5.80
CA LEU A 74 2.07 9.95 4.67
C LEU A 74 0.70 9.67 4.08
N ARG A 75 0.50 10.08 2.82
CA ARG A 75 -0.76 9.87 2.13
C ARG A 75 -0.92 8.41 1.72
N VAL A 76 -1.31 7.56 2.66
CA VAL A 76 -1.50 6.15 2.40
C VAL A 76 -2.85 5.88 1.73
N ARG A 77 -2.82 5.15 0.63
CA ARG A 77 -4.05 4.83 -0.11
C ARG A 77 -4.00 3.40 -0.64
N PRO A 78 -5.18 2.80 -0.82
CA PRO A 78 -5.31 1.44 -1.34
C PRO A 78 -5.03 1.35 -2.84
N ARG A 79 -3.89 0.77 -3.19
CA ARG A 79 -3.51 0.62 -4.59
C ARG A 79 -4.54 -0.19 -5.35
N GLU A 80 -5.24 0.47 -6.28
CA GLU A 80 -6.26 -0.20 -7.08
C GLU A 80 -6.19 0.25 -8.54
N GLN A 81 -6.31 -0.70 -9.45
CA GLN A 81 -6.26 -0.41 -10.88
C GLN A 81 -7.36 -1.15 -11.63
N LYS A 82 -7.85 -0.55 -12.71
CA LYS A 82 -8.90 -1.14 -13.51
C LYS A 82 -8.58 -1.03 -15.00
N GLU A 83 -9.14 -1.93 -15.79
CA GLU A 83 -8.91 -1.92 -17.23
C GLU A 83 -10.09 -1.27 -17.97
N PHE A 84 -9.79 -0.25 -18.76
CA PHE A 84 -10.81 0.46 -19.52
C PHE A 84 -11.77 -0.52 -20.19
N GLN A 85 -11.22 -1.44 -20.96
CA GLN A 85 -12.02 -2.43 -21.67
C GLN A 85 -11.39 -3.82 -21.56
N SER A 86 -12.05 -4.70 -20.82
CA SER A 86 -11.57 -6.06 -20.63
C SER A 86 -11.63 -6.86 -21.93
N PRO A 87 -10.62 -7.70 -22.16
CA PRO A 87 -10.54 -8.54 -23.37
C PRO A 87 -11.45 -9.76 -23.29
N ALA A 88 -12.24 -9.98 -24.33
CA ALA A 88 -13.14 -11.12 -24.37
C ALA A 88 -12.46 -12.39 -23.88
N SER A 89 -13.21 -13.22 -23.17
CA SER A 89 -12.67 -14.46 -22.63
C SER A 89 -13.54 -15.65 -23.02
N LYS A 90 -12.91 -16.77 -23.33
CA LYS A 90 -13.63 -17.98 -23.70
C LYS A 90 -12.68 -19.17 -23.80
N SER A 91 -12.98 -20.21 -23.02
CA SER A 91 -12.15 -21.42 -23.02
C SER A 91 -12.73 -22.48 -23.93
N PRO A 92 -11.85 -23.35 -24.47
CA PRO A 92 -12.25 -24.43 -25.37
C PRO A 92 -12.89 -25.60 -24.63
N LYS A 93 -13.44 -26.54 -25.39
CA LYS A 93 -14.09 -27.71 -24.81
C LYS A 93 -13.19 -28.36 -23.75
N GLY A 94 -11.88 -28.30 -23.98
CA GLY A 94 -10.93 -28.87 -23.05
C GLY A 94 -10.49 -27.89 -21.99
N GLY A 1 -9.07 -2.81 -17.11
CA GLY A 1 -10.34 -3.44 -16.78
C GLY A 1 -10.85 -3.02 -15.41
N SER A 2 -12.09 -2.55 -15.36
CA SER A 2 -12.70 -2.12 -14.11
C SER A 2 -12.99 -3.32 -13.21
N SER A 3 -13.63 -4.32 -13.78
CA SER A 3 -13.98 -5.53 -13.03
C SER A 3 -12.74 -6.34 -12.70
N GLY A 4 -12.44 -6.46 -11.41
CA GLY A 4 -11.28 -7.22 -10.98
C GLY A 4 -11.55 -8.06 -9.75
N SER A 5 -11.44 -9.38 -9.90
CA SER A 5 -11.68 -10.30 -8.80
C SER A 5 -10.42 -10.47 -7.94
N SER A 6 -9.32 -10.87 -8.59
CA SER A 6 -8.07 -11.07 -7.89
C SER A 6 -7.41 -9.75 -7.55
N GLY A 7 -7.14 -9.55 -6.25
CA GLY A 7 -6.52 -8.31 -5.80
C GLY A 7 -5.52 -8.53 -4.69
N LEU A 8 -4.24 -8.45 -5.03
CA LEU A 8 -3.17 -8.64 -4.06
C LEU A 8 -3.34 -7.68 -2.88
N ARG A 9 -2.36 -7.70 -1.98
CA ARG A 9 -2.40 -6.83 -0.80
C ARG A 9 -1.39 -5.70 -0.93
N SER A 10 -1.55 -4.90 -1.97
CA SER A 10 -0.65 -3.77 -2.22
C SER A 10 -1.34 -2.45 -1.90
N VAL A 11 -0.54 -1.43 -1.59
CA VAL A 11 -1.06 -0.12 -1.26
C VAL A 11 -0.19 0.99 -1.86
N PHE A 12 -0.82 2.10 -2.24
CA PHE A 12 -0.11 3.23 -2.82
C PHE A 12 0.27 4.24 -1.74
N VAL A 13 1.57 4.46 -1.57
CA VAL A 13 2.06 5.41 -0.57
C VAL A 13 2.74 6.60 -1.23
N SER A 14 2.53 7.79 -0.67
CA SER A 14 3.12 9.00 -1.21
C SER A 14 3.04 10.14 -0.19
N GLY A 15 4.12 10.91 -0.09
CA GLY A 15 4.15 12.02 0.85
C GLY A 15 5.32 11.94 1.79
N PHE A 16 6.38 11.25 1.38
CA PHE A 16 7.56 11.11 2.21
C PHE A 16 8.56 12.24 1.96
N PRO A 17 9.41 12.52 2.95
CA PRO A 17 10.42 13.58 2.87
C PRO A 17 11.60 13.18 1.99
N ARG A 18 12.56 14.09 1.85
CA ARG A 18 13.75 13.82 1.04
C ARG A 18 14.79 13.04 1.83
N GLY A 19 15.55 12.21 1.13
CA GLY A 19 16.57 11.41 1.77
C GLY A 19 16.02 10.16 2.41
N VAL A 20 14.91 9.66 1.86
CA VAL A 20 14.26 8.46 2.39
C VAL A 20 14.67 7.23 1.59
N ASP A 21 15.01 6.16 2.29
CA ASP A 21 15.42 4.91 1.65
C ASP A 21 14.36 3.83 1.85
N SER A 22 14.04 3.12 0.77
CA SER A 22 13.05 2.06 0.82
C SER A 22 13.09 1.33 2.15
N ALA A 23 14.30 1.21 2.71
CA ALA A 23 14.49 0.53 3.99
C ALA A 23 13.68 1.22 5.09
N GLN A 24 13.94 2.51 5.28
CA GLN A 24 13.24 3.27 6.30
C GLN A 24 11.73 3.07 6.21
N LEU A 25 11.19 3.25 5.02
CA LEU A 25 9.75 3.09 4.80
C LEU A 25 9.27 1.75 5.32
N SER A 26 9.81 0.67 4.75
CA SER A 26 9.43 -0.68 5.16
C SER A 26 9.41 -0.80 6.68
N GLU A 27 10.54 -0.50 7.31
CA GLU A 27 10.65 -0.58 8.76
C GLU A 27 9.46 0.10 9.43
N TYR A 28 9.05 1.25 8.90
CA TYR A 28 7.93 1.99 9.44
C TYR A 28 6.62 1.29 9.14
N PHE A 29 6.60 0.50 8.08
CA PHE A 29 5.40 -0.23 7.68
C PHE A 29 5.37 -1.62 8.31
N LEU A 30 6.44 -1.94 9.04
CA LEU A 30 6.53 -3.24 9.71
C LEU A 30 5.82 -3.23 11.06
N ALA A 31 5.46 -2.04 11.51
CA ALA A 31 4.77 -1.88 12.79
C ALA A 31 3.34 -2.39 12.70
N PHE A 32 2.92 -2.75 11.49
CA PHE A 32 1.56 -3.25 11.27
C PHE A 32 1.59 -4.62 10.58
N GLY A 33 2.58 -4.81 9.71
CA GLY A 33 2.70 -6.07 9.01
C GLY A 33 3.96 -6.14 8.15
N PRO A 34 4.31 -7.35 7.71
CA PRO A 34 5.50 -7.58 6.89
C PRO A 34 5.32 -7.04 5.47
N VAL A 35 6.24 -6.17 5.06
CA VAL A 35 6.19 -5.58 3.72
C VAL A 35 6.95 -6.44 2.71
N ALA A 36 6.22 -7.09 1.83
CA ALA A 36 6.82 -7.94 0.81
C ALA A 36 7.93 -7.20 0.07
N SER A 37 7.62 -5.98 -0.37
CA SER A 37 8.60 -5.18 -1.10
C SER A 37 8.09 -3.75 -1.27
N VAL A 38 8.99 -2.85 -1.68
CA VAL A 38 8.63 -1.46 -1.89
C VAL A 38 9.20 -0.93 -3.20
N VAL A 39 8.33 -0.29 -4.00
CA VAL A 39 8.75 0.25 -5.28
C VAL A 39 8.62 1.77 -5.30
N MET A 40 9.69 2.46 -4.92
CA MET A 40 9.70 3.92 -4.89
C MET A 40 10.40 4.48 -6.12
N ASP A 41 9.72 5.40 -6.81
CA ASP A 41 10.28 6.02 -8.01
C ASP A 41 11.70 6.51 -7.74
N LYS A 42 12.48 6.64 -8.82
CA LYS A 42 13.85 7.10 -8.71
C LYS A 42 14.07 8.36 -9.54
N ASP A 43 13.51 8.39 -10.75
CA ASP A 43 13.63 9.53 -11.63
C ASP A 43 13.29 10.82 -10.90
N LYS A 44 12.08 10.86 -10.32
CA LYS A 44 11.63 12.04 -9.59
C LYS A 44 11.50 11.74 -8.10
N GLY A 45 10.74 10.69 -7.78
CA GLY A 45 10.55 10.31 -6.39
C GLY A 45 9.40 11.06 -5.73
N VAL A 46 8.18 10.76 -6.17
CA VAL A 46 7.00 11.40 -5.63
C VAL A 46 5.92 10.38 -5.28
N PHE A 47 6.24 9.10 -5.47
CA PHE A 47 5.31 8.03 -5.17
C PHE A 47 6.05 6.72 -4.91
N ALA A 48 5.43 5.84 -4.13
CA ALA A 48 6.04 4.55 -3.80
C ALA A 48 4.96 3.51 -3.52
N ILE A 49 5.05 2.37 -4.20
CA ILE A 49 4.10 1.29 -4.02
C ILE A 49 4.52 0.35 -2.89
N VAL A 50 3.88 0.49 -1.74
CA VAL A 50 4.20 -0.35 -0.59
C VAL A 50 3.32 -1.59 -0.55
N GLU A 51 3.95 -2.76 -0.55
CA GLU A 51 3.23 -4.03 -0.52
C GLU A 51 3.32 -4.68 0.86
N MET A 52 2.44 -5.64 1.12
CA MET A 52 2.42 -6.33 2.39
C MET A 52 2.55 -7.84 2.19
N GLY A 53 2.48 -8.59 3.29
CA GLY A 53 2.59 -10.03 3.21
C GLY A 53 1.25 -10.70 2.98
N ASP A 54 0.25 -10.31 3.76
CA ASP A 54 -1.09 -10.89 3.64
C ASP A 54 -2.16 -9.81 3.82
N VAL A 55 -3.41 -10.19 3.62
CA VAL A 55 -4.52 -9.27 3.77
C VAL A 55 -4.56 -8.68 5.17
N GLY A 56 -4.19 -9.47 6.16
CA GLY A 56 -4.19 -9.01 7.54
C GLY A 56 -3.25 -7.83 7.76
N ALA A 57 -2.14 -7.84 7.04
CA ALA A 57 -1.16 -6.76 7.16
C ALA A 57 -1.65 -5.49 6.47
N ARG A 58 -2.05 -5.61 5.21
CA ARG A 58 -2.55 -4.48 4.45
C ARG A 58 -3.83 -3.93 5.06
N GLU A 59 -4.56 -4.78 5.77
CA GLU A 59 -5.81 -4.38 6.40
C GLU A 59 -5.54 -3.44 7.57
N ALA A 60 -4.45 -3.70 8.30
CA ALA A 60 -4.09 -2.88 9.45
C ALA A 60 -3.73 -1.47 9.01
N VAL A 61 -2.85 -1.36 8.02
CA VAL A 61 -2.42 -0.07 7.50
C VAL A 61 -3.62 0.79 7.11
N LEU A 62 -4.49 0.22 6.27
CA LEU A 62 -5.67 0.93 5.81
C LEU A 62 -6.59 1.29 6.98
N SER A 63 -6.65 0.40 7.96
CA SER A 63 -7.48 0.61 9.14
C SER A 63 -6.70 1.31 10.24
N GLN A 64 -5.90 2.30 9.87
CA GLN A 64 -5.10 3.05 10.82
C GLN A 64 -5.66 4.44 11.03
N SER A 65 -5.67 4.90 12.29
CA SER A 65 -6.19 6.21 12.62
C SER A 65 -5.63 7.28 11.68
N GLN A 66 -4.36 7.63 11.89
CA GLN A 66 -3.70 8.64 11.06
C GLN A 66 -2.27 8.24 10.76
N HIS A 67 -1.92 8.19 9.48
CA HIS A 67 -0.57 7.83 9.07
C HIS A 67 0.39 9.01 9.21
N SER A 68 1.43 8.84 10.02
CA SER A 68 2.41 9.89 10.24
C SER A 68 3.79 9.30 10.47
N LEU A 69 4.78 9.79 9.72
CA LEU A 69 6.15 9.31 9.85
C LEU A 69 6.95 10.21 10.80
N GLY A 70 6.76 10.00 12.10
CA GLY A 70 7.48 10.78 13.08
C GLY A 70 7.47 12.27 12.75
N GLY A 71 6.27 12.86 12.71
CA GLY A 71 6.16 14.27 12.40
C GLY A 71 5.49 14.51 11.05
N HIS A 72 6.03 13.90 10.01
CA HIS A 72 5.48 14.05 8.67
C HIS A 72 4.15 13.31 8.53
N ARG A 73 3.44 13.59 7.45
CA ARG A 73 2.15 12.95 7.20
C ARG A 73 2.12 12.29 5.83
N LEU A 74 1.75 11.02 5.80
CA LEU A 74 1.68 10.27 4.55
C LEU A 74 0.24 9.99 4.15
N ARG A 75 -0.01 9.89 2.84
CA ARG A 75 -1.35 9.62 2.33
C ARG A 75 -1.46 8.20 1.79
N VAL A 76 -1.59 7.23 2.70
CA VAL A 76 -1.70 5.83 2.30
C VAL A 76 -3.12 5.50 1.85
N ARG A 77 -3.24 5.04 0.61
CA ARG A 77 -4.54 4.69 0.05
C ARG A 77 -4.53 3.27 -0.52
N PRO A 78 -5.71 2.65 -0.59
CA PRO A 78 -5.86 1.28 -1.11
C PRO A 78 -5.78 1.24 -2.64
N ARG A 79 -4.73 0.60 -3.15
CA ARG A 79 -4.54 0.49 -4.60
C ARG A 79 -5.86 0.17 -5.29
N GLU A 80 -6.53 -0.88 -4.84
CA GLU A 80 -7.80 -1.30 -5.42
C GLU A 80 -8.96 -0.92 -4.51
N GLN A 81 -10.17 -0.89 -5.07
CA GLN A 81 -11.36 -0.55 -4.30
C GLN A 81 -12.38 -1.68 -4.37
N LYS A 82 -13.52 -1.47 -3.72
CA LYS A 82 -14.59 -2.47 -3.72
C LYS A 82 -15.96 -1.81 -3.48
N GLU A 83 -16.84 -1.94 -4.45
CA GLU A 83 -18.18 -1.35 -4.35
C GLU A 83 -19.00 -2.07 -3.28
N PHE A 84 -19.05 -3.39 -3.37
CA PHE A 84 -19.81 -4.20 -2.41
C PHE A 84 -19.09 -4.26 -1.07
N GLN A 85 -19.85 -4.19 0.01
CA GLN A 85 -19.28 -4.23 1.36
C GLN A 85 -19.33 -5.65 1.90
N SER A 86 -18.55 -5.90 2.96
CA SER A 86 -18.49 -7.22 3.58
C SER A 86 -18.64 -7.11 5.09
N PRO A 87 -19.32 -8.11 5.69
CA PRO A 87 -19.55 -8.14 7.14
C PRO A 87 -18.31 -8.58 7.91
N ALA A 88 -17.70 -7.65 8.62
CA ALA A 88 -16.51 -7.94 9.41
C ALA A 88 -16.77 -9.08 10.39
N SER A 89 -18.02 -9.22 10.80
CA SER A 89 -18.40 -10.27 11.76
C SER A 89 -18.36 -11.64 11.09
N LYS A 90 -17.67 -12.58 11.72
CA LYS A 90 -17.55 -13.93 11.20
C LYS A 90 -16.85 -14.85 12.19
N SER A 91 -17.06 -16.15 12.04
CA SER A 91 -16.45 -17.13 12.93
C SER A 91 -15.61 -18.14 12.15
N PRO A 92 -14.31 -17.85 12.01
CA PRO A 92 -13.38 -18.70 11.29
C PRO A 92 -13.55 -20.18 11.63
N LYS A 93 -14.20 -20.92 10.74
CA LYS A 93 -14.43 -22.35 10.96
C LYS A 93 -14.29 -23.11 9.65
N GLY A 94 -13.87 -24.37 9.75
CA GLY A 94 -13.70 -25.20 8.57
C GLY A 94 -12.94 -24.50 7.47
N GLY A 1 1.16 -3.60 -17.33
CA GLY A 1 1.52 -3.98 -15.97
C GLY A 1 1.32 -5.45 -15.72
N SER A 2 1.28 -5.84 -14.45
CA SER A 2 1.10 -7.23 -14.06
C SER A 2 -0.36 -7.65 -14.21
N SER A 3 -0.58 -8.95 -14.42
CA SER A 3 -1.93 -9.47 -14.59
C SER A 3 -2.27 -10.45 -13.47
N GLY A 4 -3.29 -10.11 -12.69
CA GLY A 4 -3.70 -10.96 -11.59
C GLY A 4 -5.15 -11.40 -11.70
N SER A 5 -5.54 -12.33 -10.84
CA SER A 5 -6.91 -12.85 -10.85
C SER A 5 -7.81 -12.01 -9.94
N SER A 6 -7.56 -12.11 -8.63
CA SER A 6 -8.35 -11.36 -7.65
C SER A 6 -7.62 -11.28 -6.32
N GLY A 7 -7.99 -10.30 -5.51
CA GLY A 7 -7.35 -10.12 -4.21
C GLY A 7 -5.96 -9.53 -4.33
N LEU A 8 -5.81 -8.29 -3.89
CA LEU A 8 -4.52 -7.61 -3.94
C LEU A 8 -4.03 -7.25 -2.55
N ARG A 9 -2.72 -7.13 -2.39
CA ARG A 9 -2.13 -6.79 -1.10
C ARG A 9 -1.13 -5.65 -1.25
N SER A 10 -1.42 -4.73 -2.17
CA SER A 10 -0.55 -3.58 -2.41
C SER A 10 -1.26 -2.28 -2.05
N VAL A 11 -0.47 -1.26 -1.71
CA VAL A 11 -1.02 0.03 -1.34
C VAL A 11 -0.16 1.17 -1.87
N PHE A 12 -0.79 2.19 -2.44
CA PHE A 12 -0.07 3.33 -2.97
C PHE A 12 0.29 4.33 -1.87
N VAL A 13 1.58 4.45 -1.59
CA VAL A 13 2.06 5.35 -0.56
C VAL A 13 2.80 6.53 -1.17
N SER A 14 2.62 7.71 -0.58
CA SER A 14 3.28 8.92 -1.07
C SER A 14 3.20 10.04 -0.03
N GLY A 15 3.84 11.16 -0.33
CA GLY A 15 3.82 12.29 0.58
C GLY A 15 4.85 12.15 1.68
N PHE A 16 5.98 11.52 1.36
CA PHE A 16 7.05 11.32 2.34
C PHE A 16 8.12 12.39 2.18
N PRO A 17 8.86 12.65 3.28
CA PRO A 17 9.94 13.65 3.29
C PRO A 17 11.20 13.14 2.60
N ARG A 18 11.74 13.96 1.70
CA ARG A 18 12.94 13.60 0.97
C ARG A 18 13.97 12.94 1.90
N GLY A 19 14.72 11.99 1.35
CA GLY A 19 15.72 11.30 2.14
C GLY A 19 15.29 9.89 2.52
N VAL A 20 14.00 9.70 2.69
CA VAL A 20 13.46 8.38 3.05
C VAL A 20 13.86 7.32 2.04
N ASP A 21 14.13 6.12 2.53
CA ASP A 21 14.52 5.02 1.66
C ASP A 21 13.62 3.81 1.87
N SER A 22 13.73 2.83 0.98
CA SER A 22 12.91 1.62 1.06
C SER A 22 13.13 0.91 2.39
N ALA A 23 14.40 0.84 2.82
CA ALA A 23 14.75 0.20 4.07
C ALA A 23 14.04 0.85 5.25
N GLN A 24 14.00 2.18 5.26
CA GLN A 24 13.35 2.92 6.32
C GLN A 24 11.85 2.68 6.31
N LEU A 25 11.22 2.93 5.17
CA LEU A 25 9.78 2.75 5.03
C LEU A 25 9.35 1.39 5.58
N SER A 26 9.95 0.33 5.05
CA SER A 26 9.63 -1.03 5.50
C SER A 26 9.63 -1.12 7.02
N GLU A 27 10.75 -0.74 7.63
CA GLU A 27 10.89 -0.77 9.09
C GLU A 27 9.77 0.01 9.75
N TYR A 28 9.26 1.01 9.05
CA TYR A 28 8.18 1.85 9.58
C TYR A 28 6.83 1.18 9.36
N PHE A 29 6.74 0.33 8.34
CA PHE A 29 5.51 -0.36 8.03
C PHE A 29 5.46 -1.72 8.71
N LEU A 30 6.61 -2.17 9.21
CA LEU A 30 6.70 -3.46 9.87
C LEU A 30 5.93 -3.45 11.19
N ALA A 31 5.88 -2.29 11.83
CA ALA A 31 5.15 -2.15 13.08
C ALA A 31 3.70 -2.60 12.95
N PHE A 32 3.25 -2.73 11.70
CA PHE A 32 1.88 -3.15 11.43
C PHE A 32 1.85 -4.45 10.64
N GLY A 33 2.80 -4.59 9.70
CA GLY A 33 2.86 -5.79 8.89
C GLY A 33 4.10 -5.82 8.02
N PRO A 34 4.47 -7.02 7.54
CA PRO A 34 5.65 -7.22 6.70
C PRO A 34 5.44 -6.68 5.28
N VAL A 35 6.32 -5.77 4.87
CA VAL A 35 6.24 -5.18 3.54
C VAL A 35 6.85 -6.11 2.49
N ALA A 36 5.99 -6.74 1.70
CA ALA A 36 6.44 -7.66 0.66
C ALA A 36 7.54 -7.02 -0.18
N SER A 37 7.34 -5.76 -0.56
CA SER A 37 8.32 -5.04 -1.37
C SER A 37 7.95 -3.56 -1.48
N VAL A 38 8.95 -2.73 -1.75
CA VAL A 38 8.73 -1.30 -1.88
C VAL A 38 9.35 -0.76 -3.17
N VAL A 39 8.51 -0.61 -4.20
CA VAL A 39 8.97 -0.10 -5.49
C VAL A 39 8.89 1.42 -5.54
N MET A 40 10.04 2.07 -5.46
CA MET A 40 10.10 3.53 -5.50
C MET A 40 10.21 4.02 -6.94
N ASP A 41 9.39 5.01 -7.29
CA ASP A 41 9.40 5.57 -8.63
C ASP A 41 10.81 5.97 -9.05
N LYS A 42 11.18 5.64 -10.28
CA LYS A 42 12.50 5.96 -10.80
C LYS A 42 12.45 7.20 -11.68
N ASP A 43 11.44 7.26 -12.56
CA ASP A 43 11.28 8.40 -13.45
C ASP A 43 11.47 9.72 -12.71
N LYS A 44 10.74 9.87 -11.60
CA LYS A 44 10.83 11.08 -10.80
C LYS A 44 11.20 10.75 -9.36
N GLY A 45 10.46 9.83 -8.74
CA GLY A 45 10.73 9.44 -7.37
C GLY A 45 9.89 10.22 -6.38
N VAL A 46 8.62 10.42 -6.70
CA VAL A 46 7.71 11.14 -5.82
C VAL A 46 6.83 10.18 -5.02
N PHE A 47 6.41 9.10 -5.65
CA PHE A 47 5.56 8.10 -5.00
C PHE A 47 6.25 6.75 -4.98
N ALA A 48 5.61 5.78 -4.33
CA ALA A 48 6.16 4.43 -4.23
C ALA A 48 5.07 3.42 -3.89
N ILE A 49 5.18 2.22 -4.44
CA ILE A 49 4.21 1.16 -4.20
C ILE A 49 4.66 0.25 -3.06
N VAL A 50 3.91 0.27 -1.95
CA VAL A 50 4.24 -0.56 -0.80
C VAL A 50 3.31 -1.77 -0.72
N GLU A 51 3.91 -2.96 -0.68
CA GLU A 51 3.15 -4.20 -0.60
C GLU A 51 3.18 -4.77 0.81
N MET A 52 2.39 -5.81 1.05
CA MET A 52 2.33 -6.45 2.36
C MET A 52 2.40 -7.97 2.22
N GLY A 53 2.73 -8.64 3.32
CA GLY A 53 2.84 -10.09 3.30
C GLY A 53 1.48 -10.76 3.29
N ASP A 54 0.71 -10.57 4.35
CA ASP A 54 -0.62 -11.17 4.45
C ASP A 54 -1.70 -10.12 4.22
N VAL A 55 -2.90 -10.59 3.89
CA VAL A 55 -4.03 -9.69 3.64
C VAL A 55 -4.35 -8.87 4.87
N GLY A 56 -4.08 -9.43 6.05
CA GLY A 56 -4.36 -8.72 7.28
C GLY A 56 -3.50 -7.47 7.44
N ALA A 57 -2.25 -7.56 7.02
CA ALA A 57 -1.33 -6.43 7.11
C ALA A 57 -1.87 -5.22 6.35
N ARG A 58 -2.21 -5.43 5.08
CA ARG A 58 -2.73 -4.35 4.25
C ARG A 58 -3.94 -3.69 4.91
N GLU A 59 -4.86 -4.50 5.42
CA GLU A 59 -6.06 -3.99 6.07
C GLU A 59 -5.69 -3.10 7.25
N ALA A 60 -4.79 -3.58 8.10
CA ALA A 60 -4.36 -2.82 9.27
C ALA A 60 -3.94 -1.41 8.88
N VAL A 61 -2.89 -1.30 8.06
CA VAL A 61 -2.40 -0.02 7.61
C VAL A 61 -3.55 0.89 7.18
N LEU A 62 -4.46 0.36 6.38
CA LEU A 62 -5.60 1.12 5.90
C LEU A 62 -6.49 1.57 7.06
N SER A 63 -6.68 0.67 8.02
CA SER A 63 -7.51 0.97 9.19
C SER A 63 -6.68 1.64 10.29
N GLN A 64 -5.83 2.58 9.89
CA GLN A 64 -4.98 3.28 10.84
C GLN A 64 -5.50 4.68 11.10
N SER A 65 -5.72 5.01 12.37
CA SER A 65 -6.23 6.32 12.76
C SER A 65 -5.54 7.42 11.96
N GLN A 66 -4.25 7.65 12.27
CA GLN A 66 -3.48 8.67 11.58
C GLN A 66 -2.09 8.16 11.22
N HIS A 67 -1.66 8.45 10.00
CA HIS A 67 -0.35 8.01 9.54
C HIS A 67 0.68 9.14 9.63
N SER A 68 1.84 8.84 10.19
CA SER A 68 2.90 9.83 10.35
C SER A 68 4.25 9.16 10.56
N LEU A 69 5.27 9.67 9.87
CA LEU A 69 6.62 9.12 9.98
C LEU A 69 7.43 9.88 11.03
N GLY A 70 6.78 10.21 12.14
CA GLY A 70 7.46 10.92 13.21
C GLY A 70 8.05 12.24 12.74
N GLY A 71 7.19 13.18 12.38
CA GLY A 71 7.66 14.47 11.92
C GLY A 71 6.83 15.01 10.76
N HIS A 72 6.81 14.26 9.66
CA HIS A 72 6.06 14.65 8.48
C HIS A 72 4.80 13.81 8.32
N ARG A 73 3.88 14.27 7.47
CA ARG A 73 2.63 13.56 7.23
C ARG A 73 2.75 12.65 6.00
N LEU A 74 1.88 11.64 5.93
CA LEU A 74 1.89 10.72 4.81
C LEU A 74 0.48 10.57 4.22
N ARG A 75 0.41 10.00 3.02
CA ARG A 75 -0.88 9.80 2.35
C ARG A 75 -1.02 8.35 1.87
N VAL A 76 -1.24 7.45 2.81
CA VAL A 76 -1.39 6.03 2.49
C VAL A 76 -2.80 5.74 1.97
N ARG A 77 -2.86 5.09 0.80
CA ARG A 77 -4.15 4.75 0.19
C ARG A 77 -4.09 3.37 -0.46
N PRO A 78 -5.25 2.71 -0.55
CA PRO A 78 -5.36 1.37 -1.15
C PRO A 78 -5.26 1.42 -2.67
N ARG A 79 -4.49 0.49 -3.23
CA ARG A 79 -4.32 0.42 -4.67
C ARG A 79 -5.55 -0.17 -5.35
N GLU A 80 -6.66 0.56 -5.29
CA GLU A 80 -7.91 0.09 -5.88
C GLU A 80 -8.10 0.68 -7.28
N GLN A 81 -8.25 -0.19 -8.27
CA GLN A 81 -8.43 0.25 -9.66
C GLN A 81 -9.78 -0.20 -10.20
N LYS A 82 -10.50 0.71 -10.84
CA LYS A 82 -11.80 0.41 -11.40
C LYS A 82 -12.56 -0.57 -10.51
N GLU A 83 -12.57 -0.31 -9.21
CA GLU A 83 -13.25 -1.17 -8.27
C GLU A 83 -13.93 -0.35 -7.17
N PHE A 84 -15.10 -0.81 -6.73
CA PHE A 84 -15.85 -0.11 -5.69
C PHE A 84 -16.93 -1.01 -5.10
N GLN A 85 -16.93 -1.14 -3.78
CA GLN A 85 -17.91 -1.98 -3.09
C GLN A 85 -17.91 -3.39 -3.65
N SER A 86 -16.72 -3.95 -3.83
CA SER A 86 -16.58 -5.30 -4.38
C SER A 86 -17.52 -6.27 -3.65
N PRO A 87 -18.06 -7.23 -4.42
CA PRO A 87 -18.98 -8.24 -3.87
C PRO A 87 -18.25 -9.35 -3.12
N ALA A 88 -16.92 -9.36 -3.24
CA ALA A 88 -16.11 -10.37 -2.57
C ALA A 88 -15.64 -9.88 -1.20
N SER A 89 -16.41 -10.21 -0.18
CA SER A 89 -16.08 -9.79 1.19
C SER A 89 -15.07 -10.74 1.81
N LYS A 90 -15.36 -12.04 1.73
CA LYS A 90 -14.48 -13.06 2.29
C LYS A 90 -14.49 -14.33 1.44
N SER A 91 -13.32 -14.95 1.29
CA SER A 91 -13.21 -16.16 0.50
C SER A 91 -13.66 -17.39 1.30
N PRO A 92 -14.29 -18.34 0.61
CA PRO A 92 -14.79 -19.58 1.24
C PRO A 92 -13.68 -20.58 1.50
N LYS A 93 -13.63 -21.10 2.72
CA LYS A 93 -12.62 -22.08 3.10
C LYS A 93 -13.13 -23.50 2.89
N GLY A 94 -14.30 -23.79 3.43
CA GLY A 94 -14.88 -25.11 3.30
C GLY A 94 -14.12 -26.16 4.09
#